data_7CWZ
#
_entry.id   7CWZ
#
_cell.length_a   133.314
_cell.length_b   133.314
_cell.length_c   390.631
_cell.angle_alpha   90.000
_cell.angle_beta   90.000
_cell.angle_gamma   120.000
#
_symmetry.space_group_name_H-M   'P 61 2 2'
#
loop_
_entity.id
_entity.type
_entity.pdbx_description
1 polymer Decarboxylase
2 non-polymer 'MAGNESIUM ION'
3 non-polymer "PYRIDOXAL-5'-PHOSPHATE"
4 non-polymer L-DOPAMINE
5 water water
#
_entity_poly.entity_id   1
_entity_poly.type   'polypeptide(L)'
_entity_poly.pdbx_seq_one_letter_code
;MKNEKLAKGEMNLNALFIGDKAENGQLYKDLLIDLVDEHLGWRQNYMPQDMPVISSQERTSKSYEKTVNHMKDVLNEISS
RMRTHSVPWHTAGRYWGHMNSETLMPSLLAYNFAMLWNGNNVAYESSPATSQMEEEVGHEFAHLMSYKNGWGHIVADGSL
ANLEGLWYARNIKSLPFAMKEVKPELVAGKSDWELLNMPTKEIMDLLESAEDEIDEIKAHSARSGKHLQAIGKWLVPQTK
HYSWLKAADIIGIGLDQVIPVPVDHNYRMDINELEKIVRGLAEEQIPVLGVVGVVGSTEEGAVDSIDKIIALRDELMKDG
IYYYVHVDAAYGGYGRAIFLDEDNNFIPYEDLQDVHEEYGVFKEKKEHISREVYDAYKAIELAESVTIDPHAMGYIPYSA
GGIVIQDIRMRDVISYFATYVFEKGADIPALLGAYILEGSKAGATAASVWAAHHVLPLNVAGYGKLIGASIEGSHHFYNF
LNDLTFKVGDKEIEVHTLTHPDFNMVDYVFKEKGNDDLVAMNKLNHDVYDYASYVKGNIYNNEFITSHTDFAIPDYGNSP
LKFVNSLGFSDEEWNRAGKVTVLRAAVMTPYMNDKEEFDVYAPKIQAALQEKLEQIYDVK
;
_entity_poly.pdbx_strand_id   A,B,C
#
# COMPACT_ATOMS: atom_id res chain seq x y z
N LYS A 8 36.61 7.14 30.31
CA LYS A 8 37.42 7.20 31.55
C LYS A 8 36.54 7.60 32.72
N GLY A 9 36.23 6.66 33.60
CA GLY A 9 35.53 7.05 34.83
C GLY A 9 36.53 7.43 35.89
N GLU A 10 37.40 8.39 35.60
CA GLU A 10 38.50 8.70 36.53
C GLU A 10 38.18 9.95 37.37
N MET A 11 36.91 10.30 37.50
CA MET A 11 36.54 11.46 38.34
C MET A 11 36.40 11.06 39.80
N ASN A 12 37.17 11.67 40.71
CA ASN A 12 37.00 11.39 42.16
C ASN A 12 35.87 12.28 42.66
N LEU A 13 34.78 11.67 43.11
CA LEU A 13 33.61 12.43 43.58
C LEU A 13 33.93 12.89 44.99
N ASN A 14 34.94 12.29 45.60
CA ASN A 14 35.31 12.61 46.99
C ASN A 14 36.08 13.92 47.01
N ALA A 15 36.30 14.53 45.87
CA ALA A 15 37.01 15.83 45.79
C ALA A 15 35.99 16.93 45.57
N LEU A 16 34.80 16.57 45.10
CA LEU A 16 33.77 17.55 44.80
C LEU A 16 32.87 17.79 46.00
N PHE A 17 33.33 17.40 47.18
CA PHE A 17 32.58 17.56 48.42
C PHE A 17 33.52 18.02 49.51
N ILE A 18 33.00 18.83 50.42
CA ILE A 18 33.79 19.24 51.57
C ILE A 18 34.17 18.02 52.41
N GLY A 19 33.21 17.15 52.67
CA GLY A 19 33.51 15.90 53.34
C GLY A 19 32.77 15.63 54.63
N ASP A 20 32.56 14.34 54.93
CA ASP A 20 31.88 13.96 56.16
C ASP A 20 32.64 14.45 57.40
N LYS A 21 33.96 14.54 57.31
CA LYS A 21 34.78 15.07 58.39
C LYS A 21 35.66 16.19 57.87
N ALA A 22 35.11 17.01 56.97
CA ALA A 22 35.77 18.20 56.45
C ALA A 22 37.17 17.89 55.94
N GLU A 23 37.31 16.77 55.24
CA GLU A 23 38.62 16.38 54.77
C GLU A 23 39.14 17.34 53.71
N ASN A 24 38.25 17.91 52.94
CA ASN A 24 38.60 18.89 51.93
C ASN A 24 38.30 20.32 52.35
N GLY A 25 38.31 20.64 53.63
CA GLY A 25 37.94 21.98 54.06
C GLY A 25 38.95 23.01 53.62
N GLN A 26 40.24 22.64 53.58
CA GLN A 26 41.25 23.56 53.08
C GLN A 26 41.04 23.84 51.60
N LEU A 27 40.76 22.80 50.81
CA LEU A 27 40.45 23.00 49.40
C LEU A 27 39.34 24.02 49.22
N TYR A 28 38.24 23.86 49.96
CA TYR A 28 37.13 24.80 49.85
C TYR A 28 37.58 26.21 50.23
N LYS A 29 38.21 26.35 51.40
CA LYS A 29 38.61 27.68 51.86
C LYS A 29 39.60 28.33 50.90
N ASP A 30 40.50 27.54 50.31
CA ASP A 30 41.46 28.09 49.37
C ASP A 30 40.76 28.53 48.09
N LEU A 31 39.93 27.66 47.53
CA LEU A 31 39.18 28.05 46.33
C LEU A 31 38.20 29.16 46.63
N LEU A 32 37.65 29.19 47.85
CA LEU A 32 36.73 30.24 48.23
C LEU A 32 37.42 31.60 48.24
N ILE A 33 38.52 31.70 49.00
CA ILE A 33 39.21 32.98 49.10
C ILE A 33 39.86 33.36 47.79
N ASP A 34 40.25 32.37 46.97
CA ASP A 34 40.80 32.69 45.67
C ASP A 34 39.76 33.32 44.76
N LEU A 35 38.51 32.84 44.85
CA LEU A 35 37.44 33.43 44.07
C LEU A 35 37.05 34.79 44.63
N VAL A 36 36.98 34.90 45.95
CA VAL A 36 36.67 36.18 46.56
C VAL A 36 37.66 37.25 46.12
N ASP A 37 38.96 36.92 46.18
CA ASP A 37 39.98 37.90 45.82
C ASP A 37 39.86 38.31 44.36
N GLU A 38 39.40 37.40 43.50
CA GLU A 38 39.23 37.76 42.09
C GLU A 38 38.11 38.77 41.91
N HIS A 39 37.08 38.71 42.77
CA HIS A 39 35.99 39.68 42.68
C HIS A 39 36.40 41.05 43.20
N LEU A 40 37.06 41.10 44.34
CA LEU A 40 37.50 42.39 44.91
C LEU A 40 38.47 43.06 43.94
N GLY A 41 39.24 42.29 43.20
CA GLY A 41 40.16 42.85 42.18
C GLY A 41 39.42 43.44 41.01
N TRP A 42 38.40 42.75 40.50
CA TRP A 42 37.53 43.30 39.42
C TRP A 42 37.01 44.65 39.88
N ARG A 43 36.44 44.72 41.06
CA ARG A 43 35.86 45.97 41.62
C ARG A 43 36.90 47.07 41.59
N GLN A 44 38.07 46.83 42.16
CA GLN A 44 39.12 47.88 42.25
C GLN A 44 39.53 48.34 40.87
N ASN A 45 39.37 47.50 39.86
CA ASN A 45 39.86 47.84 38.50
C ASN A 45 38.71 48.32 37.65
N TYR A 46 37.54 48.47 38.24
CA TYR A 46 36.43 49.14 37.51
C TYR A 46 36.65 50.60 37.81
N MET A 47 36.92 51.38 36.77
CA MET A 47 37.24 52.81 36.93
C MET A 47 38.35 52.90 37.97
N PRO A 48 39.59 52.52 37.61
CA PRO A 48 40.68 52.48 38.56
C PRO A 48 41.16 53.86 39.02
N GLN A 49 40.60 54.92 38.46
CA GLN A 49 41.01 56.30 38.78
C GLN A 49 40.23 56.74 40.01
N ASP A 50 39.32 55.89 40.46
CA ASP A 50 38.45 56.32 41.59
C ASP A 50 39.13 56.02 42.92
N MET A 51 39.07 56.97 43.85
CA MET A 51 39.70 56.79 45.16
C MET A 51 38.73 56.09 46.10
N PRO A 52 39.21 55.18 46.95
CA PRO A 52 38.36 54.55 47.94
C PRO A 52 37.63 55.60 48.77
N VAL A 53 36.31 55.49 48.87
CA VAL A 53 35.48 56.49 49.60
C VAL A 53 35.64 56.24 51.09
N ILE A 54 35.64 54.99 51.52
CA ILE A 54 35.89 54.71 52.96
C ILE A 54 37.35 55.06 53.23
N SER A 55 37.58 56.10 54.02
CA SER A 55 38.93 56.53 54.34
C SER A 55 39.66 55.49 55.18
N SER A 56 40.99 55.59 55.20
CA SER A 56 41.77 54.73 56.07
C SER A 56 41.50 55.02 57.53
N GLN A 57 41.22 56.27 57.85
CA GLN A 57 41.05 56.68 59.25
C GLN A 57 39.71 56.19 59.77
N GLU A 58 38.74 56.04 58.88
CA GLU A 58 37.38 55.58 59.26
C GLU A 58 37.42 54.10 59.57
N ARG A 59 38.18 53.35 58.80
CA ARG A 59 38.25 51.90 59.00
C ARG A 59 38.95 51.59 60.32
N THR A 60 39.58 52.60 60.95
CA THR A 60 40.31 52.45 62.23
C THR A 60 39.65 53.32 63.29
N SER A 61 38.38 53.67 63.12
CA SER A 61 37.64 54.55 64.05
C SER A 61 36.77 53.73 64.99
N LYS A 62 36.30 54.32 66.09
CA LYS A 62 35.49 53.58 67.08
C LYS A 62 34.09 53.35 66.50
N SER A 63 33.60 54.27 65.68
CA SER A 63 32.29 54.07 65.01
C SER A 63 32.32 52.72 64.32
N TYR A 64 33.32 52.51 63.48
CA TYR A 64 33.51 51.24 62.76
C TYR A 64 33.60 50.10 63.75
N GLU A 65 34.54 50.13 64.70
CA GLU A 65 34.74 49.00 65.62
C GLU A 65 33.42 48.62 66.25
N LYS A 66 32.68 49.58 66.80
CA LYS A 66 31.43 49.26 67.52
C LYS A 66 30.42 48.60 66.58
N THR A 67 30.35 49.06 65.33
CA THR A 67 29.45 48.46 64.32
C THR A 67 29.98 47.07 63.91
N VAL A 68 31.28 46.93 63.63
CA VAL A 68 31.90 45.62 63.28
C VAL A 68 31.75 44.67 64.46
N ASN A 69 31.91 45.15 65.68
CA ASN A 69 31.85 44.28 66.88
C ASN A 69 30.42 43.85 67.15
N HIS A 70 29.46 44.55 66.58
CA HIS A 70 28.04 44.17 66.73
C HIS A 70 27.70 43.16 65.63
N MET A 71 28.25 43.35 64.43
CA MET A 71 28.03 42.37 63.34
C MET A 71 28.61 41.06 63.85
N LYS A 72 29.76 41.13 64.50
CA LYS A 72 30.41 39.93 65.05
C LYS A 72 29.46 39.33 66.08
N ASP A 73 28.81 40.16 66.89
CA ASP A 73 27.91 39.62 67.90
C ASP A 73 26.67 39.00 67.28
N VAL A 74 26.18 39.56 66.18
CA VAL A 74 25.01 38.99 65.52
C VAL A 74 25.39 37.68 64.84
N LEU A 75 26.56 37.66 64.21
CA LEU A 75 27.01 36.44 63.55
C LEU A 75 27.36 35.37 64.57
N ASN A 76 27.84 35.78 65.74
CA ASN A 76 28.11 34.79 66.78
C ASN A 76 26.82 34.20 67.31
N GLU A 77 25.72 34.95 67.24
CA GLU A 77 24.44 34.39 67.66
C GLU A 77 23.92 33.43 66.60
N ILE A 78 23.93 33.86 65.33
CA ILE A 78 23.58 32.96 64.24
C ILE A 78 24.38 31.66 64.33
N SER A 79 25.69 31.76 64.60
CA SER A 79 26.52 30.57 64.63
C SER A 79 26.11 29.61 65.74
N SER A 80 25.90 30.13 66.95
CA SER A 80 25.46 29.29 68.06
C SER A 80 24.16 28.56 67.71
N ARG A 81 23.22 29.25 67.08
CA ARG A 81 21.94 28.63 66.78
C ARG A 81 22.07 27.61 65.66
N MET A 82 22.93 27.89 64.66
CA MET A 82 23.11 26.93 63.57
C MET A 82 23.86 25.70 64.03
N ARG A 83 24.76 25.86 65.00
CA ARG A 83 25.58 24.76 65.49
C ARG A 83 24.89 23.99 66.61
N THR A 84 23.70 24.42 67.02
CA THR A 84 22.94 23.71 68.03
C THR A 84 21.84 22.84 67.44
N HIS A 85 21.17 23.30 66.39
CA HIS A 85 19.96 22.67 65.91
C HIS A 85 20.04 22.07 64.51
N SER A 86 21.04 22.43 63.71
CA SER A 86 21.05 21.96 62.34
C SER A 86 21.36 20.46 62.28
N VAL A 87 20.98 19.86 61.16
CA VAL A 87 20.97 18.40 61.00
C VAL A 87 22.28 17.94 60.37
N PRO A 88 22.92 16.90 60.91
CA PRO A 88 24.24 16.45 60.43
C PRO A 88 24.17 15.49 59.24
N TRP A 89 23.45 15.92 58.17
CA TRP A 89 23.39 15.04 56.99
C TRP A 89 24.70 15.01 56.18
N HIS A 90 25.78 15.58 56.72
CA HIS A 90 27.10 15.42 56.11
C HIS A 90 27.72 14.06 56.45
N THR A 91 27.21 13.38 57.48
CA THR A 91 27.81 12.15 57.92
C THR A 91 27.68 11.09 56.83
N ALA A 92 28.75 10.29 56.67
CA ALA A 92 28.81 9.34 55.57
C ALA A 92 27.75 8.25 55.66
N GLY A 93 27.39 7.84 56.88
CA GLY A 93 26.47 6.73 57.02
C GLY A 93 25.73 6.69 58.34
N ARG A 94 25.28 7.84 58.83
CA ARG A 94 24.42 7.87 60.04
C ARG A 94 23.17 8.67 59.73
N TYR A 95 23.13 9.42 58.61
CA TYR A 95 21.90 10.09 58.21
C TYR A 95 21.26 9.28 57.09
N TRP A 96 20.09 8.71 57.38
CA TRP A 96 19.33 7.89 56.44
C TRP A 96 17.88 8.35 56.47
N GLY A 97 17.60 9.54 55.97
CA GLY A 97 16.26 10.07 56.05
C GLY A 97 15.84 10.93 54.88
N HIS A 98 15.82 12.24 55.07
CA HIS A 98 15.30 13.08 54.01
C HIS A 98 16.25 13.19 52.84
N MET A 99 15.75 13.85 51.81
CA MET A 99 16.45 14.05 50.55
C MET A 99 17.58 15.05 50.73
N ASN A 100 18.50 14.77 51.64
CA ASN A 100 19.54 15.74 51.98
C ASN A 100 20.82 15.01 52.34
N SER A 101 21.91 15.40 51.66
CA SER A 101 23.27 15.04 52.06
C SER A 101 24.15 16.27 52.01
N GLU A 102 25.40 16.09 51.58
CA GLU A 102 26.24 17.24 51.28
C GLU A 102 25.82 17.84 49.93
N THR A 103 26.39 19.01 49.63
CA THR A 103 26.24 19.61 48.31
C THR A 103 27.59 19.73 47.64
N LEU A 104 27.55 19.79 46.31
CA LEU A 104 28.76 19.82 45.51
C LEU A 104 29.56 21.08 45.79
N MET A 105 30.84 20.90 46.10
CA MET A 105 31.73 22.04 46.31
C MET A 105 31.75 23.01 45.14
N PRO A 106 31.79 22.56 43.88
CA PRO A 106 31.78 23.53 42.77
C PRO A 106 30.58 24.45 42.78
N SER A 107 29.43 24.00 43.30
CA SER A 107 28.26 24.86 43.33
C SER A 107 28.32 25.82 44.50
N LEU A 108 28.70 25.33 45.68
CA LEU A 108 28.86 26.21 46.83
C LEU A 108 29.83 27.34 46.51
N LEU A 109 30.95 27.02 45.86
CA LEU A 109 31.92 28.06 45.54
C LEU A 109 31.37 29.03 44.51
N ALA A 110 30.72 28.51 43.47
CA ALA A 110 30.25 29.38 42.40
C ALA A 110 29.06 30.23 42.83
N TYR A 111 28.31 29.77 43.82
CA TYR A 111 27.20 30.60 44.31
C TYR A 111 27.72 31.81 45.08
N ASN A 112 28.58 31.58 46.07
CA ASN A 112 29.12 32.69 46.85
C ASN A 112 29.89 33.66 45.96
N PHE A 113 30.68 33.12 45.03
CA PHE A 113 31.39 33.97 44.07
C PHE A 113 30.41 34.86 43.31
N ALA A 114 29.34 34.26 42.77
CA ALA A 114 28.39 35.02 41.97
C ALA A 114 27.49 35.91 42.81
N MET A 115 27.28 35.55 44.08
CA MET A 115 26.43 36.38 44.94
C MET A 115 27.04 37.75 45.20
N LEU A 116 28.37 37.88 45.11
CA LEU A 116 29.05 39.16 45.28
C LEU A 116 28.78 40.13 44.16
N TRP A 117 28.24 39.65 43.03
CA TRP A 117 27.77 40.51 41.95
C TRP A 117 26.26 40.72 42.00
N ASN A 118 25.56 39.87 42.73
CA ASN A 118 24.10 39.93 42.92
C ASN A 118 23.36 40.36 41.66
N GLY A 119 23.53 39.59 40.59
CA GLY A 119 22.83 39.88 39.37
C GLY A 119 21.39 39.40 39.45
N ASN A 120 20.51 40.08 38.73
CA ASN A 120 19.11 39.69 38.63
C ASN A 120 18.87 39.07 37.27
N ASN A 121 18.46 37.81 37.28
CA ASN A 121 18.30 37.04 36.01
C ASN A 121 16.98 37.39 35.30
N VAL A 122 16.13 38.18 35.93
CA VAL A 122 14.83 38.59 35.31
C VAL A 122 15.12 39.44 34.09
N ALA A 123 16.28 40.06 34.07
CA ALA A 123 16.64 40.93 32.94
C ALA A 123 18.12 40.80 32.63
N TYR A 124 18.47 40.65 31.36
CA TYR A 124 19.88 40.49 30.94
C TYR A 124 20.70 41.70 31.36
N GLU A 125 20.12 42.89 31.37
CA GLU A 125 20.93 44.09 31.65
C GLU A 125 21.40 44.12 33.10
N SER A 126 20.83 43.27 33.95
CA SER A 126 21.23 43.22 35.37
C SER A 126 21.95 41.90 35.63
N SER A 127 22.28 41.17 34.58
CA SER A 127 22.96 39.86 34.71
C SER A 127 23.41 39.36 33.35
N PRO A 128 24.25 40.07 32.58
CA PRO A 128 24.56 39.63 31.25
C PRO A 128 25.35 38.31 31.21
N ALA A 129 25.77 37.80 32.36
CA ALA A 129 26.64 36.62 32.38
C ALA A 129 25.92 35.48 33.06
N THR A 130 25.28 35.74 34.19
CA THR A 130 24.53 34.67 34.81
C THR A 130 23.25 34.33 34.06
N SER A 131 22.77 35.22 33.18
CA SER A 131 21.65 34.89 32.33
C SER A 131 22.09 34.06 31.13
N GLN A 132 23.29 34.31 30.61
CA GLN A 132 23.83 33.45 29.57
C GLN A 132 24.18 32.07 30.09
N MET A 133 24.39 31.94 31.40
CA MET A 133 24.55 30.63 32.02
C MET A 133 23.22 29.91 32.12
N GLU A 134 22.15 30.63 32.49
CA GLU A 134 20.84 29.99 32.63
C GLU A 134 20.28 29.57 31.28
N GLU A 135 20.60 30.31 30.22
CA GLU A 135 20.23 29.84 28.89
C GLU A 135 20.87 28.48 28.63
N GLU A 136 22.18 28.37 28.85
CA GLU A 136 22.86 27.10 28.69
C GLU A 136 22.35 26.05 29.69
N VAL A 137 22.15 26.45 30.95
CA VAL A 137 21.58 25.52 31.91
C VAL A 137 20.24 25.01 31.41
N GLY A 138 19.50 25.84 30.66
CA GLY A 138 18.21 25.40 30.16
C GLY A 138 18.33 24.38 29.06
N HIS A 139 19.31 24.55 28.16
CA HIS A 139 19.50 23.56 27.11
C HIS A 139 20.09 22.26 27.66
N GLU A 140 20.95 22.36 28.68
CA GLU A 140 21.49 21.16 29.31
C GLU A 140 20.38 20.35 29.97
N PHE A 141 19.37 21.03 30.52
CA PHE A 141 18.18 20.33 31.00
C PHE A 141 17.50 19.59 29.87
N ALA A 142 17.27 20.28 28.75
CA ALA A 142 16.53 19.69 27.64
C ALA A 142 17.27 18.49 27.05
N HIS A 143 18.59 18.61 26.90
CA HIS A 143 19.36 17.49 26.38
C HIS A 143 19.42 16.35 27.39
N LEU A 144 19.31 16.65 28.68
CA LEU A 144 19.22 15.58 29.65
C LEU A 144 17.96 14.76 29.45
N MET A 145 16.92 15.37 28.89
CA MET A 145 15.66 14.71 28.61
C MET A 145 15.55 14.22 27.15
N SER A 146 16.64 14.28 26.39
CA SER A 146 16.66 13.87 24.99
C SER A 146 15.62 14.61 24.15
N TYR A 147 15.28 15.83 24.54
CA TYR A 147 14.46 16.69 23.69
C TYR A 147 15.30 17.20 22.53
N LYS A 148 14.74 17.23 21.33
CA LYS A 148 15.55 17.78 20.25
C LYS A 148 15.38 19.29 20.06
N ASN A 149 14.17 19.83 20.17
CA ASN A 149 14.09 21.29 20.18
C ASN A 149 13.35 21.77 21.41
N GLY A 150 13.91 21.49 22.58
CA GLY A 150 13.32 21.86 23.83
C GLY A 150 14.01 23.07 24.45
N TRP A 151 13.57 23.39 25.66
CA TRP A 151 14.07 24.53 26.40
C TRP A 151 13.81 24.28 27.88
N GLY A 152 14.31 25.18 28.71
CA GLY A 152 14.12 25.04 30.14
C GLY A 152 14.77 26.19 30.86
N HIS A 153 14.48 26.29 32.16
CA HIS A 153 15.04 27.33 32.99
C HIS A 153 14.99 26.88 34.44
N ILE A 154 15.63 27.67 35.31
CA ILE A 154 15.71 27.38 36.73
C ILE A 154 14.51 28.01 37.44
N VAL A 155 13.78 27.19 38.17
CA VAL A 155 12.65 27.63 38.98
C VAL A 155 13.07 27.75 40.44
N ALA A 156 12.29 28.52 41.19
CA ALA A 156 12.57 28.73 42.60
C ALA A 156 12.60 27.40 43.35
N ASP A 157 11.58 26.57 43.16
CA ASP A 157 11.58 25.23 43.75
C ASP A 157 10.74 24.33 42.84
N GLY A 158 10.69 23.04 43.19
CA GLY A 158 9.94 22.12 42.36
C GLY A 158 8.45 22.33 42.39
N SER A 159 7.91 22.75 43.53
CA SER A 159 6.48 23.02 43.64
C SER A 159 6.06 24.11 42.68
N LEU A 160 6.91 25.10 42.48
CA LEU A 160 6.60 26.16 41.53
C LEU A 160 6.89 25.76 40.09
N ALA A 161 7.66 24.69 39.88
CA ALA A 161 7.84 24.19 38.52
C ALA A 161 6.69 23.28 38.12
N ASN A 162 6.14 22.52 39.07
CA ASN A 162 4.91 21.78 38.79
C ASN A 162 3.79 22.74 38.43
N LEU A 163 3.67 23.84 39.18
CA LEU A 163 2.66 24.84 38.88
C LEU A 163 2.90 25.47 37.51
N GLU A 164 4.16 25.81 37.20
CA GLU A 164 4.46 26.35 35.87
C GLU A 164 4.14 25.34 34.77
N GLY A 165 4.22 24.05 35.09
CA GLY A 165 3.80 23.06 34.11
C GLY A 165 2.30 23.05 33.91
N LEU A 166 1.55 23.07 35.02
CA LEU A 166 0.10 23.07 34.89
C LEU A 166 -0.38 24.34 34.21
N TRP A 167 0.33 25.46 34.44
CA TRP A 167 0.09 26.68 33.70
C TRP A 167 0.21 26.43 32.20
N TYR A 168 1.27 25.75 31.79
CA TYR A 168 1.42 25.36 30.40
C TYR A 168 0.22 24.56 29.93
N ALA A 169 -0.07 23.44 30.61
CA ALA A 169 -1.22 22.62 30.24
C ALA A 169 -2.50 23.45 30.20
N ARG A 170 -2.88 24.02 31.34
CA ARG A 170 -4.12 24.79 31.44
C ARG A 170 -4.30 25.74 30.27
N ASN A 171 -3.23 26.45 29.90
CA ASN A 171 -3.34 27.35 28.76
C ASN A 171 -3.47 26.59 27.45
N ILE A 172 -2.79 25.45 27.31
CA ILE A 172 -2.76 24.76 26.01
C ILE A 172 -4.09 24.11 25.69
N LYS A 173 -4.75 23.50 26.68
CA LYS A 173 -6.04 22.88 26.39
C LYS A 173 -7.04 23.92 25.89
N SER A 174 -6.89 25.16 26.37
CA SER A 174 -7.82 26.23 26.06
C SER A 174 -7.55 26.89 24.71
N LEU A 175 -6.36 26.72 24.15
CA LEU A 175 -6.03 27.37 22.89
C LEU A 175 -6.96 26.99 21.74
N PRO A 176 -7.35 25.72 21.56
CA PRO A 176 -8.28 25.39 20.46
C PRO A 176 -9.53 26.24 20.50
N PHE A 177 -10.27 26.18 21.61
CA PHE A 177 -11.46 27.02 21.78
C PHE A 177 -11.18 28.46 21.38
N ALA A 178 -9.99 28.96 21.73
CA ALA A 178 -9.69 30.36 21.48
C ALA A 178 -9.37 30.64 20.02
N MET A 179 -8.79 29.67 19.31
CA MET A 179 -8.66 29.82 17.87
C MET A 179 -9.99 29.66 17.16
N LYS A 180 -11.00 29.17 17.86
CA LYS A 180 -12.35 29.18 17.29
C LYS A 180 -12.91 30.59 17.34
N GLU A 181 -12.73 31.27 18.47
CA GLU A 181 -13.24 32.62 18.69
C GLU A 181 -12.45 33.73 18.01
N VAL A 182 -11.20 33.49 17.58
CA VAL A 182 -10.36 34.53 17.02
C VAL A 182 -10.01 34.28 15.55
N LYS A 183 -9.75 33.03 15.18
CA LYS A 183 -9.42 32.66 13.81
C LYS A 183 -9.89 31.24 13.61
N PRO A 184 -11.21 31.02 13.53
CA PRO A 184 -11.74 29.66 13.41
C PRO A 184 -11.38 29.01 12.10
N GLU A 185 -10.72 29.74 11.19
CA GLU A 185 -10.15 29.15 10.00
C GLU A 185 -9.05 28.14 10.34
N LEU A 186 -8.48 28.23 11.54
CA LEU A 186 -7.48 27.25 11.96
C LEU A 186 -8.14 25.93 12.39
N VAL A 187 -9.33 26.00 12.98
CA VAL A 187 -9.99 24.80 13.51
C VAL A 187 -11.36 24.59 12.85
N ALA A 188 -11.42 24.77 11.53
CA ALA A 188 -12.66 24.67 10.78
C ALA A 188 -13.04 23.21 10.55
N GLY A 189 -14.27 22.85 10.90
CA GLY A 189 -14.73 21.48 10.78
C GLY A 189 -14.47 20.63 12.00
N LYS A 190 -13.99 21.24 13.07
CA LYS A 190 -13.52 20.53 14.25
C LYS A 190 -14.58 20.62 15.35
N SER A 191 -15.08 19.47 15.78
CA SER A 191 -16.12 19.48 16.81
C SER A 191 -15.55 20.00 18.13
N ASP A 192 -16.46 20.46 18.98
CA ASP A 192 -16.06 21.02 20.27
C ASP A 192 -15.51 19.95 21.23
N TRP A 193 -15.60 18.67 20.88
CA TRP A 193 -14.85 17.61 21.55
C TRP A 193 -13.51 17.33 20.87
N GLU A 194 -13.45 17.40 19.53
CA GLU A 194 -12.18 17.28 18.83
C GLU A 194 -11.21 18.39 19.22
N LEU A 195 -11.73 19.58 19.50
CA LEU A 195 -10.87 20.68 19.91
C LEU A 195 -10.23 20.42 21.26
N LEU A 196 -11.01 19.92 22.22
CA LEU A 196 -10.50 19.63 23.55
C LEU A 196 -9.71 18.33 23.62
N ASN A 197 -9.35 17.75 22.48
CA ASN A 197 -8.55 16.53 22.47
C ASN A 197 -7.54 16.54 21.34
N MET A 198 -7.01 17.72 21.01
CA MET A 198 -5.98 17.82 19.97
C MET A 198 -4.60 17.55 20.57
N PRO A 199 -3.75 16.81 19.86
CA PRO A 199 -2.37 16.63 20.34
C PRO A 199 -1.63 17.97 20.44
N THR A 200 -0.76 18.04 21.45
CA THR A 200 -0.07 19.29 21.78
C THR A 200 0.81 19.79 20.63
N LYS A 201 1.41 18.88 19.87
CA LYS A 201 2.21 19.30 18.71
C LYS A 201 1.35 20.01 17.68
N GLU A 202 0.13 19.52 17.46
CA GLU A 202 -0.75 20.19 16.50
C GLU A 202 -1.08 21.60 16.96
N ILE A 203 -1.13 21.83 18.27
CA ILE A 203 -1.61 23.13 18.75
C ILE A 203 -0.58 24.23 18.47
N MET A 204 0.71 23.95 18.65
CA MET A 204 1.62 25.03 18.28
C MET A 204 1.77 25.13 16.78
N ASP A 205 1.88 23.97 16.12
CA ASP A 205 2.02 23.98 14.67
C ASP A 205 0.92 24.84 14.07
N LEU A 206 -0.21 24.96 14.75
CA LEU A 206 -1.25 25.88 14.37
C LEU A 206 -1.02 27.25 14.99
N LEU A 207 -0.57 27.30 16.24
CA LEU A 207 -0.41 28.58 16.91
C LEU A 207 0.69 29.40 16.22
N GLU A 208 1.76 28.71 15.79
CA GLU A 208 2.82 29.35 15.01
C GLU A 208 2.37 29.71 13.60
N SER A 209 1.43 28.95 13.03
CA SER A 209 0.91 29.29 11.71
C SER A 209 0.25 30.67 11.72
N ALA A 210 -0.52 30.97 12.76
CA ALA A 210 -1.26 32.22 12.88
C ALA A 210 -0.32 33.30 13.46
N GLU A 211 0.69 33.62 12.66
CA GLU A 211 1.75 34.53 13.09
C GLU A 211 1.21 35.87 13.62
N ASP A 212 0.45 36.60 12.79
CA ASP A 212 0.01 37.96 13.14
C ASP A 212 -1.14 37.98 14.14
N GLU A 213 -1.51 36.84 14.69
CA GLU A 213 -2.66 36.75 15.58
C GLU A 213 -2.33 36.03 16.88
N ILE A 214 -1.07 35.63 17.08
CA ILE A 214 -0.69 34.93 18.30
C ILE A 214 -1.20 35.68 19.52
N ASP A 215 -0.97 36.99 19.56
CA ASP A 215 -1.31 37.76 20.75
C ASP A 215 -2.81 37.79 20.98
N GLU A 216 -3.60 37.99 19.92
CA GLU A 216 -5.05 37.97 20.10
C GLU A 216 -5.53 36.59 20.51
N ILE A 217 -4.99 35.53 19.89
CA ILE A 217 -5.44 34.19 20.22
C ILE A 217 -5.24 33.92 21.72
N LYS A 218 -4.07 34.32 22.25
CA LYS A 218 -3.75 34.10 23.66
C LYS A 218 -4.66 34.91 24.59
N ALA A 219 -5.27 35.97 24.06
CA ALA A 219 -6.09 36.82 24.93
C ALA A 219 -7.38 36.09 25.28
N HIS A 220 -7.74 35.10 24.49
CA HIS A 220 -9.01 34.37 24.71
C HIS A 220 -8.68 33.02 25.34
N SER A 221 -7.44 32.85 25.79
CA SER A 221 -7.01 31.57 26.40
C SER A 221 -7.51 31.49 27.82
N ALA A 222 -6.86 30.66 28.63
CA ALA A 222 -7.26 30.60 30.05
C ALA A 222 -6.72 31.83 30.75
N ARG A 223 -5.90 32.61 30.05
CA ARG A 223 -5.36 33.86 30.60
C ARG A 223 -6.51 34.82 30.82
N SER A 224 -7.58 34.70 30.03
CA SER A 224 -8.79 35.55 30.13
C SER A 224 -9.52 35.26 31.44
N GLY A 225 -9.50 34.01 31.87
CA GLY A 225 -10.17 33.62 33.12
C GLY A 225 -11.31 32.70 32.84
N LYS A 226 -11.51 32.37 31.57
CA LYS A 226 -12.67 31.54 31.18
C LYS A 226 -12.23 30.21 30.60
N HIS A 227 -13.11 29.20 30.63
CA HIS A 227 -12.85 27.85 30.08
C HIS A 227 -11.98 27.04 31.03
N LEU A 228 -12.00 27.34 32.32
CA LEU A 228 -11.09 26.67 33.29
C LEU A 228 -11.77 25.41 33.79
N GLN A 229 -13.07 25.30 33.60
CA GLN A 229 -13.77 24.06 33.99
C GLN A 229 -13.99 23.20 32.75
N ALA A 230 -13.90 23.79 31.55
CA ALA A 230 -14.05 23.05 30.29
C ALA A 230 -12.77 22.34 29.89
N ILE A 231 -11.60 22.85 30.29
CA ILE A 231 -10.31 22.28 29.85
C ILE A 231 -10.16 20.86 30.34
N GLY A 232 -10.84 20.51 31.43
CA GLY A 232 -10.80 19.09 31.81
C GLY A 232 -10.33 18.78 33.21
N LYS A 233 -10.08 17.51 33.46
CA LYS A 233 -9.70 17.07 34.82
C LYS A 233 -8.19 16.80 34.85
N TRP A 234 -7.58 16.96 36.02
CA TRP A 234 -6.11 16.77 36.16
C TRP A 234 -5.86 15.44 36.84
N LEU A 235 -5.12 14.58 36.18
CA LEU A 235 -4.96 13.22 36.73
C LEU A 235 -3.57 13.10 37.33
N VAL A 236 -3.51 12.64 38.57
CA VAL A 236 -2.23 12.59 39.30
C VAL A 236 -2.17 11.24 39.98
N PRO A 237 -0.99 10.67 40.28
CA PRO A 237 -0.91 9.43 40.99
C PRO A 237 -1.47 9.60 42.40
N GLN A 238 -2.00 8.53 42.98
CA GLN A 238 -2.56 8.58 44.35
C GLN A 238 -1.42 9.03 45.25
N THR A 239 -0.20 8.65 44.88
CA THR A 239 1.00 9.04 45.65
C THR A 239 1.56 10.32 45.03
N LYS A 240 0.85 11.43 45.16
CA LYS A 240 1.30 12.67 44.48
C LYS A 240 1.91 13.60 45.52
N HIS A 241 2.60 14.64 45.10
CA HIS A 241 3.07 15.64 46.08
C HIS A 241 1.98 16.68 46.28
N TYR A 242 1.97 17.32 47.46
CA TYR A 242 0.97 18.38 47.75
C TYR A 242 1.11 19.54 46.78
N SER A 243 2.26 19.70 46.13
CA SER A 243 2.47 20.76 45.14
C SER A 243 1.38 20.65 44.10
N TRP A 244 0.92 19.43 43.86
CA TRP A 244 -0.05 19.20 42.78
C TRP A 244 -1.46 19.60 43.22
N LEU A 245 -1.80 19.32 44.47
CA LEU A 245 -3.12 19.75 44.96
C LEU A 245 -3.16 21.27 44.94
N LYS A 246 -2.07 21.92 45.40
CA LYS A 246 -2.05 23.40 45.50
C LYS A 246 -1.94 24.00 44.11
N ALA A 247 -1.34 23.29 43.19
CA ALA A 247 -1.13 23.86 41.84
C ALA A 247 -2.50 24.08 41.22
N ALA A 248 -3.42 23.14 41.47
CA ALA A 248 -4.79 23.25 40.96
C ALA A 248 -5.44 24.46 41.58
N ASP A 249 -5.47 24.53 42.91
CA ASP A 249 -6.00 25.71 43.62
C ASP A 249 -5.52 26.97 42.90
N ILE A 250 -4.21 27.17 42.78
CA ILE A 250 -3.71 28.46 42.24
C ILE A 250 -4.08 28.63 40.76
N ILE A 251 -3.90 27.61 39.94
CA ILE A 251 -4.10 27.80 38.46
C ILE A 251 -5.58 28.02 38.15
N GLY A 252 -6.50 27.54 38.99
CA GLY A 252 -7.93 27.86 38.79
C GLY A 252 -8.73 26.68 38.29
N ILE A 253 -8.13 25.51 38.25
CA ILE A 253 -8.83 24.29 37.78
C ILE A 253 -9.65 23.87 38.98
N GLY A 254 -9.04 23.97 40.15
CA GLY A 254 -9.75 23.60 41.37
C GLY A 254 -9.29 22.28 41.94
N LEU A 255 -9.26 22.18 43.25
CA LEU A 255 -8.88 20.93 43.93
C LEU A 255 -10.02 19.94 43.77
N ASP A 256 -11.18 20.40 43.28
CA ASP A 256 -12.38 19.56 43.08
C ASP A 256 -12.32 18.94 41.68
N GLN A 257 -11.47 19.47 40.82
CA GLN A 257 -11.32 18.92 39.45
C GLN A 257 -10.02 18.12 39.36
N VAL A 258 -9.56 17.56 40.49
CA VAL A 258 -8.32 16.73 40.51
C VAL A 258 -8.75 15.30 40.76
N ILE A 259 -8.42 14.40 39.82
CA ILE A 259 -8.78 12.97 39.98
C ILE A 259 -7.54 12.15 40.36
N PRO A 260 -7.41 11.52 41.56
CA PRO A 260 -6.26 10.67 41.88
C PRO A 260 -6.39 9.28 41.25
N VAL A 261 -5.41 8.88 40.45
CA VAL A 261 -5.42 7.53 39.82
C VAL A 261 -4.79 6.58 40.81
N PRO A 262 -5.46 5.47 41.16
CA PRO A 262 -4.93 4.57 42.17
C PRO A 262 -3.53 4.02 41.83
N VAL A 263 -2.77 3.69 42.85
CA VAL A 263 -1.39 3.17 42.63
C VAL A 263 -1.34 1.67 42.91
N ASP A 264 -0.32 0.99 42.40
CA ASP A 264 -0.13 -0.47 42.59
C ASP A 264 0.44 -0.76 43.98
N HIS A 265 0.97 -1.95 44.18
CA HIS A 265 1.62 -2.29 45.47
C HIS A 265 3.11 -1.99 45.31
N ASN A 266 3.50 -1.45 44.16
CA ASN A 266 4.89 -1.01 43.97
C ASN A 266 4.81 0.50 44.10
N TYR A 267 3.66 0.99 44.26
CA TYR A 267 3.21 2.38 44.48
C TYR A 267 3.52 3.25 43.25
N ARG A 268 3.35 2.51 42.09
CA ARG A 268 3.41 3.19 40.79
C ARG A 268 1.97 3.20 40.25
N MET A 269 1.56 4.22 39.48
CA MET A 269 0.16 4.33 39.00
C MET A 269 -0.29 3.02 38.35
N ASP A 270 -1.50 2.53 38.65
CA ASP A 270 -2.00 1.34 37.94
C ASP A 270 -2.41 1.76 36.53
N ILE A 271 -1.64 1.37 35.54
CA ILE A 271 -1.91 1.85 34.16
C ILE A 271 -3.27 1.32 33.70
N ASN A 272 -3.77 0.26 34.32
CA ASN A 272 -5.12 -0.15 33.93
C ASN A 272 -6.16 0.74 34.57
N GLU A 273 -6.01 1.04 35.86
CA GLU A 273 -6.93 1.97 36.50
C GLU A 273 -6.87 3.34 35.85
N LEU A 274 -5.69 3.75 35.37
CA LEU A 274 -5.61 4.98 34.59
C LEU A 274 -6.52 4.89 33.37
N GLU A 275 -6.48 3.77 32.65
CA GLU A 275 -7.27 3.66 31.40
C GLU A 275 -8.74 3.78 31.74
N LYS A 276 -9.19 2.99 32.71
CA LYS A 276 -10.60 2.98 33.13
C LYS A 276 -11.07 4.42 33.26
N ILE A 277 -10.31 5.24 33.95
CA ILE A 277 -10.72 6.64 34.23
C ILE A 277 -10.74 7.45 32.94
N VAL A 278 -9.70 7.41 32.13
CA VAL A 278 -9.64 8.31 30.93
C VAL A 278 -10.77 7.99 29.97
N ARG A 279 -11.00 6.71 29.69
CA ARG A 279 -12.08 6.30 28.77
C ARG A 279 -13.41 6.63 29.43
N GLY A 280 -13.59 6.28 30.70
CA GLY A 280 -14.81 6.63 31.44
C GLY A 280 -15.13 8.12 31.35
N LEU A 281 -14.12 8.98 31.42
CA LEU A 281 -14.38 10.44 31.42
C LEU A 281 -14.82 10.87 30.03
N ALA A 282 -14.34 10.21 28.98
CA ALA A 282 -14.66 10.67 27.62
C ALA A 282 -16.04 10.15 27.21
N GLU A 283 -16.50 9.09 27.87
CA GLU A 283 -17.86 8.61 27.61
C GLU A 283 -18.80 9.62 28.24
N GLU A 284 -18.35 10.27 29.29
CA GLU A 284 -19.14 11.33 29.96
C GLU A 284 -18.76 12.64 29.30
N GLN A 285 -17.88 12.61 28.32
CA GLN A 285 -17.49 13.80 27.52
C GLN A 285 -16.73 14.85 28.33
N ILE A 286 -15.97 14.43 29.34
CA ILE A 286 -15.10 15.35 30.07
C ILE A 286 -13.68 15.17 29.54
N PRO A 287 -12.99 16.23 29.13
CA PRO A 287 -11.63 16.06 28.61
C PRO A 287 -10.67 15.80 29.77
N VAL A 288 -9.45 15.45 29.42
CA VAL A 288 -8.37 15.27 30.39
C VAL A 288 -7.35 16.36 30.17
N LEU A 289 -7.20 17.24 31.18
CA LEU A 289 -6.20 18.29 31.07
C LEU A 289 -4.79 17.71 30.99
N GLY A 290 -4.50 16.72 31.82
CA GLY A 290 -3.22 16.04 31.73
C GLY A 290 -3.09 15.01 32.83
N VAL A 291 -2.09 14.17 32.69
CA VAL A 291 -1.67 13.22 33.70
C VAL A 291 -0.24 13.54 34.08
N VAL A 292 0.11 13.25 35.34
CA VAL A 292 1.47 13.47 35.83
C VAL A 292 2.07 12.11 36.12
N GLY A 293 3.26 11.86 35.57
CA GLY A 293 4.01 10.67 35.87
C GLY A 293 5.14 11.01 36.83
N VAL A 294 5.14 10.31 37.95
CA VAL A 294 6.14 10.63 39.02
C VAL A 294 7.39 9.76 38.86
N VAL A 295 8.48 10.33 38.34
CA VAL A 295 9.78 9.59 38.30
C VAL A 295 10.53 9.90 39.59
N GLY A 296 10.37 9.06 40.60
CA GLY A 296 11.00 9.33 41.90
C GLY A 296 9.99 9.89 42.86
N SER A 297 9.30 9.03 43.59
CA SER A 297 8.20 9.47 44.47
C SER A 297 8.74 10.05 45.76
N THR A 298 7.90 10.73 46.52
CA THR A 298 8.33 11.41 47.76
C THR A 298 8.59 10.40 48.86
N GLU A 299 7.65 9.52 49.14
CA GLU A 299 7.82 8.66 50.32
C GLU A 299 8.18 7.23 49.97
N GLU A 300 8.16 6.87 48.69
CA GLU A 300 8.40 5.44 48.38
C GLU A 300 9.59 5.32 47.42
N GLY A 301 9.88 6.38 46.71
CA GLY A 301 10.96 6.28 45.71
C GLY A 301 10.49 5.44 44.57
N ALA A 302 9.35 5.79 44.01
CA ALA A 302 8.76 4.96 42.95
C ALA A 302 8.84 5.67 41.63
N VAL A 303 9.05 4.91 40.56
CA VAL A 303 9.11 5.52 39.22
C VAL A 303 7.88 5.10 38.46
N ASP A 304 6.95 6.03 38.23
CA ASP A 304 5.79 5.73 37.41
C ASP A 304 6.21 5.37 36.00
N SER A 305 5.43 4.49 35.36
CA SER A 305 5.79 3.97 34.04
C SER A 305 5.41 4.99 32.98
N ILE A 306 6.36 5.85 32.63
CA ILE A 306 6.11 6.83 31.58
C ILE A 306 5.92 6.12 30.25
N ASP A 307 6.75 5.10 30.00
CA ASP A 307 6.62 4.29 28.79
C ASP A 307 5.19 3.83 28.57
N LYS A 308 4.51 3.44 29.64
CA LYS A 308 3.16 2.88 29.53
C LYS A 308 2.09 3.95 29.56
N ILE A 309 2.44 5.16 29.98
CA ILE A 309 1.47 6.30 29.96
C ILE A 309 1.39 6.81 28.53
N ILE A 310 2.54 6.95 27.88
CA ILE A 310 2.53 7.55 26.52
C ILE A 310 2.07 6.48 25.53
N ALA A 311 2.15 5.21 25.92
CA ALA A 311 1.61 4.12 25.08
C ALA A 311 0.09 4.25 25.04
N LEU A 312 -0.56 4.26 26.21
CA LEU A 312 -2.02 4.42 26.29
C LEU A 312 -2.41 5.66 25.53
N ARG A 313 -1.65 6.74 25.67
CA ARG A 313 -2.07 7.98 25.01
C ARG A 313 -2.02 7.76 23.51
N ASP A 314 -1.06 6.98 23.03
CA ASP A 314 -0.91 6.71 21.57
C ASP A 314 -2.06 5.81 21.09
N GLU A 315 -2.61 4.99 21.99
CA GLU A 315 -3.72 4.08 21.64
C GLU A 315 -5.04 4.83 21.72
N LEU A 316 -5.18 5.73 22.69
CA LEU A 316 -6.44 6.48 22.90
C LEU A 316 -6.53 7.58 21.85
N MET A 317 -5.39 7.96 21.29
CA MET A 317 -5.34 9.08 20.32
C MET A 317 -5.96 8.62 19.00
N LYS A 318 -6.39 7.36 18.95
CA LYS A 318 -7.05 6.82 17.73
C LYS A 318 -8.54 6.74 18.04
N ASP A 319 -8.90 6.84 19.31
CA ASP A 319 -10.33 6.86 19.72
C ASP A 319 -10.70 8.32 19.97
N GLY A 320 -9.79 9.24 19.65
CA GLY A 320 -10.06 10.68 19.80
C GLY A 320 -9.84 11.24 21.19
N ILE A 321 -8.94 10.64 21.98
CA ILE A 321 -8.68 11.08 23.38
C ILE A 321 -7.19 11.38 23.56
N TYR A 322 -6.80 12.64 23.79
CA TYR A 322 -5.38 12.99 24.04
C TYR A 322 -5.17 13.58 25.43
N TYR A 323 -4.07 13.22 26.09
CA TYR A 323 -3.75 13.87 27.37
C TYR A 323 -2.34 14.46 27.34
N TYR A 324 -2.12 15.56 28.05
CA TYR A 324 -0.77 16.15 28.18
C TYR A 324 -0.05 15.30 29.22
N VAL A 325 1.20 14.96 28.97
CA VAL A 325 1.97 14.24 30.01
C VAL A 325 3.02 15.17 30.61
N HIS A 326 2.95 15.41 31.91
CA HIS A 326 4.01 16.15 32.60
C HIS A 326 4.68 15.19 33.59
N VAL A 327 5.98 15.03 33.46
CA VAL A 327 6.74 14.14 34.34
C VAL A 327 7.25 14.94 35.53
N ASP A 328 6.81 14.55 36.73
CA ASP A 328 7.32 15.15 37.96
C ASP A 328 8.54 14.36 38.40
N ALA A 329 9.71 14.81 37.97
CA ALA A 329 10.99 14.21 38.32
C ALA A 329 11.78 15.15 39.23
N ALA A 330 11.09 15.82 40.16
CA ALA A 330 11.77 16.70 41.10
C ALA A 330 12.94 15.99 41.77
N TYR A 331 12.72 14.74 42.19
CA TYR A 331 13.75 13.94 42.82
C TYR A 331 14.60 13.21 41.79
N GLY A 332 13.95 12.49 40.87
CA GLY A 332 14.65 11.58 39.99
C GLY A 332 15.19 12.17 38.70
N GLY A 333 14.89 13.44 38.43
CA GLY A 333 15.26 14.01 37.14
C GLY A 333 16.72 13.82 36.81
N TYR A 334 17.60 14.06 37.78
CA TYR A 334 19.03 13.94 37.52
C TYR A 334 19.49 12.50 37.40
N GLY A 335 18.65 11.52 37.73
CA GLY A 335 19.09 10.16 37.58
C GLY A 335 19.08 9.63 36.17
N ARG A 336 18.47 10.38 35.24
CA ARG A 336 18.47 9.95 33.85
C ARG A 336 19.84 10.07 33.20
N ALA A 337 20.81 10.70 33.86
CA ALA A 337 22.15 10.77 33.30
C ALA A 337 22.90 9.44 33.44
N ILE A 338 22.49 8.63 34.41
CA ILE A 338 23.03 7.29 34.57
C ILE A 338 22.69 6.41 33.38
N PHE A 339 21.80 6.90 32.50
CA PHE A 339 21.38 6.18 31.32
C PHE A 339 21.97 6.77 30.04
N LEU A 340 22.71 7.86 30.13
CA LEU A 340 23.22 8.56 28.95
C LEU A 340 24.72 8.35 28.82
N ASP A 341 25.15 8.08 27.58
CA ASP A 341 26.57 7.90 27.30
C ASP A 341 27.20 9.26 27.05
N GLU A 342 28.49 9.26 26.72
CA GLU A 342 29.16 10.54 26.57
C GLU A 342 28.74 11.28 25.31
N ASP A 343 27.89 10.69 24.48
CA ASP A 343 27.36 11.37 23.30
C ASP A 343 25.89 11.73 23.45
N ASN A 344 25.33 11.59 24.65
CA ASN A 344 23.95 11.90 24.96
C ASN A 344 22.97 10.90 24.33
N ASN A 345 23.48 9.75 23.88
CA ASN A 345 22.66 8.68 23.35
C ASN A 345 22.36 7.71 24.48
N PHE A 346 21.16 7.16 24.46
CA PHE A 346 20.65 6.43 25.62
C PHE A 346 21.26 5.02 25.59
N ILE A 347 21.98 4.65 26.64
CA ILE A 347 22.69 3.35 26.60
C ILE A 347 21.67 2.22 26.43
N PRO A 348 21.85 1.23 25.52
CA PRO A 348 20.95 0.09 25.49
C PRO A 348 21.01 -0.68 26.81
N TYR A 349 19.87 -1.20 27.28
CA TYR A 349 19.82 -1.94 28.57
C TYR A 349 20.82 -3.10 28.57
N GLU A 350 21.04 -3.72 27.42
CA GLU A 350 21.91 -4.90 27.35
C GLU A 350 23.33 -4.49 27.67
N ASP A 351 23.68 -3.25 27.39
CA ASP A 351 25.07 -2.81 27.60
C ASP A 351 25.20 -1.96 28.87
N LEU A 352 24.14 -1.80 29.65
CA LEU A 352 24.18 -0.87 30.82
C LEU A 352 25.19 -1.34 31.86
N GLN A 353 25.09 -2.57 32.33
CA GLN A 353 25.97 -3.08 33.40
C GLN A 353 27.42 -2.96 32.94
N ASP A 354 27.65 -3.28 31.68
CA ASP A 354 29.01 -3.20 31.09
C ASP A 354 29.51 -1.76 31.11
N VAL A 355 28.74 -0.84 30.53
CA VAL A 355 29.15 0.56 30.47
C VAL A 355 29.29 1.14 31.87
N HIS A 356 28.36 0.79 32.77
CA HIS A 356 28.47 1.27 34.14
C HIS A 356 29.76 0.82 34.78
N GLU A 357 30.31 -0.32 34.35
CA GLU A 357 31.53 -0.80 34.98
C GLU A 357 32.76 -0.10 34.43
N GLU A 358 32.74 0.26 33.15
CA GLU A 358 33.87 0.96 32.54
C GLU A 358 33.93 2.43 32.95
N TYR A 359 32.82 3.01 33.41
CA TYR A 359 32.79 4.42 33.79
C TYR A 359 32.80 4.64 35.29
N GLY A 360 32.75 3.57 36.08
CA GLY A 360 32.79 3.69 37.52
C GLY A 360 31.45 3.94 38.18
N VAL A 361 30.35 3.82 37.42
CA VAL A 361 29.04 4.15 37.98
C VAL A 361 28.70 3.21 39.12
N PHE A 362 28.98 1.91 38.96
CA PHE A 362 28.68 0.91 39.96
C PHE A 362 29.93 0.11 40.30
N LYS A 363 30.02 -0.32 41.56
CA LYS A 363 31.20 -1.01 42.06
C LYS A 363 31.13 -2.52 41.90
N GLU A 364 29.94 -3.08 41.81
CA GLU A 364 29.74 -4.51 41.60
C GLU A 364 28.92 -4.70 40.33
N LYS A 365 29.43 -5.49 39.39
CA LYS A 365 28.76 -5.64 38.10
C LYS A 365 27.58 -6.59 38.28
N LYS A 366 26.51 -6.06 38.86
CA LYS A 366 25.22 -6.70 39.00
C LYS A 366 24.17 -5.95 38.19
N GLU A 367 22.93 -6.41 38.27
CA GLU A 367 21.81 -5.56 37.88
C GLU A 367 21.44 -4.67 39.05
N HIS A 368 21.34 -3.37 38.78
CA HIS A 368 20.99 -2.38 39.82
C HIS A 368 19.72 -1.65 39.40
N ILE A 369 19.48 -1.57 38.09
CA ILE A 369 18.27 -0.87 37.57
C ILE A 369 17.43 -1.85 36.75
N SER A 370 16.11 -1.68 36.78
CA SER A 370 15.18 -2.57 36.04
C SER A 370 14.91 -2.04 34.63
N ARG A 371 14.42 -2.90 33.75
CA ARG A 371 14.07 -2.47 32.37
C ARG A 371 12.81 -1.63 32.49
N GLU A 372 12.03 -1.87 33.54
CA GLU A 372 10.84 -1.03 33.78
C GLU A 372 11.27 0.42 34.03
N VAL A 373 12.30 0.63 34.84
CA VAL A 373 12.72 2.01 35.20
C VAL A 373 13.48 2.61 34.03
N TYR A 374 14.25 1.79 33.35
CA TYR A 374 15.06 2.28 32.21
C TYR A 374 14.14 2.81 31.12
N ASP A 375 13.10 2.04 30.79
CA ASP A 375 12.20 2.41 29.67
C ASP A 375 11.35 3.57 30.12
N ALA A 376 11.02 3.60 31.40
CA ALA A 376 10.27 4.75 31.93
C ALA A 376 11.10 6.02 31.74
N TYR A 377 12.35 6.00 32.18
CA TYR A 377 13.17 7.18 31.99
C TYR A 377 13.30 7.54 30.51
N LYS A 378 13.37 6.55 29.63
CA LYS A 378 13.61 6.86 28.23
C LYS A 378 12.39 7.50 27.59
N ALA A 379 11.19 7.21 28.11
CA ALA A 379 9.98 7.75 27.52
C ALA A 379 9.66 9.15 28.02
N ILE A 380 10.42 9.66 28.99
CA ILE A 380 10.25 11.03 29.41
C ILE A 380 10.49 11.97 28.24
N GLU A 381 11.22 11.50 27.23
CA GLU A 381 11.52 12.29 26.04
C GLU A 381 10.27 12.60 25.22
N LEU A 382 9.17 11.89 25.43
CA LEU A 382 7.96 12.07 24.65
C LEU A 382 6.87 12.82 25.41
N ALA A 383 7.13 13.18 26.66
CA ALA A 383 6.24 14.03 27.44
C ALA A 383 6.57 15.50 27.15
N GLU A 384 5.60 16.37 27.44
CA GLU A 384 5.73 17.76 27.00
C GLU A 384 6.53 18.62 27.97
N SER A 385 6.55 18.28 29.26
CA SER A 385 7.31 19.06 30.22
C SER A 385 7.71 18.16 31.38
N VAL A 386 8.82 18.52 32.02
CA VAL A 386 9.36 17.73 33.13
C VAL A 386 9.77 18.70 34.24
N THR A 387 9.57 18.28 35.49
CA THR A 387 10.06 19.02 36.66
C THR A 387 11.32 18.33 37.18
N ILE A 388 12.41 19.08 37.25
CA ILE A 388 13.69 18.56 37.73
C ILE A 388 14.29 19.56 38.71
N ASP A 389 14.59 19.10 39.93
CA ASP A 389 15.09 19.99 40.98
C ASP A 389 16.60 19.87 41.11
N PRO A 390 17.37 20.90 40.77
CA PRO A 390 18.81 20.85 41.10
C PRO A 390 19.07 20.66 42.58
N HIS A 391 18.25 21.25 43.46
CA HIS A 391 18.46 21.02 44.88
C HIS A 391 17.94 19.67 45.34
N ALA A 392 17.74 18.71 44.43
CA ALA A 392 17.45 17.35 44.82
C ALA A 392 18.63 16.45 44.44
N MET A 393 18.48 15.63 43.40
CA MET A 393 19.59 14.76 42.99
C MET A 393 20.58 15.46 42.08
N GLY A 394 20.54 16.77 42.01
CA GLY A 394 21.59 17.51 41.35
C GLY A 394 22.68 17.92 42.29
N TYR A 395 22.42 17.80 43.61
CA TYR A 395 23.39 18.11 44.65
C TYR A 395 23.78 19.58 44.65
N ILE A 396 22.89 20.44 44.16
CA ILE A 396 23.07 21.89 44.18
C ILE A 396 22.31 22.43 45.39
N PRO A 397 22.85 23.39 46.14
CA PRO A 397 22.16 23.85 47.36
C PRO A 397 20.87 24.60 47.07
N TYR A 398 19.96 24.57 48.03
CA TYR A 398 18.73 25.35 47.92
C TYR A 398 19.06 26.83 47.76
N SER A 399 18.13 27.56 47.15
CA SER A 399 16.90 26.99 46.62
C SER A 399 16.93 27.02 45.09
N ALA A 400 16.83 25.86 44.45
CA ALA A 400 16.97 25.77 43.00
C ALA A 400 16.20 24.58 42.46
N GLY A 401 15.11 24.84 41.73
CA GLY A 401 14.38 23.84 41.00
C GLY A 401 14.53 24.01 39.51
N GLY A 402 13.71 23.26 38.77
CA GLY A 402 13.80 23.33 37.32
C GLY A 402 12.54 22.89 36.62
N ILE A 403 12.32 23.44 35.42
CA ILE A 403 11.30 22.99 34.50
C ILE A 403 11.91 22.90 33.12
N VAL A 404 11.57 21.84 32.39
CA VAL A 404 12.00 21.62 31.02
C VAL A 404 10.77 21.32 30.15
N ILE A 405 10.75 21.91 28.97
CA ILE A 405 9.67 21.79 28.01
C ILE A 405 10.17 21.11 26.74
N GLN A 406 9.33 20.25 26.16
CA GLN A 406 9.73 19.48 24.99
C GLN A 406 9.93 20.37 23.76
N ASP A 407 9.11 21.40 23.59
CA ASP A 407 9.18 22.29 22.45
C ASP A 407 9.45 23.71 22.93
N ILE A 408 10.50 24.36 22.39
CA ILE A 408 10.82 25.70 22.86
C ILE A 408 9.68 26.65 22.60
N ARG A 409 8.93 26.42 21.52
CA ARG A 409 7.85 27.32 21.17
C ARG A 409 6.73 27.28 22.20
N MET A 410 6.69 26.23 23.02
CA MET A 410 5.65 26.12 24.01
C MET A 410 5.67 27.26 25.03
N ARG A 411 6.78 27.99 25.14
CA ARG A 411 6.81 29.06 26.13
C ARG A 411 6.01 30.28 25.69
N ASP A 412 5.63 30.37 24.41
CA ASP A 412 4.81 31.48 23.96
C ASP A 412 3.38 31.40 24.48
N VAL A 413 2.97 30.27 25.04
CA VAL A 413 1.61 30.15 25.56
C VAL A 413 1.47 30.74 26.95
N ILE A 414 2.59 31.02 27.63
CA ILE A 414 2.60 31.75 28.88
C ILE A 414 3.38 33.05 28.77
N SER A 415 3.97 33.32 27.61
CA SER A 415 4.86 34.46 27.46
C SER A 415 4.13 35.76 27.71
N TYR A 416 4.86 36.74 28.26
CA TYR A 416 4.40 38.11 28.45
C TYR A 416 5.45 39.06 27.87
N PHE A 417 5.06 40.32 27.69
CA PHE A 417 5.99 41.34 27.24
C PHE A 417 5.67 42.71 27.84
N ILE A 428 19.81 35.37 23.50
CA ILE A 428 19.35 35.12 24.90
C ILE A 428 17.85 35.47 24.97
N PRO A 429 17.05 34.98 25.95
CA PRO A 429 15.65 35.37 26.09
C PRO A 429 15.44 36.74 26.73
N ALA A 430 16.32 37.71 26.49
CA ALA A 430 16.17 39.10 26.98
C ALA A 430 15.61 39.10 28.40
N LEU A 431 14.39 39.58 28.55
CA LEU A 431 13.74 39.45 29.87
C LEU A 431 13.27 37.99 29.97
N LEU A 432 14.13 37.09 30.47
CA LEU A 432 13.79 35.66 30.59
C LEU A 432 12.60 35.56 31.54
N GLY A 433 12.25 36.65 32.22
CA GLY A 433 11.06 36.68 33.08
C GLY A 433 9.79 36.84 32.27
N ALA A 434 9.92 36.83 30.95
CA ALA A 434 8.74 36.88 30.06
C ALA A 434 8.32 35.44 29.86
N TYR A 435 9.28 34.53 29.84
CA TYR A 435 8.98 33.12 29.55
C TYR A 435 8.97 32.30 30.84
N ILE A 436 8.84 32.94 32.00
CA ILE A 436 8.81 32.23 33.30
C ILE A 436 7.58 32.64 34.10
N LEU A 437 7.22 31.86 35.13
CA LEU A 437 6.07 32.19 36.01
C LEU A 437 6.52 33.25 37.00
N GLU A 438 7.70 33.08 37.57
CA GLU A 438 8.15 34.00 38.64
C GLU A 438 8.80 35.25 38.08
N GLY A 439 9.62 35.91 38.89
CA GLY A 439 10.18 37.18 38.47
C GLY A 439 11.67 37.29 38.76
N SER A 440 12.03 38.00 39.83
CA SER A 440 13.43 38.18 40.18
C SER A 440 14.07 36.85 40.54
N LYS A 441 15.22 36.57 39.95
CA LYS A 441 15.96 35.34 40.17
C LYS A 441 17.42 35.67 40.40
N ALA A 442 18.07 34.87 41.23
CA ALA A 442 19.48 35.09 41.49
C ALA A 442 20.28 34.53 40.32
N GLY A 443 21.18 35.33 39.76
CA GLY A 443 22.09 34.75 38.81
C GLY A 443 23.09 33.84 39.48
N ALA A 444 23.26 33.99 40.80
CA ALA A 444 24.14 33.09 41.53
C ALA A 444 23.58 31.68 41.59
N THR A 445 22.25 31.53 41.59
CA THR A 445 21.70 30.18 41.51
C THR A 445 22.00 29.56 40.16
N ALA A 446 22.08 30.37 39.10
CA ALA A 446 22.44 29.81 37.80
C ALA A 446 23.91 29.39 37.78
N ALA A 447 24.79 30.19 38.39
CA ALA A 447 26.20 29.83 38.43
C ALA A 447 26.44 28.54 39.20
N SER A 448 25.65 28.27 40.24
CA SER A 448 25.86 27.05 41.00
C SER A 448 25.39 25.83 40.21
N VAL A 449 24.32 25.98 39.43
CA VAL A 449 23.86 24.87 38.58
C VAL A 449 24.83 24.68 37.41
N TRP A 450 25.14 25.78 36.71
CA TRP A 450 26.08 25.72 35.61
C TRP A 450 27.38 25.05 36.04
N ALA A 451 27.92 25.47 37.19
CA ALA A 451 29.17 24.88 37.67
C ALA A 451 29.05 23.37 37.86
N ALA A 452 27.95 22.91 38.46
CA ALA A 452 27.78 21.47 38.68
C ALA A 452 27.69 20.73 37.36
N HIS A 453 26.88 21.23 36.43
CA HIS A 453 26.74 20.58 35.13
C HIS A 453 28.05 20.55 34.37
N HIS A 454 28.97 21.47 34.65
CA HIS A 454 30.19 21.59 33.88
C HIS A 454 31.41 20.99 34.57
N VAL A 455 31.32 20.73 35.87
CA VAL A 455 32.27 19.85 36.52
C VAL A 455 31.83 18.40 36.40
N LEU A 456 30.53 18.16 36.57
CA LEU A 456 29.95 16.82 36.46
C LEU A 456 29.06 16.79 35.23
N PRO A 457 29.54 16.25 34.10
CA PRO A 457 28.67 16.16 32.91
C PRO A 457 27.41 15.38 33.22
N LEU A 458 26.33 15.73 32.51
CA LEU A 458 25.03 15.12 32.71
C LEU A 458 24.87 13.78 32.00
N ASN A 459 25.89 12.93 32.05
CA ASN A 459 25.85 11.61 31.44
C ASN A 459 26.64 10.68 32.37
N VAL A 460 27.06 9.51 31.87
CA VAL A 460 27.71 8.54 32.74
C VAL A 460 29.14 8.94 33.11
N ALA A 461 29.68 9.98 32.46
CA ALA A 461 31.02 10.45 32.77
C ALA A 461 31.02 11.45 33.92
N GLY A 462 29.85 11.84 34.42
CA GLY A 462 29.78 12.73 35.55
C GLY A 462 28.66 12.35 36.49
N TYR A 463 27.48 12.96 36.30
CA TYR A 463 26.39 12.70 37.24
C TYR A 463 26.03 11.22 37.28
N GLY A 464 26.28 10.49 36.19
CA GLY A 464 26.03 9.06 36.23
C GLY A 464 26.71 8.42 37.41
N LYS A 465 27.97 8.80 37.65
CA LYS A 465 28.71 8.22 38.76
C LYS A 465 28.16 8.67 40.11
N LEU A 466 27.65 9.89 40.21
CA LEU A 466 27.09 10.34 41.47
C LEU A 466 25.75 9.67 41.75
N ILE A 467 24.87 9.63 40.75
CA ILE A 467 23.60 8.92 40.92
C ILE A 467 23.86 7.46 41.29
N GLY A 468 24.84 6.84 40.62
CA GLY A 468 25.11 5.43 40.85
C GLY A 468 25.57 5.14 42.26
N ALA A 469 26.33 6.05 42.87
CA ALA A 469 26.77 5.83 44.24
C ALA A 469 25.62 5.92 45.21
N SER A 470 24.63 6.77 44.90
CA SER A 470 23.45 6.86 45.76
C SER A 470 22.58 5.62 45.61
N ILE A 471 22.46 5.10 44.39
CA ILE A 471 21.66 3.89 44.18
C ILE A 471 22.33 2.70 44.84
N GLU A 472 23.61 2.46 44.51
CA GLU A 472 24.31 1.33 45.11
C GLU A 472 24.37 1.45 46.62
N GLY A 473 24.44 2.68 47.13
CA GLY A 473 24.42 2.85 48.58
C GLY A 473 23.06 2.55 49.18
N SER A 474 22.00 2.81 48.44
CA SER A 474 20.67 2.42 48.91
C SER A 474 20.51 0.90 48.91
N HIS A 475 21.13 0.20 47.96
CA HIS A 475 20.97 -1.24 47.90
C HIS A 475 21.68 -1.93 49.05
N HIS A 476 22.83 -1.42 49.48
CA HIS A 476 23.46 -2.01 50.67
C HIS A 476 22.58 -1.79 51.89
N PHE A 477 21.90 -0.65 51.96
CA PHE A 477 20.97 -0.39 53.04
C PHE A 477 19.81 -1.38 53.02
N TYR A 478 19.29 -1.69 51.83
CA TYR A 478 18.22 -2.67 51.71
C TYR A 478 18.62 -4.01 52.31
N ASN A 479 19.70 -4.61 51.79
CA ASN A 479 20.12 -5.92 52.27
C ASN A 479 20.57 -5.88 53.72
N PHE A 480 21.00 -4.72 54.21
CA PHE A 480 21.36 -4.61 55.62
C PHE A 480 20.13 -4.67 56.50
N LEU A 481 19.00 -4.12 56.04
CA LEU A 481 17.79 -4.08 56.86
C LEU A 481 17.05 -5.42 56.86
N ASN A 482 17.05 -6.12 55.73
CA ASN A 482 16.28 -7.37 55.63
C ASN A 482 16.76 -8.37 56.68
N ASP A 483 18.06 -8.56 56.75
CA ASP A 483 18.72 -9.48 57.66
C ASP A 483 18.74 -9.01 59.12
N LEU A 484 18.06 -7.89 59.39
CA LEU A 484 18.19 -7.27 60.74
C LEU A 484 17.16 -7.79 61.73
N THR A 485 17.64 -8.22 62.89
CA THR A 485 16.77 -8.71 63.97
C THR A 485 17.36 -8.17 65.25
N PHE A 486 16.53 -7.78 66.21
CA PHE A 486 17.07 -7.14 67.44
C PHE A 486 16.39 -7.78 68.65
N LYS A 487 17.17 -8.27 69.60
CA LYS A 487 16.60 -8.84 70.83
C LYS A 487 16.65 -7.77 71.92
N VAL A 488 15.53 -7.07 72.13
CA VAL A 488 15.46 -5.98 73.13
C VAL A 488 14.71 -6.54 74.34
N GLY A 489 15.45 -6.97 75.36
CA GLY A 489 14.81 -7.62 76.53
C GLY A 489 14.48 -9.04 76.17
N ASP A 490 13.33 -9.51 76.62
CA ASP A 490 12.88 -10.87 76.20
C ASP A 490 11.94 -10.66 75.02
N LYS A 491 12.20 -9.65 74.19
CA LYS A 491 11.38 -9.39 72.98
C LYS A 491 12.27 -9.57 71.76
N GLU A 492 11.69 -9.78 70.59
CA GLU A 492 12.53 -9.86 69.38
C GLU A 492 11.89 -8.99 68.28
N ILE A 493 12.51 -7.85 67.94
CA ILE A 493 11.96 -6.93 66.92
C ILE A 493 12.73 -7.14 65.62
N GLU A 494 12.04 -7.14 64.50
CA GLU A 494 12.68 -7.38 63.19
C GLU A 494 12.35 -6.21 62.29
N VAL A 495 13.07 -6.06 61.19
CA VAL A 495 12.87 -4.87 60.34
C VAL A 495 12.40 -5.34 58.98
N HIS A 496 11.42 -4.63 58.41
CA HIS A 496 10.85 -5.08 57.13
C HIS A 496 10.97 -3.95 56.13
N THR A 497 11.31 -4.29 54.90
CA THR A 497 11.42 -3.26 53.84
C THR A 497 10.05 -3.16 53.16
N LEU A 498 9.63 -1.95 52.82
CA LEU A 498 8.32 -1.76 52.17
C LEU A 498 8.38 -2.35 50.77
N THR A 499 9.32 -1.90 49.95
CA THR A 499 9.37 -2.38 48.56
C THR A 499 10.80 -2.32 48.06
N HIS A 500 11.08 -2.95 46.93
CA HIS A 500 12.42 -2.91 46.31
C HIS A 500 12.62 -1.51 45.72
N PRO A 501 13.69 -0.79 46.11
CA PRO A 501 13.91 0.55 45.61
C PRO A 501 13.93 0.68 44.08
N ASP A 502 13.08 1.53 43.51
CA ASP A 502 13.13 1.79 42.04
C ASP A 502 14.17 2.88 41.79
N PHE A 503 14.65 3.55 42.84
CA PHE A 503 15.71 4.59 42.71
C PHE A 503 16.66 4.49 43.91
N ASN A 504 16.57 5.45 44.84
CA ASN A 504 17.53 5.49 45.97
C ASN A 504 16.79 5.58 47.30
N MET A 505 15.47 5.47 47.28
CA MET A 505 14.68 5.55 48.52
C MET A 505 14.30 4.16 49.01
N VAL A 506 14.81 3.77 50.17
CA VAL A 506 14.52 2.44 50.77
C VAL A 506 13.66 2.69 52.00
N ASP A 507 12.47 2.09 52.04
CA ASP A 507 11.51 2.34 53.15
C ASP A 507 11.50 1.12 54.07
N TYR A 508 11.21 1.33 55.34
CA TYR A 508 11.31 0.19 56.27
C TYR A 508 10.40 0.37 57.47
N VAL A 509 10.04 -0.74 58.10
CA VAL A 509 9.17 -0.71 59.31
C VAL A 509 9.79 -1.63 60.35
N PHE A 510 9.50 -1.41 61.63
CA PHE A 510 9.99 -2.32 62.67
C PHE A 510 8.75 -2.97 63.26
N LYS A 511 8.80 -4.26 63.60
CA LYS A 511 7.59 -4.97 64.07
C LYS A 511 7.94 -5.98 65.15
N GLU A 512 7.12 -6.09 66.21
CA GLU A 512 7.34 -7.14 67.23
C GLU A 512 7.02 -8.49 66.58
N LYS A 513 7.93 -9.45 66.71
CA LYS A 513 7.79 -10.76 66.01
C LYS A 513 6.35 -11.27 66.09
N GLY A 514 5.72 -11.26 67.27
CA GLY A 514 4.37 -11.85 67.38
C GLY A 514 3.29 -10.86 67.74
N ASN A 515 3.35 -9.64 67.21
CA ASN A 515 2.35 -8.60 67.56
C ASN A 515 1.49 -8.34 66.34
N ASP A 516 0.23 -8.79 66.37
CA ASP A 516 -0.69 -8.64 65.22
C ASP A 516 -1.33 -7.25 65.25
N ASP A 517 -0.87 -6.39 66.16
CA ASP A 517 -1.41 -5.02 66.23
C ASP A 517 -0.67 -4.14 65.24
N LEU A 518 -1.38 -3.67 64.21
CA LEU A 518 -0.78 -2.75 63.22
C LEU A 518 -0.74 -1.37 63.86
N VAL A 519 -1.61 -1.14 64.84
CA VAL A 519 -1.60 0.16 65.56
C VAL A 519 -0.31 0.22 66.38
N ALA A 520 0.05 -0.91 66.98
CA ALA A 520 1.25 -0.91 67.84
C ALA A 520 2.49 -0.84 66.96
N MET A 521 2.47 -1.54 65.83
CA MET A 521 3.67 -1.54 64.98
C MET A 521 3.92 -0.08 64.61
N ASN A 522 2.83 0.66 64.40
CA ASN A 522 2.96 2.07 63.97
C ASN A 522 3.45 2.92 65.13
N LYS A 523 3.21 2.48 66.36
CA LYS A 523 3.73 3.23 67.51
C LYS A 523 5.20 2.86 67.74
N LEU A 524 5.63 1.69 67.26
CA LEU A 524 7.08 1.36 67.38
C LEU A 524 7.83 2.26 66.41
N ASN A 525 7.40 2.28 65.16
CA ASN A 525 8.11 3.07 64.14
C ASN A 525 8.05 4.54 64.51
N HIS A 526 6.93 5.02 65.01
CA HIS A 526 6.77 6.46 65.31
C HIS A 526 7.49 6.81 66.60
N ASP A 527 7.94 5.82 67.35
CA ASP A 527 8.74 6.14 68.54
C ASP A 527 10.20 6.11 68.10
N VAL A 528 10.51 5.24 67.14
CA VAL A 528 11.89 5.17 66.58
C VAL A 528 12.16 6.52 65.91
N TYR A 529 11.23 7.03 65.12
CA TYR A 529 11.41 8.37 64.51
C TYR A 529 11.67 9.38 65.61
N ASP A 530 10.89 9.34 66.68
CA ASP A 530 11.02 10.36 67.75
C ASP A 530 12.45 10.36 68.31
N TYR A 531 13.08 9.21 68.38
CA TYR A 531 14.44 9.14 68.97
C TYR A 531 15.48 9.34 67.88
N ALA A 532 15.11 9.09 66.63
CA ALA A 532 16.02 9.28 65.48
C ALA A 532 15.59 10.53 64.73
N SER A 533 15.41 11.62 65.46
CA SER A 533 15.04 12.92 64.84
C SER A 533 15.39 14.04 65.82
N TYR A 534 14.89 15.24 65.55
CA TYR A 534 15.12 16.42 66.41
C TYR A 534 14.24 16.32 67.65
N VAL A 535 13.20 15.52 67.60
CA VAL A 535 12.20 15.42 68.71
C VAL A 535 12.87 15.07 70.02
N LYS A 536 13.44 13.88 70.11
CA LYS A 536 13.99 13.45 71.42
C LYS A 536 15.50 13.59 71.44
N GLY A 537 16.02 14.58 72.17
CA GLY A 537 17.47 14.67 72.34
C GLY A 537 18.11 15.75 71.53
N ASN A 538 19.35 16.06 71.86
CA ASN A 538 20.13 17.01 71.05
C ASN A 538 20.52 16.23 69.81
N ILE A 539 20.35 16.81 68.62
CA ILE A 539 20.61 16.06 67.36
C ILE A 539 22.11 15.95 67.12
N TYR A 540 22.92 16.64 67.91
CA TYR A 540 24.40 16.60 67.72
C TYR A 540 24.94 15.34 68.41
N ASN A 541 24.07 14.68 69.18
CA ASN A 541 24.41 13.41 69.85
C ASN A 541 23.55 12.28 69.31
N ASN A 542 22.90 12.48 68.17
CA ASN A 542 22.10 11.40 67.54
C ASN A 542 22.99 10.58 66.62
N GLU A 543 23.04 9.27 66.85
CA GLU A 543 23.93 8.39 66.08
C GLU A 543 23.19 7.81 64.88
N PHE A 544 21.92 8.15 64.73
CA PHE A 544 21.12 7.69 63.56
C PHE A 544 19.94 8.64 63.40
N ILE A 545 19.70 9.13 62.19
CA ILE A 545 18.55 10.04 61.91
C ILE A 545 17.82 9.50 60.68
N THR A 546 16.49 9.44 60.73
CA THR A 546 15.68 8.98 59.57
C THR A 546 14.43 9.85 59.41
N SER A 547 13.54 9.51 58.48
CA SER A 547 12.26 10.23 58.27
C SER A 547 11.10 9.27 58.46
N HIS A 548 9.90 9.80 58.64
CA HIS A 548 8.69 8.97 58.87
C HIS A 548 7.58 9.46 57.96
N THR A 549 6.71 8.55 57.55
CA THR A 549 5.55 8.92 56.71
C THR A 549 4.43 7.95 57.00
N ASP A 550 3.19 8.43 56.93
CA ASP A 550 2.05 7.56 57.26
C ASP A 550 1.29 7.33 55.95
N PHE A 551 1.28 6.10 55.45
CA PHE A 551 0.52 5.74 54.22
C PHE A 551 -0.90 5.39 54.68
N ALA A 552 -1.90 6.19 54.30
CA ALA A 552 -3.26 6.01 54.84
C ALA A 552 -4.26 5.65 53.75
N ILE A 553 -5.24 4.81 54.09
CA ILE A 553 -6.24 4.34 53.10
C ILE A 553 -6.84 5.54 52.37
N PRO A 554 -7.23 6.63 53.04
CA PRO A 554 -7.71 7.80 52.34
C PRO A 554 -6.90 8.24 51.12
N ASP A 555 -5.57 8.15 51.16
CA ASP A 555 -4.77 8.73 50.04
C ASP A 555 -3.92 7.66 49.37
N TYR A 556 -3.95 6.43 49.86
CA TYR A 556 -3.07 5.36 49.30
C TYR A 556 -3.90 4.13 48.97
N GLY A 557 -5.10 4.02 49.56
CA GLY A 557 -5.98 2.90 49.27
C GLY A 557 -5.55 1.64 49.95
N ASN A 558 -5.77 0.52 49.29
CA ASN A 558 -5.32 -0.77 49.84
C ASN A 558 -4.02 -1.09 49.10
N SER A 559 -3.35 -0.05 48.62
CA SER A 559 -2.02 -0.26 48.02
C SER A 559 -1.06 -0.84 49.05
N PRO A 560 -1.01 -0.44 50.33
CA PRO A 560 -0.09 -1.08 51.27
C PRO A 560 -0.62 -2.37 51.89
N LEU A 561 -1.59 -3.01 51.26
CA LEU A 561 -2.21 -4.19 51.89
C LEU A 561 -1.33 -5.43 51.66
N LYS A 562 -0.89 -5.69 50.44
CA LYS A 562 0.03 -6.82 50.18
C LYS A 562 1.14 -6.79 51.23
N PHE A 563 1.77 -5.64 51.47
CA PHE A 563 2.92 -5.53 52.41
C PHE A 563 2.47 -5.80 53.84
N VAL A 564 1.38 -5.17 54.24
CA VAL A 564 0.88 -5.34 55.64
C VAL A 564 0.44 -6.79 55.82
N ASN A 565 -0.01 -7.43 54.75
CA ASN A 565 -0.48 -8.84 54.81
C ASN A 565 0.72 -9.77 54.93
N SER A 566 1.82 -9.42 54.29
CA SER A 566 3.03 -10.27 54.33
C SER A 566 3.67 -10.22 55.71
N LEU A 567 3.18 -9.36 56.59
CA LEU A 567 3.82 -9.18 57.91
C LEU A 567 2.97 -9.84 58.98
N GLY A 568 1.80 -10.33 58.59
CA GLY A 568 0.91 -11.02 59.55
C GLY A 568 -0.28 -10.18 59.93
N PHE A 569 -0.63 -9.19 59.11
CA PHE A 569 -1.75 -8.29 59.46
C PHE A 569 -2.96 -8.61 58.58
N SER A 570 -4.14 -8.58 59.19
CA SER A 570 -5.38 -8.94 58.45
C SER A 570 -6.00 -7.71 57.83
N ASP A 571 -6.88 -7.92 56.86
CA ASP A 571 -7.48 -6.77 56.15
C ASP A 571 -8.44 -6.08 57.11
N GLU A 572 -8.72 -6.72 58.23
CA GLU A 572 -9.60 -6.11 59.27
C GLU A 572 -8.76 -5.21 60.16
N GLU A 573 -7.59 -5.67 60.62
CA GLU A 573 -6.66 -4.80 61.40
C GLU A 573 -6.20 -3.66 60.50
N TRP A 574 -5.97 -3.94 59.22
CA TRP A 574 -5.57 -2.88 58.28
C TRP A 574 -6.66 -1.84 58.19
N ASN A 575 -7.90 -2.27 58.04
CA ASN A 575 -9.01 -1.31 57.82
C ASN A 575 -9.32 -0.59 59.12
N ARG A 576 -8.89 -1.18 60.23
CA ARG A 576 -9.10 -0.56 61.55
C ARG A 576 -8.10 0.57 61.68
N ALA A 577 -6.81 0.24 61.80
CA ALA A 577 -5.74 1.23 61.97
C ALA A 577 -5.83 2.32 60.90
N GLY A 578 -5.97 1.92 59.64
CA GLY A 578 -6.22 2.92 58.59
C GLY A 578 -4.94 3.41 57.96
N LYS A 579 -3.81 3.11 58.60
CA LYS A 579 -2.54 3.64 58.10
C LYS A 579 -1.42 2.71 58.54
N VAL A 580 -0.35 2.67 57.76
CA VAL A 580 0.85 1.93 58.19
C VAL A 580 1.91 3.04 58.32
N THR A 581 2.58 3.12 59.45
CA THR A 581 3.68 4.11 59.59
C THR A 581 4.97 3.45 59.10
N VAL A 582 5.58 3.99 58.04
CA VAL A 582 6.85 3.44 57.49
C VAL A 582 7.97 4.46 57.74
N LEU A 583 9.21 3.99 57.85
CA LEU A 583 10.36 4.91 58.02
C LEU A 583 10.99 5.08 56.64
N ARG A 584 11.35 6.30 56.25
CA ARG A 584 11.83 6.58 54.88
C ARG A 584 13.33 6.85 54.89
N ALA A 585 14.04 6.36 53.88
CA ALA A 585 15.49 6.61 53.78
C ALA A 585 15.88 6.89 52.35
N ALA A 586 15.70 8.12 51.89
CA ALA A 586 16.20 8.46 50.55
C ALA A 586 17.72 8.54 50.67
N VAL A 587 18.42 7.46 50.36
CA VAL A 587 19.89 7.42 50.56
C VAL A 587 20.57 8.29 49.51
N MET A 588 21.09 9.44 49.90
CA MET A 588 21.73 10.38 48.95
C MET A 588 23.22 10.52 49.31
N THR A 589 23.69 9.81 50.35
CA THR A 589 25.13 9.83 50.71
C THR A 589 25.93 9.36 49.50
N PRO A 590 27.05 10.01 49.15
CA PRO A 590 27.89 9.55 48.06
C PRO A 590 29.04 8.67 48.57
N TYR A 591 28.98 8.26 49.83
CA TYR A 591 30.09 7.52 50.46
C TYR A 591 29.68 6.11 50.86
N MET A 592 28.60 5.59 50.30
CA MET A 592 28.11 4.26 50.74
C MET A 592 28.01 3.30 49.55
N ASN A 593 28.72 3.60 48.47
CA ASN A 593 28.73 2.76 47.24
C ASN A 593 29.62 1.54 47.46
N ASP A 594 30.76 1.71 48.13
CA ASP A 594 31.68 0.59 48.42
C ASP A 594 31.14 -0.20 49.61
N LYS A 595 31.03 -1.51 49.48
CA LYS A 595 30.46 -2.35 50.56
C LYS A 595 31.36 -2.24 51.80
N GLU A 596 32.66 -2.11 51.58
CA GLU A 596 33.60 -2.01 52.71
C GLU A 596 33.30 -0.74 53.51
N GLU A 597 32.96 0.36 52.85
CA GLU A 597 32.76 1.61 53.62
C GLU A 597 31.45 1.50 54.38
N PHE A 598 30.43 0.92 53.76
CA PHE A 598 29.12 0.73 54.42
C PHE A 598 29.30 -0.20 55.60
N ASP A 599 30.06 -1.25 55.39
CA ASP A 599 30.23 -2.28 56.45
C ASP A 599 30.91 -1.65 57.66
N VAL A 600 31.44 -0.45 57.52
CA VAL A 600 32.10 0.28 58.64
C VAL A 600 31.02 1.02 59.41
N TYR A 601 29.99 1.48 58.72
CA TYR A 601 28.95 2.30 59.38
C TYR A 601 27.73 1.45 59.74
N ALA A 602 27.66 0.24 59.22
CA ALA A 602 26.54 -0.68 59.52
C ALA A 602 26.53 -0.99 61.00
N PRO A 603 27.63 -1.47 61.60
CA PRO A 603 27.67 -1.71 63.04
C PRO A 603 27.24 -0.49 63.85
N LYS A 604 27.44 0.72 63.32
CA LYS A 604 27.11 1.97 64.05
C LYS A 604 25.63 2.28 63.93
N ILE A 605 25.02 1.97 62.80
CA ILE A 605 23.55 2.15 62.63
C ILE A 605 22.86 1.12 63.54
N GLN A 606 23.43 -0.08 63.62
CA GLN A 606 22.79 -1.16 64.40
C GLN A 606 22.93 -0.87 65.88
N ALA A 607 24.05 -0.30 66.30
CA ALA A 607 24.27 -0.09 67.75
C ALA A 607 23.35 1.02 68.20
N ALA A 608 23.01 1.89 67.26
CA ALA A 608 22.16 3.04 67.59
C ALA A 608 20.71 2.58 67.67
N LEU A 609 20.27 1.84 66.66
CA LEU A 609 18.87 1.40 66.61
C LEU A 609 18.62 0.46 67.78
N GLN A 610 19.63 -0.29 68.19
CA GLN A 610 19.49 -1.16 69.37
C GLN A 610 19.23 -0.29 70.59
N GLU A 611 20.09 0.69 70.83
CA GLU A 611 19.95 1.48 72.06
C GLU A 611 18.65 2.27 72.00
N LYS A 612 18.27 2.72 70.81
CA LYS A 612 16.99 3.46 70.67
C LYS A 612 15.85 2.53 71.04
N LEU A 613 15.85 1.30 70.51
CA LEU A 613 14.79 0.33 70.83
C LEU A 613 14.84 -0.03 72.31
N GLU A 614 16.04 -0.08 72.89
CA GLU A 614 16.20 -0.46 74.32
C GLU A 614 15.71 0.67 75.22
N GLN A 615 15.32 1.80 74.63
CA GLN A 615 14.91 2.98 75.43
C GLN A 615 13.40 3.18 75.34
N ILE A 616 12.76 2.59 74.33
CA ILE A 616 11.29 2.71 74.19
C ILE A 616 10.64 1.47 74.78
N TYR A 617 11.41 0.63 75.46
CA TYR A 617 10.89 -0.64 76.00
C TYR A 617 11.30 -0.81 77.46
N ASP A 618 12.00 0.17 78.02
CA ASP A 618 12.33 0.10 79.46
C ASP A 618 11.67 1.30 80.15
N LEU B 6 -35.54 14.27 -21.54
CA LEU B 6 -35.10 13.57 -20.29
C LEU B 6 -34.96 14.58 -19.16
N ALA B 7 -35.69 14.37 -18.07
CA ALA B 7 -35.69 15.34 -16.97
C ALA B 7 -34.60 15.00 -15.98
N LYS B 8 -34.63 15.60 -14.80
CA LYS B 8 -33.51 15.40 -13.85
C LYS B 8 -33.40 13.94 -13.45
N GLY B 9 -34.44 13.35 -12.87
CA GLY B 9 -34.31 11.96 -12.40
C GLY B 9 -35.23 11.01 -13.12
N GLU B 10 -35.29 11.10 -14.45
CA GLU B 10 -36.21 10.27 -15.25
C GLU B 10 -35.45 9.07 -15.80
N MET B 11 -34.15 9.03 -15.61
CA MET B 11 -33.41 7.83 -16.03
C MET B 11 -34.03 6.65 -15.30
N ASN B 12 -34.85 5.86 -16.00
CA ASN B 12 -35.35 4.62 -15.36
C ASN B 12 -34.31 3.54 -15.66
N LEU B 13 -33.48 3.22 -14.68
CA LEU B 13 -32.44 2.19 -14.86
C LEU B 13 -33.10 0.82 -15.05
N ASN B 14 -34.38 0.71 -14.72
CA ASN B 14 -35.11 -0.56 -14.88
C ASN B 14 -35.23 -0.86 -16.38
N ALA B 15 -34.79 0.04 -17.24
CA ALA B 15 -34.83 -0.19 -18.68
C ALA B 15 -33.47 -0.48 -19.27
N LEU B 16 -32.40 -0.39 -18.49
CA LEU B 16 -31.05 -0.59 -19.00
C LEU B 16 -30.46 -1.93 -18.57
N PHE B 17 -31.31 -2.85 -18.15
CA PHE B 17 -30.90 -4.17 -17.71
C PHE B 17 -31.85 -5.20 -18.28
N ILE B 18 -31.32 -6.39 -18.55
CA ILE B 18 -32.19 -7.47 -19.03
C ILE B 18 -33.25 -7.77 -17.99
N GLY B 19 -32.86 -7.84 -16.73
CA GLY B 19 -33.82 -8.00 -15.64
C GLY B 19 -33.50 -9.18 -14.74
N ASP B 20 -33.87 -9.05 -13.46
CA ASP B 20 -33.64 -10.13 -12.51
C ASP B 20 -34.38 -11.40 -12.90
N LYS B 21 -35.54 -11.27 -13.51
CA LYS B 21 -36.29 -12.40 -14.04
C LYS B 21 -36.63 -12.14 -15.50
N ALA B 22 -35.64 -11.57 -16.21
CA ALA B 22 -35.70 -11.32 -17.65
C ALA B 22 -36.94 -10.53 -18.08
N GLU B 23 -37.27 -9.49 -17.30
CA GLU B 23 -38.46 -8.71 -17.59
C GLU B 23 -38.29 -7.89 -18.86
N ASN B 24 -37.08 -7.42 -19.14
CA ASN B 24 -36.78 -6.68 -20.37
C ASN B 24 -36.16 -7.58 -21.42
N GLY B 25 -36.51 -8.88 -21.39
CA GLY B 25 -35.87 -9.84 -22.28
C GLY B 25 -36.26 -9.69 -23.74
N GLN B 26 -37.50 -9.31 -24.02
CA GLN B 26 -37.87 -9.08 -25.41
C GLN B 26 -37.17 -7.85 -25.96
N LEU B 27 -37.16 -6.76 -25.20
CA LEU B 27 -36.45 -5.56 -25.62
C LEU B 27 -35.01 -5.89 -26.03
N TYR B 28 -34.31 -6.64 -25.18
CA TYR B 28 -32.94 -7.03 -25.50
C TYR B 28 -32.91 -7.83 -26.79
N LYS B 29 -33.76 -8.85 -26.89
CA LYS B 29 -33.77 -9.70 -28.08
C LYS B 29 -34.14 -8.88 -29.31
N ASP B 30 -35.07 -7.95 -29.17
CA ASP B 30 -35.49 -7.14 -30.32
C ASP B 30 -34.36 -6.23 -30.78
N LEU B 31 -33.76 -5.49 -29.85
CA LEU B 31 -32.66 -4.61 -30.22
C LEU B 31 -31.44 -5.39 -30.69
N LEU B 32 -31.22 -6.59 -30.16
CA LEU B 32 -30.09 -7.38 -30.58
C LEU B 32 -30.24 -7.78 -32.05
N ILE B 33 -31.36 -8.41 -32.39
CA ILE B 33 -31.56 -8.86 -33.76
C ILE B 33 -31.71 -7.66 -34.69
N ASP B 34 -32.23 -6.54 -34.18
CA ASP B 34 -32.29 -5.35 -35.00
C ASP B 34 -30.89 -4.84 -35.33
N LEU B 35 -29.96 -4.99 -34.38
CA LEU B 35 -28.57 -4.60 -34.63
C LEU B 35 -27.87 -5.60 -35.54
N VAL B 36 -28.11 -6.90 -35.35
CA VAL B 36 -27.52 -7.89 -36.24
C VAL B 36 -27.95 -7.64 -37.67
N ASP B 37 -29.24 -7.38 -37.88
CA ASP B 37 -29.74 -7.18 -39.24
C ASP B 37 -29.04 -6.01 -39.89
N GLU B 38 -28.77 -4.96 -39.10
CA GLU B 38 -28.12 -3.76 -39.65
C GLU B 38 -26.68 -4.06 -40.06
N HIS B 39 -26.01 -4.95 -39.34
CA HIS B 39 -24.66 -5.32 -39.75
C HIS B 39 -24.71 -6.21 -40.98
N LEU B 40 -25.65 -7.16 -41.01
CA LEU B 40 -25.77 -8.04 -42.17
C LEU B 40 -26.03 -7.24 -43.45
N GLY B 41 -26.90 -6.23 -43.36
CA GLY B 41 -27.14 -5.38 -44.52
C GLY B 41 -25.90 -4.62 -44.94
N TRP B 42 -25.16 -4.09 -43.96
CA TRP B 42 -23.88 -3.45 -44.27
C TRP B 42 -22.98 -4.39 -45.06
N ARG B 43 -22.97 -5.67 -44.68
CA ARG B 43 -22.18 -6.65 -45.42
C ARG B 43 -22.69 -6.78 -46.85
N GLN B 44 -24.00 -6.97 -47.01
CA GLN B 44 -24.54 -7.29 -48.34
C GLN B 44 -24.38 -6.13 -49.31
N ASN B 45 -24.34 -4.90 -48.81
CA ASN B 45 -24.28 -3.74 -49.68
C ASN B 45 -22.88 -3.16 -49.78
N TYR B 46 -21.89 -3.85 -49.25
CA TYR B 46 -20.50 -3.63 -49.63
C TYR B 46 -20.27 -4.35 -50.96
N MET B 47 -20.08 -3.59 -52.03
CA MET B 47 -19.98 -4.17 -53.37
C MET B 47 -21.20 -5.04 -53.61
N PRO B 48 -22.39 -4.44 -53.76
CA PRO B 48 -23.60 -5.24 -53.97
C PRO B 48 -23.57 -6.05 -55.26
N GLN B 49 -22.60 -5.82 -56.14
CA GLN B 49 -22.51 -6.58 -57.38
C GLN B 49 -21.93 -7.97 -57.19
N ASP B 50 -21.20 -8.21 -56.08
CA ASP B 50 -20.54 -9.48 -55.87
C ASP B 50 -21.56 -10.58 -55.56
N MET B 51 -21.39 -11.78 -56.21
CA MET B 51 -22.44 -12.73 -55.86
C MET B 51 -22.02 -13.63 -54.70
N PRO B 52 -23.00 -14.04 -53.89
CA PRO B 52 -22.71 -14.87 -52.71
C PRO B 52 -21.84 -16.07 -53.03
N VAL B 53 -20.73 -16.19 -52.30
CA VAL B 53 -19.80 -17.30 -52.53
C VAL B 53 -20.35 -18.58 -51.90
N ILE B 54 -21.04 -18.47 -50.77
CA ILE B 54 -21.74 -19.62 -50.20
C ILE B 54 -23.04 -19.76 -50.97
N SER B 55 -23.19 -20.83 -51.72
CA SER B 55 -24.39 -21.03 -52.56
C SER B 55 -25.61 -21.46 -51.76
N SER B 56 -26.76 -21.61 -52.40
CA SER B 56 -28.00 -22.06 -51.73
C SER B 56 -27.98 -23.57 -51.66
N GLN B 57 -27.36 -24.21 -52.64
CA GLN B 57 -27.32 -25.68 -52.74
C GLN B 57 -26.35 -26.20 -51.69
N GLU B 58 -25.34 -25.40 -51.35
CA GLU B 58 -24.41 -25.80 -50.27
C GLU B 58 -25.17 -25.76 -48.95
N ARG B 59 -26.03 -24.78 -48.78
CA ARG B 59 -26.73 -24.61 -47.49
C ARG B 59 -27.82 -25.65 -47.28
N THR B 60 -27.99 -26.59 -48.21
CA THR B 60 -28.97 -27.70 -48.07
C THR B 60 -28.25 -29.03 -48.33
N SER B 61 -26.94 -29.04 -48.14
CA SER B 61 -26.15 -30.26 -48.40
C SER B 61 -26.07 -31.08 -47.12
N LYS B 62 -25.72 -32.36 -47.24
CA LYS B 62 -25.58 -33.24 -46.06
C LYS B 62 -24.35 -32.76 -45.27
N SER B 63 -23.28 -32.41 -45.95
CA SER B 63 -22.06 -31.88 -45.30
C SER B 63 -22.46 -30.73 -44.39
N TYR B 64 -23.08 -29.71 -44.94
CA TYR B 64 -23.52 -28.52 -44.17
C TYR B 64 -24.45 -28.95 -43.05
N GLU B 65 -25.50 -29.70 -43.38
CA GLU B 65 -26.48 -30.09 -42.35
C GLU B 65 -25.77 -30.82 -41.23
N LYS B 66 -24.90 -31.76 -41.57
CA LYS B 66 -24.23 -32.52 -40.51
C LYS B 66 -23.23 -31.65 -39.76
N THR B 67 -22.62 -30.67 -40.43
CA THR B 67 -21.74 -29.75 -39.72
C THR B 67 -22.54 -28.82 -38.81
N VAL B 68 -23.75 -28.44 -39.23
CA VAL B 68 -24.59 -27.60 -38.39
C VAL B 68 -25.06 -28.39 -37.17
N ASN B 69 -25.40 -29.66 -37.35
CA ASN B 69 -25.81 -30.46 -36.20
C ASN B 69 -24.66 -30.67 -35.22
N HIS B 70 -23.42 -30.60 -35.72
CA HIS B 70 -22.28 -30.78 -34.83
C HIS B 70 -22.02 -29.50 -34.03
N MET B 71 -22.09 -28.34 -34.69
CA MET B 71 -22.04 -27.08 -33.97
C MET B 71 -23.15 -27.00 -32.92
N LYS B 72 -24.37 -27.39 -33.31
CA LYS B 72 -25.48 -27.41 -32.35
C LYS B 72 -25.13 -28.27 -31.15
N ASP B 73 -24.48 -29.40 -31.39
CA ASP B 73 -24.16 -30.29 -30.28
C ASP B 73 -23.11 -29.70 -29.37
N VAL B 74 -22.17 -28.93 -29.93
CA VAL B 74 -21.16 -28.28 -29.11
C VAL B 74 -21.79 -27.17 -28.29
N LEU B 75 -22.72 -26.43 -28.88
CA LEU B 75 -23.37 -25.33 -28.18
C LEU B 75 -24.33 -25.83 -27.11
N ASN B 76 -24.95 -26.98 -27.33
CA ASN B 76 -25.82 -27.53 -26.29
C ASN B 76 -25.01 -27.97 -25.09
N GLU B 77 -23.74 -28.31 -25.32
CA GLU B 77 -22.85 -28.68 -24.23
C GLU B 77 -22.46 -27.45 -23.43
N ILE B 78 -21.99 -26.41 -24.11
CA ILE B 78 -21.73 -25.13 -23.45
C ILE B 78 -22.97 -24.68 -22.67
N SER B 79 -24.14 -24.81 -23.29
CA SER B 79 -25.36 -24.36 -22.63
C SER B 79 -25.60 -25.12 -21.34
N SER B 80 -25.50 -26.45 -21.38
CA SER B 80 -25.66 -27.23 -20.17
C SER B 80 -24.63 -26.85 -19.12
N ARG B 81 -23.37 -26.71 -19.52
CA ARG B 81 -22.34 -26.45 -18.53
C ARG B 81 -22.46 -25.02 -17.96
N MET B 82 -22.84 -24.05 -18.80
CA MET B 82 -23.02 -22.69 -18.30
C MET B 82 -24.22 -22.61 -17.38
N ARG B 83 -25.25 -23.42 -17.63
CA ARG B 83 -26.50 -23.34 -16.88
C ARG B 83 -26.51 -24.21 -15.62
N THR B 84 -25.47 -25.00 -15.37
CA THR B 84 -25.39 -25.71 -14.11
C THR B 84 -24.44 -25.04 -13.13
N HIS B 85 -23.36 -24.44 -13.62
CA HIS B 85 -22.29 -24.00 -12.74
C HIS B 85 -22.14 -22.49 -12.61
N SER B 86 -22.79 -21.70 -13.47
CA SER B 86 -22.60 -20.26 -13.37
C SER B 86 -23.33 -19.71 -12.15
N VAL B 87 -22.90 -18.52 -11.72
CA VAL B 87 -23.35 -17.92 -10.47
C VAL B 87 -24.56 -17.05 -10.73
N PRO B 88 -25.64 -17.18 -9.94
CA PRO B 88 -26.89 -16.45 -10.21
C PRO B 88 -26.89 -15.03 -9.65
N TRP B 89 -25.82 -14.27 -9.94
CA TRP B 89 -25.83 -12.89 -9.42
C TRP B 89 -26.77 -11.97 -10.17
N HIS B 90 -27.63 -12.44 -11.06
CA HIS B 90 -28.64 -11.59 -11.67
C HIS B 90 -29.80 -11.29 -10.75
N THR B 91 -29.95 -12.08 -9.69
CA THR B 91 -31.09 -11.94 -8.79
C THR B 91 -31.05 -10.58 -8.08
N ALA B 92 -32.24 -10.03 -7.84
CA ALA B 92 -32.33 -8.66 -7.30
C ALA B 92 -31.76 -8.58 -5.89
N GLY B 93 -31.91 -9.63 -5.09
CA GLY B 93 -31.47 -9.53 -3.70
C GLY B 93 -31.18 -10.84 -3.00
N ARG B 94 -30.63 -11.83 -3.72
CA ARG B 94 -30.15 -13.05 -3.10
C ARG B 94 -28.65 -13.25 -3.23
N TYR B 95 -27.97 -12.48 -4.09
CA TYR B 95 -26.53 -12.53 -4.19
C TYR B 95 -25.96 -11.31 -3.47
N TRP B 96 -25.21 -11.57 -2.40
CA TRP B 96 -24.56 -10.53 -1.61
C TRP B 96 -23.11 -10.95 -1.41
N GLY B 97 -22.33 -10.84 -2.48
CA GLY B 97 -20.95 -11.28 -2.43
C GLY B 97 -19.97 -10.48 -3.26
N HIS B 98 -19.56 -11.02 -4.41
CA HIS B 98 -18.48 -10.43 -5.17
C HIS B 98 -18.95 -9.16 -5.90
N MET B 99 -18.00 -8.45 -6.50
CA MET B 99 -18.30 -7.21 -7.21
C MET B 99 -19.00 -7.51 -8.53
N ASN B 100 -20.17 -8.15 -8.48
CA ASN B 100 -20.84 -8.64 -9.68
C ASN B 100 -22.35 -8.54 -9.54
N SER B 101 -23.00 -7.91 -10.51
CA SER B 101 -24.45 -8.06 -10.69
C SER B 101 -24.76 -8.22 -12.18
N GLU B 102 -25.87 -7.63 -12.63
CA GLU B 102 -26.08 -7.56 -14.07
C GLU B 102 -25.15 -6.50 -14.66
N THR B 103 -25.11 -6.46 -15.99
CA THR B 103 -24.41 -5.42 -16.71
C THR B 103 -25.41 -4.68 -17.58
N LEU B 104 -25.04 -3.47 -17.96
CA LEU B 104 -25.97 -2.60 -18.68
C LEU B 104 -26.36 -3.23 -20.01
N MET B 105 -27.67 -3.27 -20.28
CA MET B 105 -28.14 -3.78 -21.57
C MET B 105 -27.47 -3.06 -22.73
N PRO B 106 -27.38 -1.73 -22.75
CA PRO B 106 -26.78 -1.04 -23.90
C PRO B 106 -25.35 -1.44 -24.19
N SER B 107 -24.57 -1.83 -23.19
CA SER B 107 -23.20 -2.23 -23.47
C SER B 107 -23.15 -3.66 -24.00
N LEU B 108 -23.97 -4.55 -23.44
CA LEU B 108 -24.07 -5.90 -23.99
C LEU B 108 -24.44 -5.85 -25.46
N LEU B 109 -25.39 -4.99 -25.82
CA LEU B 109 -25.83 -4.91 -27.21
C LEU B 109 -24.71 -4.40 -28.10
N ALA B 110 -23.97 -3.40 -27.64
CA ALA B 110 -22.92 -2.80 -28.46
C ALA B 110 -21.69 -3.69 -28.60
N TYR B 111 -21.43 -4.59 -27.65
CA TYR B 111 -20.29 -5.50 -27.83
C TYR B 111 -20.57 -6.52 -28.92
N ASN B 112 -21.69 -7.22 -28.81
CA ASN B 112 -22.04 -8.22 -29.81
C ASN B 112 -22.15 -7.59 -31.19
N PHE B 113 -22.77 -6.41 -31.26
CA PHE B 113 -22.86 -5.68 -32.52
C PHE B 113 -21.48 -5.39 -33.09
N ALA B 114 -20.61 -4.78 -32.29
CA ALA B 114 -19.31 -4.36 -32.78
C ALA B 114 -18.37 -5.52 -32.97
N MET B 115 -18.63 -6.65 -32.30
CA MET B 115 -17.82 -7.84 -32.48
C MET B 115 -17.99 -8.44 -33.87
N LEU B 116 -19.12 -8.18 -34.54
CA LEU B 116 -19.36 -8.67 -35.89
C LEU B 116 -18.45 -8.00 -36.91
N TRP B 117 -17.81 -6.89 -36.54
CA TRP B 117 -16.78 -6.26 -37.34
C TRP B 117 -15.38 -6.64 -36.88
N ASN B 118 -15.28 -7.17 -35.67
CA ASN B 118 -14.04 -7.61 -35.04
C ASN B 118 -12.87 -6.67 -35.33
N GLY B 119 -13.05 -5.41 -34.92
CA GLY B 119 -12.00 -4.44 -35.10
C GLY B 119 -10.92 -4.57 -34.04
N ASN B 120 -9.68 -4.27 -34.44
CA ASN B 120 -8.53 -4.26 -33.55
C ASN B 120 -8.12 -2.81 -33.32
N ASN B 121 -8.32 -2.34 -32.09
CA ASN B 121 -8.08 -0.94 -31.78
C ASN B 121 -6.60 -0.61 -31.64
N VAL B 122 -5.70 -1.59 -31.81
CA VAL B 122 -4.28 -1.28 -31.74
C VAL B 122 -3.83 -0.42 -32.92
N ALA B 123 -4.62 -0.35 -33.98
CA ALA B 123 -4.27 0.42 -35.17
C ALA B 123 -5.53 0.98 -35.82
N TYR B 124 -5.52 2.28 -36.10
CA TYR B 124 -6.69 2.94 -36.68
C TYR B 124 -7.12 2.31 -38.01
N GLU B 125 -6.19 1.79 -38.82
CA GLU B 125 -6.61 1.17 -40.08
C GLU B 125 -7.51 -0.01 -39.83
N SER B 126 -7.46 -0.53 -38.60
CA SER B 126 -8.11 -1.77 -38.21
C SER B 126 -9.36 -1.56 -37.39
N SER B 127 -9.73 -0.32 -37.13
CA SER B 127 -10.86 -0.04 -36.27
C SER B 127 -11.17 1.44 -36.36
N PRO B 128 -11.35 1.99 -37.56
CA PRO B 128 -11.52 3.45 -37.66
C PRO B 128 -12.67 3.98 -36.83
N ALA B 129 -13.70 3.18 -36.57
CA ALA B 129 -14.86 3.71 -35.85
C ALA B 129 -14.74 3.51 -34.36
N THR B 130 -14.32 2.32 -33.92
CA THR B 130 -14.15 2.07 -32.50
C THR B 130 -12.88 2.68 -31.95
N SER B 131 -11.98 3.17 -32.81
CA SER B 131 -10.81 3.85 -32.28
C SER B 131 -11.13 5.27 -31.82
N GLN B 132 -11.97 6.03 -32.54
CA GLN B 132 -12.35 7.30 -31.89
C GLN B 132 -13.36 7.08 -30.78
N MET B 133 -14.02 5.93 -30.71
CA MET B 133 -14.87 5.67 -29.57
C MET B 133 -14.01 5.52 -28.31
N GLU B 134 -12.88 4.81 -28.42
CA GLU B 134 -11.99 4.67 -27.27
C GLU B 134 -11.21 5.96 -26.98
N GLU B 135 -10.85 6.71 -28.01
CA GLU B 135 -10.27 8.03 -27.79
C GLU B 135 -11.26 8.91 -27.03
N GLU B 136 -12.51 8.94 -27.49
CA GLU B 136 -13.54 9.70 -26.79
C GLU B 136 -13.73 9.19 -25.37
N VAL B 137 -13.70 7.86 -25.17
CA VAL B 137 -13.81 7.31 -23.82
C VAL B 137 -12.70 7.86 -22.93
N GLY B 138 -11.52 8.10 -23.50
CA GLY B 138 -10.41 8.56 -22.69
C GLY B 138 -10.61 9.97 -22.18
N HIS B 139 -11.21 10.83 -23.00
CA HIS B 139 -11.55 12.17 -22.52
C HIS B 139 -12.68 12.11 -21.52
N GLU B 140 -13.62 11.17 -21.72
CA GLU B 140 -14.67 10.97 -20.72
C GLU B 140 -14.09 10.47 -19.41
N PHE B 141 -13.05 9.63 -19.49
CA PHE B 141 -12.32 9.23 -18.29
C PHE B 141 -11.68 10.45 -17.62
N ALA B 142 -10.94 11.24 -18.40
CA ALA B 142 -10.21 12.37 -17.83
C ALA B 142 -11.16 13.38 -17.20
N HIS B 143 -12.30 13.63 -17.86
CA HIS B 143 -13.27 14.55 -17.29
C HIS B 143 -13.96 13.95 -16.07
N LEU B 144 -14.06 12.62 -15.98
CA LEU B 144 -14.58 12.01 -14.77
C LEU B 144 -13.66 12.25 -13.58
N MET B 145 -12.37 12.44 -13.82
CA MET B 145 -11.40 12.75 -12.77
C MET B 145 -11.15 14.24 -12.65
N SER B 146 -11.93 15.07 -13.34
CA SER B 146 -11.78 16.52 -13.33
C SER B 146 -10.38 16.97 -13.78
N TYR B 147 -9.76 16.16 -14.62
CA TYR B 147 -8.45 16.56 -15.18
C TYR B 147 -8.75 17.55 -16.29
N LYS B 148 -7.82 18.47 -16.58
CA LYS B 148 -8.11 19.53 -17.58
C LYS B 148 -7.41 19.20 -18.90
N ASN B 149 -6.21 18.65 -18.83
CA ASN B 149 -5.48 18.24 -20.06
C ASN B 149 -4.98 16.82 -19.84
N GLY B 150 -5.91 15.88 -19.65
CA GLY B 150 -5.51 14.49 -19.39
C GLY B 150 -5.85 13.58 -20.55
N TRP B 151 -5.96 12.29 -20.27
CA TRP B 151 -6.27 11.28 -21.32
C TRP B 151 -6.45 9.94 -20.63
N GLY B 152 -6.73 8.90 -21.39
CA GLY B 152 -6.93 7.56 -20.84
C GLY B 152 -7.25 6.57 -21.93
N HIS B 153 -7.13 5.28 -21.62
CA HIS B 153 -7.44 4.21 -22.60
C HIS B 153 -8.10 3.04 -21.87
N ILE B 154 -8.72 2.15 -22.63
CA ILE B 154 -9.37 0.96 -22.02
C ILE B 154 -8.30 -0.12 -21.91
N VAL B 155 -7.86 -0.40 -20.69
CA VAL B 155 -6.88 -1.50 -20.48
C VAL B 155 -7.68 -2.77 -20.32
N ALA B 156 -7.05 -3.93 -20.46
CA ALA B 156 -7.77 -5.21 -20.36
C ALA B 156 -8.34 -5.39 -18.96
N ASP B 157 -7.49 -5.20 -17.97
CA ASP B 157 -7.93 -5.37 -16.57
C ASP B 157 -7.29 -4.27 -15.71
N GLY B 158 -7.75 -4.09 -14.48
CA GLY B 158 -7.19 -3.09 -13.56
C GLY B 158 -5.82 -3.46 -13.03
N SER B 159 -5.51 -4.74 -12.97
CA SER B 159 -4.16 -5.19 -12.55
C SER B 159 -3.16 -4.71 -13.59
N LEU B 160 -3.56 -4.70 -14.86
CA LEU B 160 -2.67 -4.29 -15.96
C LEU B 160 -2.68 -2.78 -16.07
N ALA B 161 -3.73 -2.14 -15.58
CA ALA B 161 -3.77 -0.66 -15.56
C ALA B 161 -2.84 -0.23 -14.44
N ASN B 162 -2.82 -1.00 -13.37
CA ASN B 162 -1.95 -0.70 -12.22
C ASN B 162 -0.51 -0.82 -12.68
N LEU B 163 -0.18 -1.87 -13.43
CA LEU B 163 1.21 -2.06 -13.95
C LEU B 163 1.57 -0.89 -14.85
N GLU B 164 0.68 -0.52 -15.75
CA GLU B 164 0.97 0.59 -16.68
C GLU B 164 1.19 1.85 -15.85
N GLY B 165 0.57 1.93 -14.68
CA GLY B 165 0.78 3.07 -13.78
C GLY B 165 2.14 3.01 -13.16
N LEU B 166 2.53 1.84 -12.66
CA LEU B 166 3.90 1.68 -12.11
C LEU B 166 4.92 1.88 -13.23
N TRP B 167 4.58 1.48 -14.44
CA TRP B 167 5.47 1.68 -15.61
C TRP B 167 5.60 3.17 -15.84
N TYR B 168 4.48 3.87 -15.81
CA TYR B 168 4.49 5.34 -16.00
C TYR B 168 5.42 5.94 -14.94
N ALA B 169 5.18 5.63 -13.67
CA ALA B 169 6.00 6.18 -12.58
C ALA B 169 7.45 5.75 -12.76
N ARG B 170 7.71 4.44 -12.76
CA ARG B 170 9.09 3.91 -12.86
C ARG B 170 9.83 4.54 -14.04
N ASN B 171 9.13 4.88 -15.11
CA ASN B 171 9.83 5.59 -16.22
C ASN B 171 10.01 7.05 -15.84
N ILE B 172 8.95 7.71 -15.42
CA ILE B 172 9.02 9.17 -15.15
C ILE B 172 10.14 9.49 -14.14
N LYS B 173 10.26 8.69 -13.07
CA LYS B 173 11.26 8.98 -12.02
C LYS B 173 12.67 9.01 -12.58
N SER B 174 12.99 8.11 -13.50
CA SER B 174 14.38 8.00 -14.01
C SER B 174 14.70 9.11 -15.02
N LEU B 175 13.67 9.72 -15.60
CA LEU B 175 13.89 10.73 -16.66
C LEU B 175 14.93 11.79 -16.24
N PRO B 176 14.77 12.50 -15.10
CA PRO B 176 15.73 13.51 -14.67
C PRO B 176 17.20 13.06 -14.75
N PHE B 177 17.55 11.95 -14.09
CA PHE B 177 18.93 11.40 -14.13
C PHE B 177 19.42 11.30 -15.58
N ALA B 178 18.53 10.95 -16.50
CA ALA B 178 18.92 10.73 -17.91
C ALA B 178 19.10 12.04 -18.67
N MET B 179 18.56 13.15 -18.16
CA MET B 179 18.82 14.44 -18.83
C MET B 179 20.19 14.91 -18.36
N LYS B 180 20.54 14.59 -17.13
CA LYS B 180 21.89 14.93 -16.63
C LYS B 180 22.90 13.98 -17.25
N GLU B 181 22.47 13.11 -18.16
CA GLU B 181 23.42 12.22 -18.86
C GLU B 181 23.26 12.47 -20.37
N VAL B 182 22.41 13.41 -20.76
CA VAL B 182 22.14 13.63 -22.22
C VAL B 182 22.17 15.13 -22.50
N LYS B 183 21.26 15.90 -21.91
CA LYS B 183 21.29 17.38 -22.06
C LYS B 183 21.30 17.95 -20.64
N PRO B 184 22.44 17.90 -19.91
CA PRO B 184 22.48 18.31 -18.51
C PRO B 184 22.08 19.75 -18.25
N GLU B 185 22.15 20.60 -19.27
CA GLU B 185 21.80 22.03 -19.12
C GLU B 185 20.34 22.15 -18.67
N LEU B 186 19.55 21.12 -18.93
CA LEU B 186 18.12 21.13 -18.54
C LEU B 186 18.07 21.00 -17.02
N VAL B 187 18.95 20.18 -16.46
CA VAL B 187 18.92 19.91 -14.99
C VAL B 187 20.18 20.48 -14.36
N ALA B 188 20.55 21.70 -14.73
CA ALA B 188 21.77 22.32 -14.20
C ALA B 188 21.46 22.93 -12.84
N GLY B 189 22.36 22.74 -11.87
CA GLY B 189 22.09 23.21 -10.51
C GLY B 189 21.13 22.25 -9.83
N LYS B 190 21.36 20.94 -9.99
CA LYS B 190 20.42 19.95 -9.43
C LYS B 190 21.17 18.75 -8.87
N SER B 191 21.17 18.59 -7.54
CA SER B 191 21.85 17.46 -6.87
C SER B 191 21.18 16.14 -7.26
N ASP B 192 21.85 15.02 -7.01
CA ASP B 192 21.29 13.69 -7.40
C ASP B 192 19.99 13.45 -6.61
N TRP B 193 19.88 14.01 -5.40
CA TRP B 193 18.63 13.90 -4.62
C TRP B 193 17.56 14.78 -5.27
N GLU B 194 17.88 16.05 -5.54
CA GLU B 194 16.91 16.99 -6.16
C GLU B 194 16.37 16.43 -7.47
N LEU B 195 17.19 15.67 -8.19
CA LEU B 195 16.71 15.01 -9.42
C LEU B 195 15.72 13.92 -9.00
N LEU B 196 16.00 13.19 -7.92
CA LEU B 196 15.14 12.06 -7.50
C LEU B 196 13.95 12.54 -6.66
N ASN B 197 13.70 13.84 -6.55
CA ASN B 197 12.48 14.33 -5.85
C ASN B 197 11.91 15.58 -6.53
N MET B 198 12.01 15.67 -7.86
CA MET B 198 11.44 16.81 -8.61
C MET B 198 9.96 16.52 -8.87
N PRO B 199 9.05 17.50 -8.73
CA PRO B 199 7.66 17.26 -9.06
C PRO B 199 7.48 16.87 -10.53
N THR B 200 6.42 16.14 -10.86
CA THR B 200 6.22 15.60 -12.23
C THR B 200 5.97 16.71 -13.24
N LYS B 201 5.25 17.78 -12.87
CA LYS B 201 4.91 18.84 -13.84
C LYS B 201 6.21 19.46 -14.34
N GLU B 202 7.25 19.46 -13.50
CA GLU B 202 8.56 19.98 -13.89
C GLU B 202 9.23 19.04 -14.90
N ILE B 203 9.19 17.74 -14.64
CA ILE B 203 9.88 16.75 -15.53
C ILE B 203 9.19 16.75 -16.89
N MET B 204 7.86 16.92 -16.89
CA MET B 204 7.12 16.87 -18.17
C MET B 204 7.37 18.18 -18.91
N ASP B 205 7.27 19.29 -18.20
CA ASP B 205 7.53 20.62 -18.82
C ASP B 205 8.94 20.61 -19.44
N LEU B 206 9.86 19.83 -18.88
CA LEU B 206 11.27 19.78 -19.34
C LEU B 206 11.41 18.99 -20.63
N LEU B 207 10.89 17.76 -20.66
CA LEU B 207 10.95 16.93 -21.88
C LEU B 207 10.34 17.71 -23.04
N GLU B 208 9.30 18.48 -22.76
CA GLU B 208 8.68 19.34 -23.80
C GLU B 208 9.74 20.25 -24.41
N SER B 209 10.56 20.89 -23.58
CA SER B 209 11.65 21.78 -24.07
C SER B 209 12.64 20.97 -24.89
N ALA B 210 12.96 19.76 -24.43
CA ALA B 210 13.98 18.92 -25.11
C ALA B 210 13.36 18.13 -26.26
N GLU B 211 12.51 18.75 -27.07
CA GLU B 211 11.79 17.98 -28.11
C GLU B 211 12.79 17.25 -29.00
N ASP B 212 13.88 17.91 -29.38
CA ASP B 212 14.80 17.26 -30.36
C ASP B 212 15.68 16.26 -29.61
N GLU B 213 15.32 15.91 -28.39
CA GLU B 213 16.17 15.00 -27.59
C GLU B 213 15.32 14.08 -26.71
N ILE B 214 13.99 14.22 -26.78
CA ILE B 214 13.07 13.38 -25.97
C ILE B 214 13.39 11.89 -26.16
N ASP B 215 13.48 11.41 -27.40
CA ASP B 215 13.67 9.96 -27.65
C ASP B 215 15.01 9.48 -27.09
N GLU B 216 16.08 10.24 -27.27
CA GLU B 216 17.40 9.85 -26.74
C GLU B 216 17.36 9.91 -25.20
N ILE B 217 16.71 10.92 -24.65
CA ILE B 217 16.56 11.04 -23.18
C ILE B 217 15.82 9.81 -22.67
N LYS B 218 14.88 9.28 -23.48
CA LYS B 218 14.07 8.12 -23.06
C LYS B 218 14.88 6.84 -23.16
N ALA B 219 16.00 6.89 -23.89
CA ALA B 219 16.85 5.70 -24.09
C ALA B 219 17.78 5.53 -22.89
N HIS B 220 17.81 6.54 -22.01
CA HIS B 220 18.61 6.42 -20.78
C HIS B 220 17.66 6.32 -19.59
N SER B 221 16.37 6.08 -19.87
CA SER B 221 15.37 5.99 -18.79
C SER B 221 15.30 4.54 -18.32
N ALA B 222 14.31 4.20 -17.51
CA ALA B 222 14.25 2.83 -16.96
C ALA B 222 14.05 1.86 -18.10
N ARG B 223 13.57 2.36 -19.24
CA ARG B 223 13.40 1.49 -20.43
C ARG B 223 14.75 0.90 -20.77
N SER B 224 15.84 1.55 -20.34
CA SER B 224 17.21 1.07 -20.63
C SER B 224 17.56 -0.12 -19.76
N GLY B 225 17.12 -0.11 -18.51
CA GLY B 225 17.38 -1.26 -17.61
C GLY B 225 18.26 -0.85 -16.47
N LYS B 226 18.54 0.45 -16.38
CA LYS B 226 19.42 0.98 -15.32
C LYS B 226 18.59 1.89 -14.42
N HIS B 227 19.13 2.29 -13.26
CA HIS B 227 18.41 3.14 -12.27
C HIS B 227 17.01 2.58 -12.02
N LEU B 228 16.91 1.42 -11.37
CA LEU B 228 15.60 0.77 -11.19
C LEU B 228 15.35 0.55 -9.69
N GLN B 229 16.35 0.78 -8.86
CA GLN B 229 16.15 0.70 -7.39
C GLN B 229 16.46 2.09 -6.86
N ALA B 230 17.20 2.86 -7.65
CA ALA B 230 17.54 4.24 -7.26
C ALA B 230 16.30 5.10 -7.41
N ILE B 231 15.39 4.70 -8.30
CA ILE B 231 14.13 5.46 -8.51
C ILE B 231 13.37 5.49 -7.19
N GLY B 232 13.54 4.46 -6.38
CA GLY B 232 12.93 4.53 -5.04
C GLY B 232 12.07 3.36 -4.69
N LYS B 233 11.33 3.50 -3.59
CA LYS B 233 10.46 2.42 -3.09
C LYS B 233 9.02 2.78 -3.42
N TRP B 234 8.22 1.80 -3.80
CA TRP B 234 6.80 2.04 -4.14
C TRP B 234 6.02 1.79 -2.86
N LEU B 235 5.26 2.77 -2.42
CA LEU B 235 4.60 2.59 -1.12
C LEU B 235 3.14 2.30 -1.35
N VAL B 236 2.67 1.15 -0.83
CA VAL B 236 1.27 0.74 -1.05
C VAL B 236 0.60 0.47 0.30
N PRO B 237 -0.73 0.59 0.40
CA PRO B 237 -1.45 0.23 1.62
C PRO B 237 -1.35 -1.24 2.01
N GLN B 238 -1.54 -1.57 3.28
CA GLN B 238 -1.56 -2.98 3.73
C GLN B 238 -2.79 -3.63 3.13
N THR B 239 -3.88 -2.87 3.03
CA THR B 239 -5.14 -3.34 2.40
C THR B 239 -4.96 -3.29 0.89
N LYS B 240 -3.83 -3.77 0.37
CA LYS B 240 -3.56 -3.63 -1.08
C LYS B 240 -4.11 -4.83 -1.84
N HIS B 241 -4.16 -4.71 -3.17
CA HIS B 241 -4.57 -5.86 -3.99
C HIS B 241 -3.31 -6.51 -4.57
N TYR B 242 -3.31 -7.83 -4.79
CA TYR B 242 -2.13 -8.56 -5.28
C TYR B 242 -1.60 -8.03 -6.62
N SER B 243 -2.36 -7.19 -7.30
CA SER B 243 -1.96 -6.58 -8.59
C SER B 243 -0.69 -5.78 -8.41
N TRP B 244 -0.51 -5.20 -7.24
CA TRP B 244 0.65 -4.31 -7.00
C TRP B 244 1.91 -5.13 -6.72
N LEU B 245 1.78 -6.16 -5.91
CA LEU B 245 2.94 -7.04 -5.68
C LEU B 245 3.41 -7.54 -7.03
N LYS B 246 2.48 -7.99 -7.85
CA LYS B 246 2.85 -8.55 -9.16
C LYS B 246 3.50 -7.46 -10.00
N ALA B 247 2.94 -6.27 -10.00
CA ALA B 247 3.45 -5.20 -10.89
C ALA B 247 4.89 -4.89 -10.54
N ALA B 248 5.27 -5.04 -9.28
CA ALA B 248 6.68 -4.83 -8.85
C ALA B 248 7.56 -5.89 -9.51
N ASP B 249 7.21 -7.16 -9.33
CA ASP B 249 7.93 -8.28 -9.97
C ASP B 249 8.08 -8.01 -11.45
N ILE B 250 6.99 -7.62 -12.12
CA ILE B 250 7.01 -7.48 -13.60
C ILE B 250 7.79 -6.25 -14.05
N ILE B 251 7.61 -5.11 -13.39
CA ILE B 251 8.25 -3.85 -13.88
C ILE B 251 9.71 -3.76 -13.46
N GLY B 252 10.24 -4.75 -12.74
CA GLY B 252 11.57 -4.62 -12.15
C GLY B 252 11.29 -3.89 -10.87
N ILE B 253 12.24 -3.34 -10.12
CA ILE B 253 11.81 -2.72 -8.83
C ILE B 253 10.98 -3.83 -8.18
N GLY B 254 11.64 -4.91 -7.83
CA GLY B 254 10.87 -6.07 -7.38
C GLY B 254 10.09 -5.97 -6.09
N LEU B 255 9.61 -7.11 -5.62
CA LEU B 255 8.73 -7.15 -4.44
C LEU B 255 9.45 -6.56 -3.24
N ASP B 256 10.78 -6.60 -3.23
CA ASP B 256 11.58 -6.15 -2.06
C ASP B 256 11.72 -4.64 -2.07
N GLN B 257 11.02 -3.94 -2.96
CA GLN B 257 11.06 -2.47 -3.00
C GLN B 257 9.64 -1.96 -2.72
N VAL B 258 8.74 -2.87 -2.38
CA VAL B 258 7.34 -2.47 -2.07
C VAL B 258 7.21 -2.43 -0.56
N ILE B 259 6.74 -1.30 -0.01
CA ILE B 259 6.64 -1.13 1.46
C ILE B 259 5.17 -0.97 1.85
N PRO B 260 4.61 -1.89 2.65
CA PRO B 260 3.23 -1.77 3.12
C PRO B 260 3.01 -0.66 4.16
N VAL B 261 2.19 0.32 3.81
CA VAL B 261 1.89 1.44 4.75
C VAL B 261 0.76 1.01 5.67
N PRO B 262 0.92 1.00 7.03
CA PRO B 262 -0.12 0.51 7.92
C PRO B 262 -1.50 1.16 7.73
N VAL B 263 -2.53 0.43 8.13
CA VAL B 263 -3.90 0.93 7.90
C VAL B 263 -4.55 1.29 9.24
N ASP B 264 -5.60 2.10 9.19
CA ASP B 264 -6.32 2.54 10.41
C ASP B 264 -7.32 1.49 10.85
N HIS B 265 -8.35 1.89 11.58
CA HIS B 265 -9.32 0.91 12.14
C HIS B 265 -10.45 0.74 11.15
N ASN B 266 -10.68 1.75 10.33
CA ASN B 266 -11.71 1.65 9.28
C ASN B 266 -11.02 1.09 8.05
N TYR B 267 -9.77 0.62 8.20
CA TYR B 267 -8.97 0.00 7.12
C TYR B 267 -8.63 1.00 6.03
N ARG B 268 -8.40 2.25 6.42
CA ARG B 268 -7.95 3.29 5.47
C ARG B 268 -6.47 3.52 5.78
N MET B 269 -5.76 4.30 4.99
CA MET B 269 -4.29 4.41 5.21
C MET B 269 -4.03 5.29 6.43
N ASP B 270 -2.91 5.06 7.12
CA ASP B 270 -2.54 5.94 8.25
C ASP B 270 -1.57 6.96 7.69
N ILE B 271 -2.06 8.16 7.39
CA ILE B 271 -1.17 9.15 6.74
C ILE B 271 -0.07 9.52 7.75
N ASN B 272 -0.37 9.35 9.04
CA ASN B 272 0.61 9.64 10.10
C ASN B 272 1.71 8.57 10.01
N GLU B 273 1.30 7.32 9.87
CA GLU B 273 2.30 6.22 9.71
C GLU B 273 3.01 6.41 8.36
N LEU B 274 2.34 6.95 7.36
CA LEU B 274 2.95 7.08 6.02
C LEU B 274 4.11 8.07 6.07
N GLU B 275 3.93 9.19 6.75
CA GLU B 275 4.98 10.22 6.88
C GLU B 275 6.16 9.60 7.61
N LYS B 276 5.87 8.83 8.63
CA LYS B 276 6.93 8.18 9.42
C LYS B 276 7.80 7.36 8.48
N ILE B 277 7.18 6.75 7.48
CA ILE B 277 7.93 5.88 6.54
C ILE B 277 8.68 6.78 5.55
N VAL B 278 7.94 7.66 4.89
CA VAL B 278 8.53 8.50 3.82
C VAL B 278 9.65 9.35 4.39
N ARG B 279 9.49 9.84 5.60
CA ARG B 279 10.50 10.80 6.14
C ARG B 279 11.78 10.04 6.49
N GLY B 280 11.63 8.84 7.05
CA GLY B 280 12.80 8.01 7.41
C GLY B 280 13.53 7.54 6.17
N LEU B 281 12.79 7.18 5.13
CA LEU B 281 13.44 6.79 3.86
C LEU B 281 14.23 8.00 3.38
N ALA B 282 13.66 9.19 3.60
CA ALA B 282 14.32 10.41 3.09
C ALA B 282 15.65 10.60 3.81
N GLU B 283 15.68 10.33 5.11
CA GLU B 283 16.91 10.49 5.90
C GLU B 283 17.99 9.59 5.31
N GLU B 284 17.64 8.36 4.94
CA GLU B 284 18.66 7.38 4.43
C GLU B 284 18.95 7.63 2.96
N GLN B 285 18.39 8.68 2.37
CA GLN B 285 18.68 9.08 0.97
C GLN B 285 18.03 8.12 -0.04
N ILE B 286 16.88 7.53 0.33
CA ILE B 286 16.16 6.58 -0.55
C ILE B 286 14.88 7.28 -1.00
N PRO B 287 14.67 7.46 -2.32
CA PRO B 287 13.48 8.14 -2.79
C PRO B 287 12.21 7.30 -2.69
N VAL B 288 11.04 7.91 -2.90
CA VAL B 288 9.78 7.13 -2.93
C VAL B 288 9.35 7.09 -4.39
N LEU B 289 9.21 5.90 -4.98
CA LEU B 289 8.88 5.82 -6.41
C LEU B 289 7.47 6.38 -6.53
N GLY B 290 6.62 5.98 -5.59
CA GLY B 290 5.27 6.55 -5.59
C GLY B 290 4.44 6.04 -4.45
N VAL B 291 3.26 6.61 -4.27
CA VAL B 291 2.32 6.11 -3.23
C VAL B 291 0.99 5.83 -3.93
N VAL B 292 0.36 4.72 -3.57
CA VAL B 292 -0.96 4.38 -4.14
C VAL B 292 -2.05 4.67 -3.11
N GLY B 293 -3.15 5.27 -3.55
CA GLY B 293 -4.29 5.51 -2.65
C GLY B 293 -5.46 4.68 -3.12
N VAL B 294 -5.96 3.78 -2.27
CA VAL B 294 -7.04 2.87 -2.73
C VAL B 294 -8.40 3.50 -2.48
N VAL B 295 -9.01 4.06 -3.53
CA VAL B 295 -10.40 4.54 -3.40
C VAL B 295 -11.29 3.38 -3.83
N GLY B 296 -11.86 2.68 -2.87
CA GLY B 296 -12.66 1.48 -3.20
C GLY B 296 -11.84 0.24 -2.92
N SER B 297 -11.55 -0.01 -1.65
CA SER B 297 -10.68 -1.15 -1.28
C SER B 297 -11.28 -2.48 -1.72
N THR B 298 -10.44 -3.49 -1.84
CA THR B 298 -10.91 -4.83 -2.27
C THR B 298 -11.73 -5.48 -1.20
N GLU B 299 -11.10 -6.00 -0.15
CA GLU B 299 -11.81 -6.85 0.84
C GLU B 299 -12.61 -6.16 1.92
N GLU B 300 -12.76 -4.83 1.90
CA GLU B 300 -13.50 -4.10 2.96
C GLU B 300 -14.32 -2.99 2.31
N GLY B 301 -13.84 -2.45 1.20
CA GLY B 301 -14.54 -1.33 0.54
C GLY B 301 -14.22 -0.03 1.22
N ALA B 302 -12.94 0.32 1.27
CA ALA B 302 -12.52 1.53 2.00
C ALA B 302 -11.91 2.56 1.06
N VAL B 303 -12.17 3.84 1.33
CA VAL B 303 -11.63 4.94 0.50
C VAL B 303 -10.53 5.63 1.29
N ASP B 304 -9.28 5.35 0.93
CA ASP B 304 -8.11 5.94 1.63
C ASP B 304 -8.17 7.45 1.40
N SER B 305 -7.70 8.21 2.37
CA SER B 305 -7.77 9.69 2.27
C SER B 305 -6.75 10.20 1.25
N ILE B 306 -7.23 10.46 0.03
CA ILE B 306 -6.33 10.98 -1.04
C ILE B 306 -6.16 12.48 -0.79
N ASP B 307 -7.14 13.11 -0.12
CA ASP B 307 -7.04 14.55 0.22
C ASP B 307 -5.82 14.76 1.09
N LYS B 308 -5.52 13.78 1.94
CA LYS B 308 -4.43 13.94 2.92
C LYS B 308 -3.14 13.35 2.37
N ILE B 309 -3.24 12.41 1.45
CA ILE B 309 -1.99 11.87 0.83
C ILE B 309 -1.34 13.01 0.06
N ILE B 310 -2.12 13.77 -0.68
CA ILE B 310 -1.54 14.84 -1.54
C ILE B 310 -1.23 16.07 -0.67
N ALA B 311 -1.95 16.23 0.43
CA ALA B 311 -1.67 17.34 1.37
C ALA B 311 -0.27 17.19 1.93
N LEU B 312 0.02 16.05 2.55
CA LEU B 312 1.34 15.78 3.15
C LEU B 312 2.41 15.98 2.09
N ARG B 313 2.04 15.83 0.82
CA ARG B 313 3.04 15.94 -0.26
C ARG B 313 3.47 17.39 -0.37
N ASP B 314 2.50 18.30 -0.31
CA ASP B 314 2.82 19.73 -0.38
C ASP B 314 3.56 20.10 0.91
N GLU B 315 3.33 19.32 1.96
CA GLU B 315 3.93 19.58 3.28
C GLU B 315 5.36 19.07 3.30
N LEU B 316 5.72 18.18 2.37
CA LEU B 316 7.08 17.60 2.33
C LEU B 316 7.86 18.24 1.18
N MET B 317 7.18 19.06 0.37
CA MET B 317 7.83 19.66 -0.83
C MET B 317 8.53 20.92 -0.37
N LYS B 318 8.21 21.39 0.82
CA LYS B 318 8.96 22.53 1.36
C LYS B 318 10.19 21.95 2.05
N ASP B 319 10.29 20.62 2.06
CA ASP B 319 11.41 19.93 2.76
C ASP B 319 12.22 19.13 1.74
N GLY B 320 11.81 19.09 0.48
CA GLY B 320 12.61 18.42 -0.56
C GLY B 320 12.22 16.97 -0.79
N ILE B 321 10.96 16.62 -0.55
CA ILE B 321 10.47 15.22 -0.73
C ILE B 321 9.21 15.22 -1.62
N TYR B 322 9.25 14.49 -2.74
CA TYR B 322 8.08 14.39 -3.64
C TYR B 322 7.71 12.94 -3.87
N TYR B 323 6.42 12.61 -3.89
CA TYR B 323 5.99 11.24 -4.23
C TYR B 323 4.85 11.30 -5.25
N TYR B 324 4.85 10.42 -6.25
CA TYR B 324 3.81 10.38 -7.30
C TYR B 324 2.62 9.61 -6.73
N VAL B 325 1.41 10.15 -6.90
CA VAL B 325 0.21 9.47 -6.36
C VAL B 325 -0.58 8.80 -7.48
N HIS B 326 -0.72 7.47 -7.43
CA HIS B 326 -1.59 6.73 -8.39
C HIS B 326 -2.79 6.22 -7.59
N VAL B 327 -4.00 6.53 -8.02
CA VAL B 327 -5.21 6.12 -7.26
C VAL B 327 -5.77 4.85 -7.89
N ASP B 328 -5.80 3.75 -7.13
CA ASP B 328 -6.38 2.49 -7.61
C ASP B 328 -7.87 2.55 -7.32
N ALA B 329 -8.65 2.97 -8.30
CA ALA B 329 -10.10 3.10 -8.10
C ALA B 329 -10.78 2.13 -9.04
N ALA B 330 -10.20 0.96 -9.23
CA ALA B 330 -10.82 -0.06 -10.07
C ALA B 330 -12.26 -0.21 -9.64
N TYR B 331 -12.50 -0.32 -8.35
CA TYR B 331 -13.87 -0.56 -7.86
C TYR B 331 -14.62 0.74 -7.60
N GLY B 332 -13.94 1.81 -7.22
CA GLY B 332 -14.68 3.02 -6.82
C GLY B 332 -14.68 4.16 -7.81
N GLY B 333 -13.84 4.13 -8.83
CA GLY B 333 -13.73 5.28 -9.74
C GLY B 333 -15.02 5.77 -10.35
N TYR B 334 -15.96 4.89 -10.70
CA TYR B 334 -17.20 5.31 -11.40
C TYR B 334 -18.17 5.96 -10.41
N GLY B 335 -17.79 6.05 -9.14
CA GLY B 335 -18.63 6.72 -8.15
C GLY B 335 -18.28 8.19 -8.03
N ARG B 336 -17.22 8.62 -8.70
CA ARG B 336 -16.82 10.03 -8.65
C ARG B 336 -17.84 10.81 -9.45
N ALA B 337 -18.77 10.09 -10.07
CA ALA B 337 -19.84 10.74 -10.86
C ALA B 337 -20.98 11.13 -9.93
N ILE B 338 -21.10 10.49 -8.77
CA ILE B 338 -22.17 10.82 -7.80
C ILE B 338 -21.94 12.23 -7.29
N PHE B 339 -20.73 12.75 -7.46
CA PHE B 339 -20.39 14.10 -6.95
C PHE B 339 -20.35 15.11 -8.09
N LEU B 340 -20.45 14.64 -9.34
CA LEU B 340 -20.34 15.56 -10.50
C LEU B 340 -21.72 15.96 -10.99
N ASP B 341 -21.90 17.24 -11.31
CA ASP B 341 -23.20 17.75 -11.78
C ASP B 341 -23.23 17.65 -13.29
N GLU B 342 -24.27 18.20 -13.91
CA GLU B 342 -24.41 18.05 -15.38
C GLU B 342 -23.41 18.96 -16.10
N ASP B 343 -22.59 19.70 -15.36
CA ASP B 343 -21.58 20.59 -15.96
C ASP B 343 -20.18 20.10 -15.60
N ASN B 344 -20.09 18.94 -14.94
CA ASN B 344 -18.78 18.32 -14.59
C ASN B 344 -18.15 19.07 -13.42
N ASN B 345 -18.99 19.73 -12.64
CA ASN B 345 -18.49 20.50 -11.47
C ASN B 345 -18.86 19.72 -10.21
N PHE B 346 -17.91 19.57 -9.29
CA PHE B 346 -18.16 18.77 -8.07
C PHE B 346 -19.22 19.49 -7.25
N ILE B 347 -20.39 18.89 -7.13
CA ILE B 347 -21.48 19.48 -6.32
C ILE B 347 -20.95 19.71 -4.91
N PRO B 348 -21.17 20.89 -4.30
CA PRO B 348 -20.78 21.12 -2.92
C PRO B 348 -21.45 20.12 -1.98
N TYR B 349 -20.79 19.73 -0.89
CA TYR B 349 -21.32 18.68 0.00
C TYR B 349 -22.60 19.13 0.68
N GLU B 350 -22.75 20.44 0.87
CA GLU B 350 -23.93 20.97 1.61
C GLU B 350 -25.16 20.84 0.73
N ASP B 351 -24.96 20.54 -0.55
CA ASP B 351 -26.09 20.49 -1.49
C ASP B 351 -26.18 19.09 -2.09
N LEU B 352 -25.28 18.19 -1.71
CA LEU B 352 -25.25 16.82 -2.27
C LEU B 352 -26.59 16.15 -2.02
N GLN B 353 -27.05 16.15 -0.77
CA GLN B 353 -28.31 15.48 -0.40
C GLN B 353 -29.45 16.12 -1.19
N ASP B 354 -29.40 17.43 -1.38
CA ASP B 354 -30.49 18.16 -2.07
C ASP B 354 -30.47 17.79 -3.55
N VAL B 355 -29.30 17.84 -4.19
CA VAL B 355 -29.16 17.54 -5.63
C VAL B 355 -29.49 16.06 -5.88
N HIS B 356 -28.99 15.17 -5.02
CA HIS B 356 -29.24 13.72 -5.17
C HIS B 356 -30.74 13.44 -5.12
N GLU B 357 -31.47 14.19 -4.32
CA GLU B 357 -32.92 13.95 -4.15
C GLU B 357 -33.63 14.41 -5.42
N GLU B 358 -33.02 15.37 -6.13
CA GLU B 358 -33.63 15.92 -7.37
C GLU B 358 -33.36 14.95 -8.51
N TYR B 359 -32.16 14.40 -8.55
CA TYR B 359 -31.77 13.51 -9.65
C TYR B 359 -32.14 12.06 -9.34
N GLY B 360 -32.58 11.78 -8.12
CA GLY B 360 -33.05 10.43 -7.77
C GLY B 360 -31.93 9.50 -7.34
N VAL B 361 -30.80 10.05 -6.95
CA VAL B 361 -29.65 9.17 -6.61
C VAL B 361 -29.98 8.38 -5.36
N PHE B 362 -30.59 9.05 -4.39
CA PHE B 362 -30.99 8.37 -3.13
C PHE B 362 -32.47 8.61 -2.91
N LYS B 363 -33.13 7.68 -2.22
CA LYS B 363 -34.59 7.79 -2.05
C LYS B 363 -34.90 8.33 -0.65
N GLU B 364 -33.97 8.19 0.29
CA GLU B 364 -34.16 8.78 1.63
C GLU B 364 -33.14 9.90 1.81
N LYS B 365 -33.60 11.08 2.21
CA LYS B 365 -32.67 12.24 2.34
C LYS B 365 -31.93 12.15 3.66
N LYS B 366 -30.79 11.50 3.65
CA LYS B 366 -30.00 11.34 4.88
C LYS B 366 -28.56 11.41 4.38
N GLU B 367 -27.58 11.38 5.27
CA GLU B 367 -26.18 11.33 4.81
C GLU B 367 -25.86 9.89 4.43
N HIS B 368 -25.24 9.72 3.28
CA HIS B 368 -24.85 8.37 2.80
C HIS B 368 -23.37 8.48 2.46
N ILE B 369 -22.92 9.68 2.10
CA ILE B 369 -21.47 9.89 1.84
C ILE B 369 -20.96 10.88 2.86
N SER B 370 -19.69 10.78 3.23
CA SER B 370 -19.13 11.66 4.27
C SER B 370 -18.29 12.74 3.61
N ARG B 371 -17.86 13.72 4.37
CA ARG B 371 -16.99 14.75 3.78
C ARG B 371 -15.65 14.09 3.53
N GLU B 372 -15.35 13.05 4.30
CA GLU B 372 -14.04 12.41 4.17
C GLU B 372 -13.97 11.64 2.86
N VAL B 373 -15.00 10.85 2.53
CA VAL B 373 -15.06 10.14 1.23
C VAL B 373 -15.24 11.18 0.12
N TYR B 374 -16.04 12.21 0.35
CA TYR B 374 -16.23 13.30 -0.64
C TYR B 374 -14.89 13.93 -0.98
N ASP B 375 -14.16 14.37 0.04
CA ASP B 375 -12.89 15.10 -0.20
C ASP B 375 -11.87 14.17 -0.80
N ALA B 376 -11.94 12.89 -0.48
CA ALA B 376 -10.99 11.91 -1.05
C ALA B 376 -11.20 11.79 -2.55
N TYR B 377 -12.44 11.64 -2.97
CA TYR B 377 -12.76 11.53 -4.41
C TYR B 377 -12.45 12.86 -5.10
N LYS B 378 -12.52 13.97 -4.36
CA LYS B 378 -12.30 15.30 -4.96
C LYS B 378 -10.81 15.50 -5.20
N ALA B 379 -9.97 14.79 -4.44
CA ALA B 379 -8.52 15.00 -4.56
C ALA B 379 -7.92 14.09 -5.63
N ILE B 380 -8.71 13.23 -6.25
CA ILE B 380 -8.20 12.39 -7.38
C ILE B 380 -7.73 13.33 -8.49
N GLU B 381 -8.26 14.55 -8.54
CA GLU B 381 -7.90 15.56 -9.56
C GLU B 381 -6.43 15.94 -9.42
N LEU B 382 -5.86 15.68 -8.26
CA LEU B 382 -4.46 16.10 -7.99
C LEU B 382 -3.53 14.90 -8.05
N ALA B 383 -4.03 13.75 -8.51
CA ALA B 383 -3.17 12.57 -8.68
C ALA B 383 -2.74 12.49 -10.13
N GLU B 384 -1.58 11.91 -10.41
CA GLU B 384 -1.03 11.93 -11.78
C GLU B 384 -1.62 10.81 -12.64
N SER B 385 -2.06 9.73 -12.02
CA SER B 385 -2.64 8.61 -12.76
C SER B 385 -3.69 7.93 -11.87
N VAL B 386 -4.69 7.35 -12.51
CA VAL B 386 -5.80 6.69 -11.82
C VAL B 386 -6.10 5.37 -12.53
N THR B 387 -6.45 4.35 -11.75
CA THR B 387 -6.96 3.09 -12.28
C THR B 387 -8.46 3.03 -12.05
N ILE B 388 -9.22 2.89 -13.13
CA ILE B 388 -10.68 2.83 -13.07
C ILE B 388 -11.16 1.69 -13.97
N ASP B 389 -11.90 0.74 -13.39
CA ASP B 389 -12.35 -0.44 -14.11
C ASP B 389 -13.80 -0.29 -14.57
N PRO B 390 -14.06 -0.20 -15.87
CA PRO B 390 -15.46 -0.28 -16.34
C PRO B 390 -16.16 -1.56 -15.94
N HIS B 391 -15.47 -2.70 -15.91
CA HIS B 391 -16.13 -3.95 -15.51
C HIS B 391 -16.31 -4.08 -14.00
N ALA B 392 -16.20 -2.98 -13.25
CA ALA B 392 -16.51 -2.99 -11.83
C ALA B 392 -17.76 -2.15 -11.65
N MET B 393 -17.67 -0.93 -11.12
CA MET B 393 -18.85 -0.12 -10.93
C MET B 393 -19.28 0.61 -12.19
N GLY B 394 -18.76 0.21 -13.34
CA GLY B 394 -19.29 0.70 -14.61
C GLY B 394 -20.38 -0.16 -15.19
N TYR B 395 -20.56 -1.37 -14.66
CA TYR B 395 -21.59 -2.31 -15.11
C TYR B 395 -21.43 -2.66 -16.58
N ILE B 396 -20.19 -2.58 -17.06
CA ILE B 396 -19.81 -2.96 -18.42
C ILE B 396 -19.23 -4.37 -18.36
N PRO B 397 -19.55 -5.25 -19.32
CA PRO B 397 -19.12 -6.65 -19.19
C PRO B 397 -17.61 -6.81 -19.30
N TYR B 398 -17.11 -7.89 -18.70
CA TYR B 398 -15.71 -8.22 -18.86
C TYR B 398 -15.41 -8.45 -20.33
N SER B 399 -14.15 -8.22 -20.71
CA SER B 399 -13.13 -7.74 -19.80
C SER B 399 -12.75 -6.31 -20.18
N ALA B 400 -12.88 -5.35 -19.26
CA ALA B 400 -12.66 -3.95 -19.58
C ALA B 400 -12.16 -3.19 -18.36
N GLY B 401 -10.89 -2.81 -18.37
CA GLY B 401 -10.32 -1.94 -17.36
C GLY B 401 -9.99 -0.57 -17.91
N GLY B 402 -9.35 0.24 -17.08
CA GLY B 402 -9.03 1.60 -17.49
C GLY B 402 -7.90 2.21 -16.70
N ILE B 403 -7.20 3.13 -17.35
CA ILE B 403 -6.20 3.99 -16.72
C ILE B 403 -6.41 5.41 -17.20
N VAL B 404 -6.26 6.37 -16.29
CA VAL B 404 -6.40 7.79 -16.60
C VAL B 404 -5.11 8.50 -16.18
N ILE B 405 -4.65 9.42 -17.01
CA ILE B 405 -3.47 10.22 -16.71
C ILE B 405 -3.88 11.69 -16.60
N GLN B 406 -3.27 12.38 -15.63
CA GLN B 406 -3.59 13.78 -15.39
C GLN B 406 -3.11 14.69 -16.51
N ASP B 407 -1.93 14.41 -17.06
CA ASP B 407 -1.31 15.22 -18.11
C ASP B 407 -1.10 14.34 -19.33
N ILE B 408 -1.65 14.76 -20.47
CA ILE B 408 -1.53 13.96 -21.69
C ILE B 408 -0.08 13.79 -22.09
N ARG B 409 0.77 14.76 -21.75
CA ARG B 409 2.17 14.69 -22.17
C ARG B 409 2.87 13.50 -21.54
N MET B 410 2.30 12.94 -20.47
CA MET B 410 2.90 11.80 -19.80
C MET B 410 2.96 10.56 -20.69
N ARG B 411 2.15 10.52 -21.75
CA ARG B 411 2.15 9.33 -22.59
C ARG B 411 3.40 9.23 -23.46
N ASP B 412 4.15 10.32 -23.58
CA ASP B 412 5.41 10.24 -24.33
C ASP B 412 6.50 9.50 -23.56
N VAL B 413 6.32 9.26 -22.26
CA VAL B 413 7.36 8.60 -21.48
C VAL B 413 7.32 7.09 -21.63
N ILE B 414 6.21 6.52 -22.08
CA ILE B 414 6.10 5.09 -22.35
C ILE B 414 5.79 4.80 -23.81
N SER B 415 5.64 5.83 -24.63
CA SER B 415 5.23 5.63 -26.01
C SER B 415 6.30 4.86 -26.80
N TYR B 416 5.82 4.10 -27.78
CA TYR B 416 6.65 3.46 -28.79
C TYR B 416 6.08 3.89 -30.14
N PHE B 417 6.89 4.58 -30.94
CA PHE B 417 6.46 5.05 -32.23
C PHE B 417 6.95 4.14 -33.35
N ILE B 428 -6.18 12.14 -32.50
CA ILE B 428 -6.40 10.71 -32.28
C ILE B 428 -5.17 9.92 -32.71
N PRO B 429 -4.52 9.25 -31.75
CA PRO B 429 -3.37 8.37 -31.99
C PRO B 429 -3.52 7.51 -33.24
N LEU B 432 -3.88 3.84 -30.44
CA LEU B 432 -3.38 3.97 -29.06
C LEU B 432 -2.26 2.96 -28.81
N GLY B 433 -1.95 2.13 -29.81
CA GLY B 433 -0.95 1.06 -29.63
C GLY B 433 0.42 1.56 -29.22
N ALA B 434 0.72 2.82 -29.51
CA ALA B 434 1.98 3.43 -29.11
C ALA B 434 1.92 3.81 -27.64
N TYR B 435 0.81 4.39 -27.21
CA TYR B 435 0.71 4.93 -25.83
C TYR B 435 0.05 3.96 -24.87
N ILE B 436 0.16 2.66 -25.12
CA ILE B 436 -0.45 1.63 -24.23
C ILE B 436 0.57 0.56 -23.88
N LEU B 437 0.32 -0.20 -22.81
CA LEU B 437 1.21 -1.30 -22.41
C LEU B 437 0.85 -2.50 -23.26
N GLU B 438 -0.44 -2.67 -23.57
CA GLU B 438 -0.82 -3.88 -24.27
C GLU B 438 -0.72 -3.67 -25.80
N GLY B 439 -1.32 -4.58 -26.55
CA GLY B 439 -1.28 -4.52 -28.00
C GLY B 439 -2.64 -4.74 -28.61
N SER B 440 -2.86 -5.93 -29.17
CA SER B 440 -4.14 -6.21 -29.82
C SER B 440 -5.24 -6.16 -28.80
N LYS B 441 -6.26 -5.41 -29.11
CA LYS B 441 -7.35 -5.22 -28.19
C LYS B 441 -8.63 -4.99 -28.98
N ALA B 442 -9.76 -5.46 -28.46
CA ALA B 442 -11.01 -5.43 -29.22
C ALA B 442 -11.65 -4.05 -29.25
N GLY B 443 -12.04 -3.60 -30.45
CA GLY B 443 -12.82 -2.38 -30.53
C GLY B 443 -14.23 -2.52 -30.00
N ALA B 444 -14.72 -3.76 -29.90
CA ALA B 444 -16.04 -3.98 -29.32
C ALA B 444 -16.05 -3.65 -27.83
N THR B 445 -14.90 -3.77 -27.16
CA THR B 445 -14.85 -3.34 -25.77
C THR B 445 -15.03 -1.83 -25.68
N ALA B 446 -14.50 -1.09 -26.65
CA ALA B 446 -14.69 0.35 -26.65
C ALA B 446 -16.14 0.70 -26.97
N ALA B 447 -16.75 -0.04 -27.91
CA ALA B 447 -18.15 0.20 -28.22
C ALA B 447 -19.06 -0.10 -27.03
N SER B 448 -18.68 -1.05 -26.18
CA SER B 448 -19.52 -1.35 -25.02
C SER B 448 -19.37 -0.30 -23.92
N VAL B 449 -18.16 0.23 -23.72
CA VAL B 449 -17.97 1.27 -22.71
C VAL B 449 -18.56 2.58 -23.21
N TRP B 450 -18.23 2.95 -24.44
CA TRP B 450 -18.77 4.16 -25.04
C TRP B 450 -20.29 4.19 -24.93
N ALA B 451 -20.95 3.07 -25.26
CA ALA B 451 -22.39 2.99 -25.17
C ALA B 451 -22.87 3.30 -23.76
N ALA B 452 -22.17 2.79 -22.74
CA ALA B 452 -22.55 3.06 -21.36
C ALA B 452 -22.39 4.54 -21.04
N HIS B 453 -21.23 5.13 -21.36
CA HIS B 453 -21.00 6.53 -21.05
C HIS B 453 -22.03 7.44 -21.72
N HIS B 454 -22.60 7.00 -22.83
CA HIS B 454 -23.48 7.85 -23.62
C HIS B 454 -24.95 7.52 -23.44
N VAL B 455 -25.28 6.38 -22.83
CA VAL B 455 -26.63 6.18 -22.32
C VAL B 455 -26.75 6.74 -20.90
N LEU B 456 -25.71 6.53 -20.09
CA LEU B 456 -25.64 7.05 -18.73
C LEU B 456 -24.49 8.06 -18.63
N PRO B 457 -24.78 9.35 -18.60
CA PRO B 457 -23.70 10.34 -18.44
C PRO B 457 -22.91 10.07 -17.18
N LEU B 458 -21.63 10.42 -17.21
CA LEU B 458 -20.74 10.18 -16.07
C LEU B 458 -20.90 11.21 -14.97
N ASN B 459 -22.14 11.57 -14.66
CA ASN B 459 -22.44 12.52 -13.60
C ASN B 459 -23.72 12.05 -12.92
N VAL B 460 -24.39 12.96 -12.19
CA VAL B 460 -25.59 12.54 -11.45
C VAL B 460 -26.79 12.34 -12.36
N ALA B 461 -26.68 12.69 -13.64
CA ALA B 461 -27.77 12.47 -14.59
C ALA B 461 -27.75 11.08 -15.21
N GLY B 462 -26.71 10.31 -14.96
CA GLY B 462 -26.61 8.96 -15.44
C GLY B 462 -26.00 8.07 -14.38
N TYR B 463 -24.68 7.91 -14.45
CA TYR B 463 -24.00 7.00 -13.53
C TYR B 463 -24.24 7.38 -12.07
N GLY B 464 -24.55 8.65 -11.80
CA GLY B 464 -24.88 9.05 -10.45
C GLY B 464 -26.02 8.24 -9.85
N LYS B 465 -27.08 8.01 -10.63
CA LYS B 465 -28.28 7.33 -10.08
C LYS B 465 -27.95 5.88 -9.79
N LEU B 466 -27.14 5.25 -10.63
CA LEU B 466 -26.83 3.84 -10.44
C LEU B 466 -25.90 3.63 -9.24
N ILE B 467 -24.84 4.43 -9.16
CA ILE B 467 -23.96 4.37 -7.99
C ILE B 467 -24.75 4.56 -6.72
N GLY B 468 -25.69 5.52 -6.72
CA GLY B 468 -26.48 5.76 -5.53
C GLY B 468 -27.34 4.57 -5.17
N ALA B 469 -27.83 3.84 -6.17
CA ALA B 469 -28.68 2.69 -5.89
C ALA B 469 -27.88 1.54 -5.27
N SER B 470 -26.60 1.42 -5.64
CA SER B 470 -25.76 0.39 -5.02
C SER B 470 -25.39 0.77 -3.60
N ILE B 471 -25.16 2.06 -3.34
CA ILE B 471 -24.83 2.50 -1.99
C ILE B 471 -26.03 2.35 -1.06
N GLU B 472 -27.20 2.88 -1.46
CA GLU B 472 -28.37 2.77 -0.60
C GLU B 472 -28.75 1.32 -0.35
N GLY B 473 -28.54 0.45 -1.33
CA GLY B 473 -28.81 -0.95 -1.13
C GLY B 473 -27.80 -1.61 -0.21
N SER B 474 -26.56 -1.13 -0.23
CA SER B 474 -25.58 -1.60 0.73
C SER B 474 -25.91 -1.14 2.14
N HIS B 475 -26.48 0.07 2.28
CA HIS B 475 -26.78 0.60 3.62
C HIS B 475 -27.94 -0.13 4.27
N HIS B 476 -28.94 -0.54 3.48
CA HIS B 476 -30.02 -1.34 4.05
C HIS B 476 -29.51 -2.70 4.47
N PHE B 477 -28.56 -3.27 3.71
CA PHE B 477 -27.96 -4.54 4.09
C PHE B 477 -27.19 -4.42 5.41
N TYR B 478 -26.45 -3.32 5.58
CA TYR B 478 -25.73 -3.06 6.83
C TYR B 478 -26.69 -3.06 8.01
N ASN B 479 -27.73 -2.26 7.91
CA ASN B 479 -28.66 -2.11 9.04
C ASN B 479 -29.36 -3.44 9.31
N PHE B 480 -29.49 -4.27 8.30
CA PHE B 480 -30.24 -5.54 8.46
C PHE B 480 -29.41 -6.50 9.27
N LEU B 481 -28.12 -6.51 8.99
CA LEU B 481 -27.24 -7.49 9.66
C LEU B 481 -26.97 -6.97 11.06
N ASN B 482 -26.73 -5.67 11.18
CA ASN B 482 -26.56 -5.07 12.51
C ASN B 482 -27.80 -5.47 13.31
N ASP B 483 -27.60 -6.25 14.38
CA ASP B 483 -28.71 -6.71 15.24
C ASP B 483 -29.58 -7.70 14.47
N LEU B 484 -29.06 -8.91 14.23
CA LEU B 484 -29.84 -9.99 13.60
C LEU B 484 -29.43 -11.24 14.36
N THR B 485 -30.41 -12.01 14.85
CA THR B 485 -30.10 -13.18 15.69
C THR B 485 -30.74 -14.42 15.07
N PHE B 486 -30.13 -15.59 15.28
CA PHE B 486 -30.68 -16.86 14.77
C PHE B 486 -30.63 -17.93 15.86
N LYS B 487 -31.79 -18.42 16.29
CA LYS B 487 -31.85 -19.49 17.28
C LYS B 487 -31.77 -20.82 16.55
N VAL B 488 -30.58 -21.42 16.60
CA VAL B 488 -30.31 -22.66 15.88
C VAL B 488 -30.15 -23.77 16.91
N GLY B 489 -31.25 -24.47 17.19
CA GLY B 489 -31.20 -25.54 18.18
C GLY B 489 -30.94 -25.01 19.57
N ASP B 490 -30.06 -25.70 20.30
CA ASP B 490 -29.67 -25.32 21.65
C ASP B 490 -28.67 -24.17 21.66
N LYS B 491 -28.69 -23.30 20.65
CA LYS B 491 -27.71 -22.22 20.62
C LYS B 491 -28.29 -20.97 19.98
N GLU B 492 -27.59 -19.85 20.16
CA GLU B 492 -27.95 -18.57 19.54
C GLU B 492 -26.74 -18.04 18.80
N ILE B 493 -26.92 -17.73 17.51
CA ILE B 493 -25.89 -17.15 16.66
C ILE B 493 -26.26 -15.70 16.35
N GLU B 494 -25.29 -14.79 16.48
CA GLU B 494 -25.49 -13.38 16.27
C GLU B 494 -24.60 -12.90 15.13
N VAL B 495 -24.97 -11.78 14.52
CA VAL B 495 -24.25 -11.22 13.37
C VAL B 495 -23.63 -9.90 13.77
N HIS B 496 -22.39 -9.67 13.33
CA HIS B 496 -21.68 -8.42 13.59
C HIS B 496 -21.04 -7.92 12.30
N THR B 497 -21.20 -6.63 12.03
CA THR B 497 -20.64 -6.01 10.83
C THR B 497 -19.24 -5.48 11.11
N LEU B 498 -18.39 -5.52 10.09
CA LEU B 498 -17.00 -5.09 10.25
C LEU B 498 -16.89 -3.58 10.50
N THR B 499 -17.41 -2.77 9.58
CA THR B 499 -17.25 -1.32 9.68
C THR B 499 -18.35 -0.64 8.87
N HIS B 500 -18.66 0.60 9.23
CA HIS B 500 -19.48 1.42 8.34
C HIS B 500 -18.87 1.46 6.94
N PRO B 501 -19.62 1.12 5.91
CA PRO B 501 -19.10 1.21 4.54
C PRO B 501 -18.71 2.63 4.14
N ASP B 502 -17.47 2.75 3.62
CA ASP B 502 -17.07 3.98 2.95
C ASP B 502 -17.62 4.04 1.53
N PHE B 503 -18.17 2.93 1.03
CA PHE B 503 -18.75 2.86 -0.30
C PHE B 503 -19.96 1.96 -0.29
N ASN B 504 -19.86 0.77 -0.90
CA ASN B 504 -21.00 -0.14 -1.01
C ASN B 504 -20.69 -1.57 -0.55
N MET B 505 -19.61 -1.78 0.16
CA MET B 505 -19.21 -3.13 0.52
C MET B 505 -19.41 -3.32 2.03
N VAL B 506 -20.15 -4.35 2.40
CA VAL B 506 -20.50 -4.62 3.78
C VAL B 506 -19.91 -5.96 4.16
N ASP B 507 -18.95 -5.96 5.10
CA ASP B 507 -18.37 -7.19 5.64
C ASP B 507 -19.02 -7.51 6.99
N TYR B 508 -19.14 -8.79 7.25
CA TYR B 508 -19.87 -9.21 8.45
C TYR B 508 -19.40 -10.60 8.87
N VAL B 509 -19.81 -11.02 10.07
CA VAL B 509 -19.40 -12.34 10.60
C VAL B 509 -20.56 -12.83 11.45
N PHE B 510 -20.56 -14.12 11.76
CA PHE B 510 -21.58 -14.69 12.66
C PHE B 510 -20.83 -15.32 13.83
N LYS B 511 -21.33 -15.15 15.04
CA LYS B 511 -20.62 -15.66 16.24
C LYS B 511 -21.64 -16.28 17.19
N GLU B 512 -21.25 -17.35 17.88
CA GLU B 512 -22.13 -17.96 18.90
C GLU B 512 -21.99 -17.16 20.17
N LYS B 513 -23.12 -16.75 20.74
CA LYS B 513 -23.11 -15.94 21.98
C LYS B 513 -22.46 -16.79 23.06
N GLY B 514 -21.42 -16.28 23.71
CA GLY B 514 -20.80 -17.01 24.82
C GLY B 514 -19.47 -17.61 24.43
N ASN B 515 -19.07 -17.44 23.17
CA ASN B 515 -17.82 -18.10 22.71
C ASN B 515 -16.73 -17.05 22.56
N ASP B 516 -15.55 -17.34 23.09
CA ASP B 516 -14.40 -16.41 23.01
C ASP B 516 -13.33 -17.09 22.17
N ASP B 517 -13.69 -18.18 21.50
CA ASP B 517 -12.73 -18.83 20.57
C ASP B 517 -12.83 -18.12 19.22
N LEU B 518 -11.76 -17.43 18.81
CA LEU B 518 -11.76 -16.75 17.50
C LEU B 518 -11.63 -17.84 16.44
N VAL B 519 -10.82 -18.84 16.74
CA VAL B 519 -10.62 -19.97 15.79
C VAL B 519 -11.99 -20.60 15.49
N ALA B 520 -12.90 -20.61 16.46
CA ALA B 520 -14.24 -21.22 16.29
C ALA B 520 -15.12 -20.34 15.40
N MET B 521 -14.96 -19.03 15.51
CA MET B 521 -15.78 -18.11 14.71
C MET B 521 -15.16 -18.04 13.32
N ASN B 522 -13.86 -18.24 13.23
CA ASN B 522 -13.19 -18.21 11.91
C ASN B 522 -13.60 -19.44 11.12
N LYS B 523 -14.40 -20.31 11.72
CA LYS B 523 -14.77 -21.58 11.07
C LYS B 523 -16.29 -21.63 10.95
N LEU B 524 -16.99 -20.83 11.73
CA LEU B 524 -18.47 -20.78 11.56
C LEU B 524 -18.69 -19.98 10.29
N ASN B 525 -17.88 -18.97 10.07
CA ASN B 525 -18.06 -18.08 8.90
C ASN B 525 -17.49 -18.74 7.64
N HIS B 526 -16.41 -19.50 7.78
CA HIS B 526 -15.83 -20.23 6.62
C HIS B 526 -16.72 -21.42 6.30
N ASP B 527 -17.71 -21.68 7.15
CA ASP B 527 -18.62 -22.83 6.92
C ASP B 527 -19.92 -22.25 6.37
N VAL B 528 -20.30 -21.05 6.80
CA VAL B 528 -21.50 -20.36 6.23
C VAL B 528 -21.13 -20.03 4.78
N TYR B 529 -19.85 -19.78 4.52
CA TYR B 529 -19.38 -19.46 3.15
C TYR B 529 -19.48 -20.71 2.28
N ASP B 530 -19.17 -21.85 2.85
CA ASP B 530 -19.16 -23.09 2.05
C ASP B 530 -20.60 -23.38 1.66
N TYR B 531 -21.55 -23.07 2.54
CA TYR B 531 -22.97 -23.38 2.29
C TYR B 531 -23.59 -22.25 1.44
N ALA B 532 -22.96 -21.08 1.47
CA ALA B 532 -23.42 -19.93 0.67
C ALA B 532 -22.40 -19.69 -0.44
N SER B 533 -22.05 -20.74 -1.17
CA SER B 533 -21.12 -20.65 -2.30
C SER B 533 -21.25 -21.89 -3.15
N TYR B 534 -20.33 -22.09 -4.09
CA TYR B 534 -20.33 -23.25 -5.00
C TYR B 534 -19.77 -24.47 -4.28
N VAL B 535 -19.38 -24.31 -3.03
CA VAL B 535 -18.68 -25.42 -2.32
C VAL B 535 -19.70 -26.46 -1.94
N LYS B 536 -20.82 -26.04 -1.36
CA LYS B 536 -21.78 -27.04 -0.87
C LYS B 536 -23.08 -26.95 -1.67
N GLY B 537 -23.41 -28.02 -2.38
CA GLY B 537 -24.69 -28.10 -3.10
C GLY B 537 -24.66 -27.50 -4.48
N ASN B 538 -25.80 -27.53 -5.18
CA ASN B 538 -25.91 -26.90 -6.51
C ASN B 538 -26.18 -25.42 -6.28
N ILE B 539 -25.52 -24.53 -7.04
CA ILE B 539 -25.64 -23.06 -6.82
C ILE B 539 -26.99 -22.59 -7.37
N TYR B 540 -27.67 -23.43 -8.12
CA TYR B 540 -28.97 -23.06 -8.72
C TYR B 540 -30.08 -23.29 -7.69
N ASN B 541 -29.74 -23.89 -6.54
CA ASN B 541 -30.72 -24.05 -5.44
C ASN B 541 -30.18 -23.29 -4.24
N ASN B 542 -29.19 -22.44 -4.44
CA ASN B 542 -28.63 -21.62 -3.33
C ASN B 542 -29.44 -20.34 -3.18
N GLU B 543 -30.05 -20.15 -2.01
CA GLU B 543 -30.94 -18.99 -1.78
C GLU B 543 -30.15 -17.82 -1.20
N PHE B 544 -28.85 -17.99 -1.02
CA PHE B 544 -27.97 -16.93 -0.49
C PHE B 544 -26.53 -17.28 -0.82
N ILE B 545 -25.91 -16.49 -1.68
CA ILE B 545 -24.49 -16.71 -2.05
C ILE B 545 -23.72 -15.46 -1.67
N THR B 546 -22.48 -15.62 -1.18
CA THR B 546 -21.67 -14.48 -0.67
C THR B 546 -20.20 -14.73 -0.94
N SER B 547 -19.34 -13.82 -0.47
CA SER B 547 -17.88 -13.97 -0.62
C SER B 547 -17.25 -14.01 0.77
N HIS B 548 -15.95 -14.26 0.82
CA HIS B 548 -15.27 -14.38 2.13
C HIS B 548 -13.82 -13.91 2.00
N THR B 549 -13.24 -13.45 3.10
CA THR B 549 -11.84 -13.00 3.11
C THR B 549 -11.29 -13.32 4.49
N ASP B 550 -9.99 -13.51 4.57
CA ASP B 550 -9.34 -13.76 5.88
C ASP B 550 -8.45 -12.58 6.19
N PHE B 551 -8.83 -11.72 7.14
CA PHE B 551 -7.93 -10.61 7.56
C PHE B 551 -6.84 -11.20 8.46
N ALA B 552 -5.56 -10.99 8.15
CA ALA B 552 -4.49 -11.66 8.91
C ALA B 552 -3.39 -10.70 9.38
N ILE B 553 -2.81 -10.96 10.55
CA ILE B 553 -1.76 -10.10 11.14
C ILE B 553 -0.64 -9.84 10.13
N PRO B 554 -0.10 -10.85 9.40
CA PRO B 554 0.98 -10.59 8.49
C PRO B 554 0.60 -9.62 7.37
N ASP B 555 -0.68 -9.36 7.17
CA ASP B 555 -1.10 -8.53 6.01
C ASP B 555 -1.91 -7.32 6.47
N TYR B 556 -2.46 -7.37 7.68
CA TYR B 556 -3.32 -6.26 8.17
C TYR B 556 -2.76 -5.72 9.49
N GLY B 557 -2.08 -6.57 10.23
CA GLY B 557 -1.56 -6.15 11.54
C GLY B 557 -2.64 -6.30 12.59
N ASN B 558 -2.79 -5.27 13.42
CA ASN B 558 -3.80 -5.33 14.51
C ASN B 558 -4.96 -4.39 14.14
N SER B 559 -5.10 -4.09 12.86
CA SER B 559 -6.25 -3.25 12.40
C SER B 559 -7.55 -3.88 12.88
N PRO B 560 -7.79 -5.19 12.74
CA PRO B 560 -9.07 -5.77 13.14
C PRO B 560 -9.20 -6.09 14.62
N LEU B 561 -8.28 -5.60 15.46
CA LEU B 561 -8.27 -5.94 16.92
C LEU B 561 -9.48 -5.33 17.61
N LYS B 562 -9.73 -4.06 17.37
CA LYS B 562 -10.86 -3.36 18.01
C LYS B 562 -12.13 -4.13 17.67
N PHE B 563 -12.19 -4.68 16.47
CA PHE B 563 -13.37 -5.47 16.06
C PHE B 563 -13.38 -6.77 16.85
N VAL B 564 -12.31 -7.54 16.75
CA VAL B 564 -12.27 -8.86 17.43
C VAL B 564 -12.55 -8.64 18.91
N ASN B 565 -11.97 -7.59 19.50
CA ASN B 565 -12.13 -7.33 20.95
C ASN B 565 -13.55 -6.85 21.23
N SER B 566 -14.15 -6.13 20.30
CA SER B 566 -15.54 -5.64 20.48
C SER B 566 -16.48 -6.81 20.57
N LEU B 567 -16.02 -7.99 20.18
CA LEU B 567 -16.89 -9.20 20.17
C LEU B 567 -16.56 -10.04 21.39
N GLY B 568 -15.47 -9.73 22.10
CA GLY B 568 -15.14 -10.43 23.36
C GLY B 568 -13.90 -11.29 23.25
N PHE B 569 -13.18 -11.14 22.14
CA PHE B 569 -11.99 -12.00 21.92
C PHE B 569 -10.78 -11.32 22.56
N SER B 570 -9.91 -12.10 23.17
CA SER B 570 -8.75 -11.52 23.88
C SER B 570 -7.67 -11.16 22.89
N ASP B 571 -6.79 -10.22 23.24
CA ASP B 571 -5.66 -9.89 22.36
C ASP B 571 -4.84 -11.16 22.25
N GLU B 572 -5.00 -12.06 23.21
CA GLU B 572 -4.28 -13.34 23.21
C GLU B 572 -5.00 -14.26 22.22
N GLU B 573 -6.32 -14.22 22.21
CA GLU B 573 -7.07 -15.02 21.21
C GLU B 573 -6.70 -14.49 19.83
N TRP B 574 -6.60 -13.17 19.70
CA TRP B 574 -6.34 -12.58 18.38
C TRP B 574 -4.99 -13.10 17.88
N ASN B 575 -4.01 -13.21 18.76
CA ASN B 575 -2.65 -13.58 18.30
C ASN B 575 -2.55 -15.10 18.14
N ARG B 576 -3.48 -15.85 18.74
CA ARG B 576 -3.46 -17.34 18.65
C ARG B 576 -4.09 -17.77 17.34
N ALA B 577 -4.99 -16.97 16.80
CA ALA B 577 -5.70 -17.35 15.57
C ALA B 577 -4.97 -16.76 14.37
N GLY B 578 -4.44 -15.56 14.54
CA GLY B 578 -3.68 -14.90 13.46
C GLY B 578 -4.57 -14.40 12.36
N LYS B 579 -5.88 -14.52 12.54
CA LYS B 579 -6.79 -14.17 11.44
C LYS B 579 -8.21 -13.99 11.93
N VAL B 580 -8.99 -13.16 11.24
CA VAL B 580 -10.44 -13.04 11.54
C VAL B 580 -11.11 -13.35 10.20
N THR B 581 -11.74 -14.51 10.08
CA THR B 581 -12.41 -14.89 8.82
C THR B 581 -13.74 -14.15 8.74
N VAL B 582 -13.86 -13.24 7.78
CA VAL B 582 -15.09 -12.42 7.65
C VAL B 582 -15.78 -12.72 6.33
N LEU B 583 -17.06 -12.35 6.21
CA LEU B 583 -17.82 -12.57 4.96
C LEU B 583 -17.96 -11.23 4.27
N ARG B 584 -17.78 -11.17 2.95
CA ARG B 584 -17.77 -9.88 2.22
C ARG B 584 -19.03 -9.76 1.35
N ALA B 585 -19.50 -8.54 1.15
CA ALA B 585 -20.68 -8.31 0.30
C ALA B 585 -20.52 -7.01 -0.45
N ALA B 586 -19.88 -7.04 -1.61
CA ALA B 586 -19.85 -5.83 -2.45
C ALA B 586 -21.24 -5.72 -3.05
N VAL B 587 -22.08 -4.85 -2.50
CA VAL B 587 -23.48 -4.77 -2.97
C VAL B 587 -23.55 -3.97 -4.27
N MET B 588 -23.53 -4.64 -5.42
CA MET B 588 -23.70 -4.00 -6.72
C MET B 588 -25.05 -4.25 -7.34
N THR B 589 -25.97 -4.85 -6.61
CA THR B 589 -27.34 -4.96 -7.16
C THR B 589 -27.87 -3.54 -7.31
N PRO B 590 -28.55 -3.20 -8.43
CA PRO B 590 -29.18 -1.91 -8.57
C PRO B 590 -30.65 -1.95 -8.16
N TYR B 591 -31.11 -3.05 -7.59
CA TYR B 591 -32.55 -3.22 -7.33
C TYR B 591 -32.93 -3.19 -5.84
N MET B 592 -31.97 -2.96 -4.95
CA MET B 592 -32.28 -3.05 -3.49
C MET B 592 -32.20 -1.66 -2.83
N ASN B 593 -32.30 -0.58 -3.60
CA ASN B 593 -32.23 0.81 -3.08
C ASN B 593 -33.53 1.18 -2.38
N ASP B 594 -34.67 0.73 -2.88
CA ASP B 594 -35.97 0.97 -2.23
C ASP B 594 -36.09 0.02 -1.06
N LYS B 595 -36.51 0.50 0.11
CA LYS B 595 -36.56 -0.35 1.31
C LYS B 595 -37.65 -1.40 1.14
N GLU B 596 -38.70 -1.10 0.38
CA GLU B 596 -39.84 -2.02 0.26
C GLU B 596 -39.47 -3.26 -0.57
N GLU B 597 -38.44 -3.19 -1.40
CA GLU B 597 -38.00 -4.35 -2.21
C GLU B 597 -36.97 -5.11 -1.41
N PHE B 598 -36.17 -4.41 -0.61
CA PHE B 598 -35.24 -5.10 0.30
C PHE B 598 -36.10 -5.81 1.33
N ASP B 599 -37.22 -5.20 1.72
CA ASP B 599 -38.11 -5.79 2.74
C ASP B 599 -38.89 -6.96 2.15
N VAL B 600 -38.67 -7.28 0.89
CA VAL B 600 -39.31 -8.49 0.31
C VAL B 600 -38.22 -9.54 0.31
N TYR B 601 -36.99 -9.09 0.17
CA TYR B 601 -35.86 -10.04 0.07
C TYR B 601 -35.23 -10.27 1.43
N ALA B 602 -35.39 -9.34 2.37
CA ALA B 602 -34.89 -9.54 3.73
C ALA B 602 -35.42 -10.84 4.33
N PRO B 603 -36.72 -11.11 4.30
CA PRO B 603 -37.21 -12.41 4.80
C PRO B 603 -36.62 -13.58 4.06
N LYS B 604 -36.25 -13.42 2.80
CA LYS B 604 -35.64 -14.50 2.05
C LYS B 604 -34.18 -14.71 2.45
N ILE B 605 -33.50 -13.63 2.86
CA ILE B 605 -32.14 -13.76 3.36
C ILE B 605 -32.14 -14.44 4.72
N GLN B 606 -33.06 -14.05 5.60
CA GLN B 606 -33.08 -14.64 6.93
C GLN B 606 -33.38 -16.13 6.85
N ALA B 607 -34.38 -16.50 6.05
CA ALA B 607 -34.79 -17.90 5.98
C ALA B 607 -33.71 -18.79 5.38
N ALA B 608 -32.90 -18.26 4.46
CA ALA B 608 -31.83 -19.04 3.85
C ALA B 608 -30.64 -19.17 4.78
N LEU B 609 -30.25 -18.09 5.45
CA LEU B 609 -29.17 -18.18 6.43
C LEU B 609 -29.58 -19.04 7.62
N GLN B 610 -30.86 -19.02 7.98
CA GLN B 610 -31.36 -19.91 9.01
C GLN B 610 -31.17 -21.37 8.60
N GLU B 611 -31.77 -21.76 7.47
CA GLU B 611 -31.63 -23.13 7.00
C GLU B 611 -30.17 -23.53 6.86
N LYS B 612 -29.30 -22.60 6.53
CA LYS B 612 -27.88 -22.97 6.27
C LYS B 612 -27.18 -23.22 7.60
N LEU B 613 -27.48 -22.40 8.60
CA LEU B 613 -26.85 -22.54 9.95
C LEU B 613 -27.35 -23.84 10.59
N GLU B 614 -28.61 -24.20 10.39
CA GLU B 614 -29.18 -25.43 10.96
C GLU B 614 -28.53 -26.66 10.31
N GLN B 615 -27.80 -26.46 9.23
CA GLN B 615 -27.19 -27.60 8.51
C GLN B 615 -25.76 -27.75 8.99
N ILE B 616 -25.13 -26.65 9.38
CA ILE B 616 -23.76 -26.70 9.98
C ILE B 616 -23.92 -27.28 11.38
N TYR B 617 -24.92 -26.82 12.11
CA TYR B 617 -25.19 -27.32 13.48
C TYR B 617 -26.31 -28.35 13.40
N ASP B 618 -26.01 -29.56 12.95
CA ASP B 618 -27.04 -30.62 12.75
C ASP B 618 -28.10 -30.53 13.84
N GLU C 4 -24.99 -41.08 -37.62
CA GLU C 4 -23.58 -41.14 -38.05
C GLU C 4 -22.91 -39.80 -37.75
N LYS C 5 -21.58 -39.81 -37.62
CA LYS C 5 -20.85 -38.57 -37.25
C LYS C 5 -20.19 -38.02 -38.50
N LEU C 6 -19.42 -36.97 -38.34
CA LEU C 6 -18.85 -36.36 -39.55
C LEU C 6 -17.75 -37.30 -40.03
N ALA C 7 -17.75 -37.57 -41.33
CA ALA C 7 -16.71 -38.43 -41.89
C ALA C 7 -15.50 -37.58 -42.20
N LYS C 8 -14.38 -38.23 -42.51
CA LYS C 8 -13.17 -37.52 -42.84
C LYS C 8 -13.40 -36.61 -44.04
N GLY C 9 -13.06 -35.34 -43.88
CA GLY C 9 -13.23 -34.33 -44.91
C GLY C 9 -14.65 -33.89 -45.15
N GLU C 10 -15.59 -34.34 -44.32
CA GLU C 10 -16.99 -33.94 -44.46
C GLU C 10 -17.31 -32.64 -43.74
N MET C 11 -16.37 -32.11 -42.97
CA MET C 11 -16.59 -30.87 -42.23
C MET C 11 -16.80 -29.71 -43.20
N ASN C 12 -17.98 -29.08 -43.13
CA ASN C 12 -18.29 -27.99 -44.05
C ASN C 12 -17.94 -26.65 -43.41
N LEU C 13 -16.85 -26.04 -43.87
CA LEU C 13 -16.49 -24.78 -43.26
C LEU C 13 -17.45 -23.64 -43.61
N ASN C 14 -18.26 -23.79 -44.65
CA ASN C 14 -19.19 -22.73 -45.02
C ASN C 14 -20.39 -22.62 -44.09
N ALA C 15 -20.47 -23.46 -43.06
CA ALA C 15 -21.53 -23.39 -42.07
C ALA C 15 -21.02 -22.82 -40.75
N LEU C 16 -19.72 -22.55 -40.67
CA LEU C 16 -19.09 -22.03 -39.47
C LEU C 16 -18.73 -20.56 -39.63
N PHE C 17 -19.32 -19.89 -40.62
CA PHE C 17 -19.09 -18.47 -40.84
C PHE C 17 -20.42 -17.84 -41.23
N ILE C 18 -20.62 -16.59 -40.80
CA ILE C 18 -21.85 -15.89 -41.13
C ILE C 18 -21.97 -15.71 -42.64
N GLY C 19 -20.89 -15.31 -43.30
CA GLY C 19 -20.82 -15.27 -44.75
C GLY C 19 -20.43 -13.94 -45.36
N ASP C 20 -19.78 -14.02 -46.54
CA ASP C 20 -19.38 -12.81 -47.24
C ASP C 20 -20.58 -11.95 -47.60
N LYS C 21 -21.73 -12.58 -47.84
CA LYS C 21 -22.98 -11.88 -48.09
C LYS C 21 -24.05 -12.39 -47.15
N ALA C 22 -23.64 -12.68 -45.91
CA ALA C 22 -24.57 -13.12 -44.86
C ALA C 22 -25.44 -14.28 -45.35
N GLU C 23 -24.82 -15.25 -46.02
CA GLU C 23 -25.59 -16.36 -46.57
C GLU C 23 -26.16 -17.23 -45.46
N ASN C 24 -25.44 -17.34 -44.34
CA ASN C 24 -25.89 -18.06 -43.16
C ASN C 24 -26.41 -17.11 -42.08
N GLY C 25 -26.97 -15.98 -42.48
CA GLY C 25 -27.37 -14.98 -41.50
C GLY C 25 -28.53 -15.41 -40.64
N GLN C 26 -29.48 -16.17 -41.21
CA GLN C 26 -30.57 -16.70 -40.41
C GLN C 26 -30.04 -17.72 -39.40
N LEU C 27 -29.15 -18.61 -39.83
CA LEU C 27 -28.53 -19.55 -38.90
C LEU C 27 -27.96 -18.83 -37.69
N TYR C 28 -27.20 -17.75 -37.93
CA TYR C 28 -26.67 -16.96 -36.81
C TYR C 28 -27.79 -16.39 -35.97
N LYS C 29 -28.75 -15.71 -36.61
CA LYS C 29 -29.82 -15.07 -35.86
C LYS C 29 -30.65 -16.09 -35.09
N ASP C 30 -30.87 -17.27 -35.67
CA ASP C 30 -31.65 -18.31 -35.00
C ASP C 30 -30.89 -18.87 -33.79
N LEU C 31 -29.64 -19.29 -34.01
CA LEU C 31 -28.84 -19.84 -32.92
C LEU C 31 -28.54 -18.78 -31.85
N LEU C 32 -28.44 -17.52 -32.26
CA LEU C 32 -28.21 -16.47 -31.28
C LEU C 32 -29.40 -16.34 -30.35
N ILE C 33 -30.60 -16.18 -30.91
CA ILE C 33 -31.79 -16.03 -30.08
C ILE C 33 -32.12 -17.32 -29.36
N ASP C 34 -31.77 -18.48 -29.94
CA ASP C 34 -31.98 -19.73 -29.24
C ASP C 34 -31.10 -19.81 -28.00
N LEU C 35 -29.86 -19.32 -28.10
CA LEU C 35 -28.98 -19.33 -26.93
C LEU C 35 -29.42 -18.28 -25.93
N VAL C 36 -29.79 -17.09 -26.41
CA VAL C 36 -30.30 -16.07 -25.51
C VAL C 36 -31.51 -16.59 -24.76
N ASP C 37 -32.42 -17.26 -25.48
CA ASP C 37 -33.62 -17.77 -24.81
C ASP C 37 -33.24 -18.80 -23.74
N GLU C 38 -32.21 -19.60 -24.00
CA GLU C 38 -31.81 -20.60 -23.01
C GLU C 38 -31.23 -19.96 -21.77
N HIS C 39 -30.54 -18.83 -21.92
CA HIS C 39 -30.03 -18.14 -20.75
C HIS C 39 -31.17 -17.47 -19.98
N LEU C 40 -32.10 -16.84 -20.69
CA LEU C 40 -33.23 -16.17 -20.04
C LEU C 40 -34.05 -17.16 -19.23
N GLY C 41 -34.19 -18.39 -19.72
CA GLY C 41 -34.85 -19.42 -18.93
C GLY C 41 -34.06 -19.76 -17.68
N TRP C 42 -32.74 -19.86 -17.81
CA TRP C 42 -31.89 -20.09 -16.65
C TRP C 42 -32.11 -19.02 -15.58
N ARG C 43 -32.24 -17.77 -16.00
CA ARG C 43 -32.49 -16.70 -15.04
C ARG C 43 -33.81 -16.89 -14.32
N GLN C 44 -34.90 -17.13 -15.06
CA GLN C 44 -36.18 -17.04 -14.39
C GLN C 44 -36.39 -18.21 -13.42
N ASN C 45 -35.72 -19.33 -13.64
CA ASN C 45 -35.92 -20.53 -12.84
C ASN C 45 -34.83 -20.69 -11.80
N TYR C 46 -33.96 -19.70 -11.66
CA TYR C 46 -33.17 -19.56 -10.44
C TYR C 46 -34.11 -18.96 -9.40
N MET C 47 -34.50 -19.76 -8.42
CA MET C 47 -35.50 -19.35 -7.45
C MET C 47 -36.76 -18.92 -8.18
N PRO C 48 -37.47 -19.86 -8.81
CA PRO C 48 -38.69 -19.50 -9.55
C PRO C 48 -39.78 -18.94 -8.67
N GLN C 49 -39.61 -18.98 -7.34
CA GLN C 49 -40.59 -18.40 -6.44
C GLN C 49 -40.48 -16.89 -6.37
N ASP C 50 -39.35 -16.32 -6.78
CA ASP C 50 -39.15 -14.89 -6.71
C ASP C 50 -40.01 -14.21 -7.77
N MET C 51 -40.71 -13.18 -7.38
CA MET C 51 -41.56 -12.54 -8.38
C MET C 51 -40.79 -11.45 -9.11
N PRO C 52 -41.10 -11.21 -10.38
CA PRO C 52 -40.39 -10.16 -11.12
C PRO C 52 -40.41 -8.84 -10.37
N VAL C 53 -39.22 -8.27 -10.17
CA VAL C 53 -39.12 -7.02 -9.42
C VAL C 53 -39.52 -5.84 -10.29
N ILE C 54 -39.20 -5.87 -11.58
CA ILE C 54 -39.59 -4.83 -12.52
C ILE C 54 -41.04 -5.10 -12.94
N SER C 55 -41.93 -4.21 -12.57
CA SER C 55 -43.37 -4.42 -12.79
C SER C 55 -43.72 -4.37 -14.26
N SER C 56 -44.89 -4.93 -14.59
CA SER C 56 -45.42 -4.76 -15.94
C SER C 56 -45.76 -3.30 -16.20
N GLN C 57 -46.20 -2.57 -15.19
CA GLN C 57 -46.63 -1.18 -15.42
C GLN C 57 -45.41 -0.30 -15.65
N GLU C 58 -44.31 -0.59 -14.95
CA GLU C 58 -43.07 0.20 -15.11
C GLU C 58 -42.56 0.08 -16.53
N ARG C 59 -42.72 -1.08 -17.14
CA ARG C 59 -42.18 -1.30 -18.51
C ARG C 59 -43.07 -0.64 -19.54
N THR C 60 -44.19 -0.05 -19.12
CA THR C 60 -45.10 0.67 -20.03
C THR C 60 -45.26 2.08 -19.47
N SER C 61 -44.17 2.65 -18.96
CA SER C 61 -44.22 4.00 -18.35
C SER C 61 -43.50 4.98 -19.26
N LYS C 62 -43.62 6.27 -18.98
CA LYS C 62 -42.98 7.30 -19.81
C LYS C 62 -41.50 7.34 -19.48
N SER C 63 -41.15 7.26 -18.21
CA SER C 63 -39.75 7.20 -17.80
C SER C 63 -39.07 6.07 -18.56
N TYR C 64 -39.62 4.87 -18.47
CA TYR C 64 -39.10 3.71 -19.20
C TYR C 64 -38.96 4.01 -20.68
N GLU C 65 -40.04 4.41 -21.37
CA GLU C 65 -40.03 4.69 -22.83
C GLU C 65 -38.95 5.71 -23.17
N LYS C 66 -38.89 6.81 -22.46
CA LYS C 66 -37.93 7.89 -22.78
C LYS C 66 -36.52 7.40 -22.52
N THR C 67 -36.37 6.49 -21.57
CA THR C 67 -35.04 5.89 -21.31
C THR C 67 -34.79 4.84 -22.38
N VAL C 68 -35.85 4.14 -22.80
CA VAL C 68 -35.66 3.15 -23.86
C VAL C 68 -35.36 3.83 -25.18
N ASN C 69 -36.07 4.91 -25.49
CA ASN C 69 -35.84 5.63 -26.73
C ASN C 69 -34.49 6.33 -26.75
N HIS C 70 -33.93 6.64 -25.57
CA HIS C 70 -32.63 7.29 -25.51
C HIS C 70 -31.52 6.29 -25.77
N MET C 71 -31.67 5.08 -25.23
CA MET C 71 -30.77 3.98 -25.59
C MET C 71 -30.82 3.73 -27.09
N LYS C 72 -32.02 3.69 -27.66
CA LYS C 72 -32.15 3.53 -29.11
C LYS C 72 -31.38 4.61 -29.85
N ASP C 73 -31.41 5.85 -29.38
CA ASP C 73 -30.76 6.94 -30.13
C ASP C 73 -29.25 6.76 -30.11
N VAL C 74 -28.70 6.19 -29.05
CA VAL C 74 -27.23 6.02 -28.90
C VAL C 74 -26.79 4.81 -29.71
N LEU C 75 -27.59 3.77 -29.73
CA LEU C 75 -27.25 2.54 -30.47
C LEU C 75 -27.41 2.81 -31.96
N ASN C 76 -28.30 3.72 -32.34
CA ASN C 76 -28.47 4.13 -33.76
C ASN C 76 -27.22 4.89 -34.20
N GLU C 77 -26.60 5.61 -33.27
CA GLU C 77 -25.39 6.40 -33.57
C GLU C 77 -24.20 5.47 -33.70
N ILE C 78 -24.02 4.56 -32.73
CA ILE C 78 -22.95 3.55 -32.81
C ILE C 78 -23.11 2.82 -34.14
N SER C 79 -24.35 2.59 -34.58
CA SER C 79 -24.59 1.92 -35.89
C SER C 79 -24.11 2.77 -37.07
N SER C 80 -24.44 4.05 -37.12
CA SER C 80 -23.93 4.91 -38.22
C SER C 80 -22.41 4.88 -38.22
N ARG C 81 -21.79 4.99 -37.05
CA ARG C 81 -20.32 5.06 -36.99
C ARG C 81 -19.71 3.74 -37.46
N MET C 82 -20.23 2.61 -36.97
CA MET C 82 -19.73 1.31 -37.39
C MET C 82 -19.92 1.08 -38.89
N ARG C 83 -21.02 1.56 -39.47
CA ARG C 83 -21.34 1.26 -40.85
C ARG C 83 -20.78 2.30 -41.83
N THR C 84 -20.15 3.36 -41.35
CA THR C 84 -19.49 4.31 -42.24
C THR C 84 -17.99 4.10 -42.32
N HIS C 85 -17.36 3.70 -41.21
CA HIS C 85 -15.91 3.71 -41.13
C HIS C 85 -15.27 2.33 -40.96
N SER C 86 -16.03 1.30 -40.66
CA SER C 86 -15.44 -0.02 -40.40
C SER C 86 -14.98 -0.69 -41.70
N VAL C 87 -14.09 -1.67 -41.53
CA VAL C 87 -13.37 -2.32 -42.64
C VAL C 87 -14.10 -3.57 -43.12
N PRO C 88 -14.30 -3.73 -44.45
CA PRO C 88 -15.09 -4.84 -45.00
C PRO C 88 -14.29 -6.13 -45.25
N TRP C 89 -13.54 -6.61 -44.24
CA TRP C 89 -12.83 -7.88 -44.45
C TRP C 89 -13.74 -9.09 -44.40
N HIS C 90 -15.06 -8.92 -44.42
CA HIS C 90 -15.95 -10.07 -44.56
C HIS C 90 -15.99 -10.57 -45.99
N THR C 91 -15.51 -9.75 -46.93
CA THR C 91 -15.58 -10.07 -48.35
C THR C 91 -14.77 -11.33 -48.67
N ALA C 92 -15.27 -12.13 -49.61
CA ALA C 92 -14.64 -13.40 -49.93
C ALA C 92 -13.26 -13.22 -50.58
N GLY C 93 -13.08 -12.16 -51.37
CA GLY C 93 -11.81 -12.02 -52.07
C GLY C 93 -11.44 -10.64 -52.57
N ARG C 94 -11.80 -9.59 -51.82
CA ARG C 94 -11.34 -8.24 -52.13
C ARG C 94 -10.46 -7.64 -51.05
N TYR C 95 -10.39 -8.26 -49.88
CA TYR C 95 -9.53 -7.83 -48.80
C TYR C 95 -8.30 -8.72 -48.79
N TRP C 96 -7.13 -8.12 -49.05
CA TRP C 96 -5.87 -8.84 -49.10
C TRP C 96 -4.82 -8.05 -48.31
N GLY C 97 -4.97 -8.04 -46.98
CA GLY C 97 -4.05 -7.27 -46.16
C GLY C 97 -3.75 -7.84 -44.79
N HIS C 98 -4.37 -7.25 -43.77
CA HIS C 98 -4.11 -7.54 -42.37
C HIS C 98 -4.69 -8.89 -41.95
N MET C 99 -4.26 -9.33 -40.76
CA MET C 99 -4.62 -10.62 -40.22
C MET C 99 -6.07 -10.66 -39.76
N ASN C 100 -7.00 -10.40 -40.67
CA ASN C 100 -8.41 -10.27 -40.31
C ASN C 100 -9.28 -10.76 -41.45
N SER C 101 -10.16 -11.70 -41.15
CA SER C 101 -11.24 -12.07 -42.04
C SER C 101 -12.54 -12.13 -41.24
N GLU C 102 -13.40 -13.10 -41.54
CA GLU C 102 -14.49 -13.34 -40.61
C GLU C 102 -13.97 -14.06 -39.38
N THR C 103 -14.84 -14.21 -38.40
CA THR C 103 -14.56 -15.02 -37.24
C THR C 103 -15.57 -16.16 -37.19
N LEU C 104 -15.19 -17.24 -36.53
CA LEU C 104 -16.02 -18.44 -36.53
C LEU C 104 -17.37 -18.16 -35.87
N MET C 105 -18.44 -18.56 -36.55
CA MET C 105 -19.77 -18.39 -35.97
C MET C 105 -19.90 -19.04 -34.60
N PRO C 106 -19.38 -20.25 -34.36
CA PRO C 106 -19.50 -20.83 -33.01
C PRO C 106 -18.88 -19.96 -31.92
N SER C 107 -17.88 -19.14 -32.22
CA SER C 107 -17.29 -18.30 -31.18
C SER C 107 -18.12 -17.04 -30.93
N LEU C 108 -18.53 -16.35 -31.99
CA LEU C 108 -19.42 -15.21 -31.81
C LEU C 108 -20.65 -15.64 -31.01
N LEU C 109 -21.18 -16.81 -31.35
CA LEU C 109 -22.38 -17.31 -30.66
C LEU C 109 -22.07 -17.63 -29.21
N ALA C 110 -20.93 -18.26 -28.94
CA ALA C 110 -20.60 -18.64 -27.58
C ALA C 110 -20.14 -17.47 -26.73
N TYR C 111 -19.56 -16.43 -27.33
CA TYR C 111 -19.17 -15.27 -26.53
C TYR C 111 -20.40 -14.52 -26.05
N ASN C 112 -21.29 -14.16 -26.97
CA ASN C 112 -22.48 -13.42 -26.57
C ASN C 112 -23.28 -14.21 -25.54
N PHE C 113 -23.43 -15.52 -25.75
CA PHE C 113 -24.13 -16.36 -24.79
C PHE C 113 -23.49 -16.27 -23.41
N ALA C 114 -22.17 -16.46 -23.33
CA ALA C 114 -21.51 -16.50 -22.04
C ALA C 114 -21.40 -15.11 -21.41
N MET C 115 -21.41 -14.07 -22.23
CA MET C 115 -21.36 -12.71 -21.70
C MET C 115 -22.60 -12.39 -20.89
N LEU C 116 -23.69 -13.13 -21.10
CA LEU C 116 -24.92 -12.96 -20.34
C LEU C 116 -24.78 -13.38 -18.89
N TRP C 117 -23.72 -14.13 -18.56
CA TRP C 117 -23.35 -14.43 -17.18
C TRP C 117 -22.17 -13.60 -16.69
N ASN C 118 -21.43 -12.99 -17.60
CA ASN C 118 -20.26 -12.15 -17.31
C ASN C 118 -19.40 -12.70 -16.17
N GLY C 119 -18.91 -13.92 -16.38
CA GLY C 119 -18.06 -14.54 -15.39
C GLY C 119 -16.65 -13.99 -15.41
N ASN C 120 -16.00 -14.01 -14.25
CA ASN C 120 -14.59 -13.63 -14.11
C ASN C 120 -13.78 -14.90 -13.92
N ASN C 121 -12.95 -15.25 -14.90
CA ASN C 121 -12.16 -16.46 -14.81
C ASN C 121 -10.94 -16.32 -13.92
N VAL C 122 -10.70 -15.14 -13.36
CA VAL C 122 -9.60 -14.96 -12.42
C VAL C 122 -9.86 -15.74 -11.13
N ALA C 123 -11.10 -16.14 -10.89
CA ALA C 123 -11.44 -16.92 -9.70
C ALA C 123 -12.56 -17.88 -10.05
N TYR C 124 -12.32 -19.17 -9.81
CA TYR C 124 -13.31 -20.19 -10.13
C TYR C 124 -14.64 -19.92 -9.44
N GLU C 125 -14.59 -19.26 -8.29
CA GLU C 125 -15.78 -19.03 -7.47
C GLU C 125 -16.84 -18.22 -8.21
N SER C 126 -16.46 -17.47 -9.24
CA SER C 126 -17.37 -16.61 -9.99
C SER C 126 -17.57 -17.10 -11.42
N SER C 127 -17.08 -18.29 -11.75
CA SER C 127 -17.12 -18.78 -13.12
C SER C 127 -16.83 -20.27 -13.12
N PRO C 128 -17.55 -21.06 -12.33
CA PRO C 128 -17.26 -22.49 -12.25
C PRO C 128 -17.28 -23.18 -13.61
N ALA C 129 -18.05 -22.66 -14.57
CA ALA C 129 -18.18 -23.31 -15.85
C ALA C 129 -17.17 -22.79 -16.86
N THR C 130 -16.97 -21.48 -16.93
CA THR C 130 -16.01 -20.92 -17.88
C THR C 130 -14.58 -21.12 -17.44
N SER C 131 -14.34 -21.43 -16.16
CA SER C 131 -12.98 -21.75 -15.73
C SER C 131 -12.60 -23.18 -16.08
N GLN C 132 -13.55 -24.12 -16.03
CA GLN C 132 -13.24 -25.45 -16.50
C GLN C 132 -13.08 -25.49 -18.02
N MET C 133 -13.66 -24.52 -18.73
CA MET C 133 -13.42 -24.43 -20.17
C MET C 133 -12.02 -23.90 -20.46
N GLU C 134 -11.54 -22.91 -19.71
CA GLU C 134 -10.20 -22.43 -19.97
C GLU C 134 -9.15 -23.45 -19.58
N GLU C 135 -9.40 -24.22 -18.51
CA GLU C 135 -8.51 -25.33 -18.17
C GLU C 135 -8.42 -26.32 -19.31
N GLU C 136 -9.57 -26.77 -19.83
CA GLU C 136 -9.56 -27.66 -20.98
C GLU C 136 -8.91 -26.99 -22.18
N VAL C 137 -9.22 -25.72 -22.42
CA VAL C 137 -8.55 -24.99 -23.49
C VAL C 137 -7.05 -24.99 -23.30
N GLY C 138 -6.60 -24.96 -22.04
CA GLY C 138 -5.17 -24.89 -21.78
C GLY C 138 -4.45 -26.19 -22.14
N HIS C 139 -5.08 -27.33 -21.86
CA HIS C 139 -4.49 -28.58 -22.31
C HIS C 139 -4.61 -28.75 -23.81
N GLU C 140 -5.69 -28.22 -24.39
CA GLU C 140 -5.83 -28.27 -25.85
C GLU C 140 -4.72 -27.47 -26.52
N PHE C 141 -4.32 -26.36 -25.90
CA PHE C 141 -3.13 -25.65 -26.35
C PHE C 141 -1.90 -26.54 -26.24
N ALA C 142 -1.70 -27.14 -25.06
CA ALA C 142 -0.50 -27.93 -24.82
C ALA C 142 -0.45 -29.12 -25.76
N HIS C 143 -1.59 -29.77 -25.99
CA HIS C 143 -1.61 -30.87 -26.93
C HIS C 143 -1.44 -30.35 -28.36
N LEU C 144 -1.83 -29.10 -28.61
CA LEU C 144 -1.58 -28.54 -29.93
C LEU C 144 -0.09 -28.41 -30.22
N MET C 145 0.72 -28.20 -29.18
CA MET C 145 2.17 -28.17 -29.37
C MET C 145 2.81 -29.52 -29.09
N SER C 146 2.02 -30.58 -28.94
CA SER C 146 2.53 -31.91 -28.63
C SER C 146 3.33 -31.93 -27.33
N TYR C 147 3.00 -31.05 -26.39
CA TYR C 147 3.58 -31.16 -25.06
C TYR C 147 2.94 -32.34 -24.35
N LYS C 148 3.75 -33.10 -23.61
CA LYS C 148 3.16 -34.23 -22.91
C LYS C 148 2.69 -33.87 -21.52
N ASN C 149 3.45 -33.07 -20.77
CA ASN C 149 2.99 -32.60 -19.47
C ASN C 149 3.08 -31.08 -19.40
N GLY C 150 2.33 -30.43 -20.29
CA GLY C 150 2.27 -28.99 -20.39
C GLY C 150 0.98 -28.40 -19.85
N TRP C 151 0.85 -27.09 -20.05
CA TRP C 151 -0.31 -26.33 -19.61
C TRP C 151 -0.38 -25.05 -20.45
N GLY C 152 -1.43 -24.28 -20.25
CA GLY C 152 -1.60 -23.03 -20.96
C GLY C 152 -2.85 -22.32 -20.50
N HIS C 153 -2.98 -21.07 -20.92
CA HIS C 153 -4.14 -20.28 -20.58
C HIS C 153 -4.33 -19.20 -21.63
N ILE C 154 -5.46 -18.51 -21.55
CA ILE C 154 -5.80 -17.47 -22.50
C ILE C 154 -5.24 -16.15 -21.98
N VAL C 155 -4.42 -15.50 -22.79
CA VAL C 155 -3.89 -14.19 -22.43
C VAL C 155 -4.70 -13.14 -23.18
N ALA C 156 -4.70 -11.91 -22.65
CA ALA C 156 -5.50 -10.85 -23.25
C ALA C 156 -5.11 -10.64 -24.71
N ASP C 157 -3.81 -10.56 -24.98
CA ASP C 157 -3.34 -10.46 -26.35
C ASP C 157 -1.97 -11.12 -26.42
N GLY C 158 -1.43 -11.20 -27.64
CA GLY C 158 -0.12 -11.80 -27.82
C GLY C 158 1.00 -10.97 -27.24
N SER C 159 0.86 -9.64 -27.27
CA SER C 159 1.88 -8.78 -26.71
C SER C 159 2.05 -9.04 -25.22
N LEU C 160 0.95 -9.33 -24.53
CA LEU C 160 1.02 -9.66 -23.12
C LEU C 160 1.38 -11.11 -22.90
N ALA C 161 1.25 -11.96 -23.93
CA ALA C 161 1.71 -13.33 -23.82
C ALA C 161 3.20 -13.45 -24.11
N ASN C 162 3.71 -12.66 -25.05
CA ASN C 162 5.16 -12.59 -25.21
C ASN C 162 5.80 -12.08 -23.93
N LEU C 163 5.20 -11.08 -23.31
CA LEU C 163 5.71 -10.55 -22.05
C LEU C 163 5.69 -11.61 -20.96
N GLU C 164 4.57 -12.35 -20.85
CA GLU C 164 4.49 -13.39 -19.84
C GLU C 164 5.51 -14.50 -20.08
N GLY C 165 5.87 -14.75 -21.34
CA GLY C 165 6.92 -15.70 -21.60
C GLY C 165 8.26 -15.18 -21.11
N LEU C 166 8.51 -13.89 -21.36
CA LEU C 166 9.72 -13.26 -20.84
C LEU C 166 9.72 -13.27 -19.32
N TRP C 167 8.55 -13.10 -18.71
CA TRP C 167 8.43 -13.24 -17.26
C TRP C 167 8.86 -14.62 -16.80
N TYR C 168 8.36 -15.67 -17.46
CA TYR C 168 8.81 -17.02 -17.14
C TYR C 168 10.33 -17.09 -17.24
N ALA C 169 10.87 -16.79 -18.41
CA ALA C 169 12.31 -16.82 -18.63
C ALA C 169 13.05 -15.99 -17.59
N ARG C 170 12.74 -14.69 -17.52
CA ARG C 170 13.44 -13.80 -16.60
C ARG C 170 13.54 -14.41 -15.21
N ASN C 171 12.45 -15.00 -14.72
CA ASN C 171 12.51 -15.61 -13.40
C ASN C 171 13.36 -16.87 -13.41
N ILE C 172 13.24 -17.70 -14.44
CA ILE C 172 13.89 -19.01 -14.41
C ILE C 172 15.40 -18.90 -14.52
N LYS C 173 15.91 -18.02 -15.36
CA LYS C 173 17.37 -17.92 -15.41
C LYS C 173 17.89 -17.50 -14.05
N SER C 174 17.10 -16.74 -13.31
CA SER C 174 17.53 -16.21 -12.01
C SER C 174 17.39 -17.23 -10.89
N LEU C 175 16.61 -18.30 -11.09
CA LEU C 175 16.47 -19.30 -10.04
C LEU C 175 17.79 -19.93 -9.61
N PRO C 176 18.74 -20.27 -10.51
CA PRO C 176 20.01 -20.83 -10.06
C PRO C 176 20.68 -19.99 -8.97
N PHE C 177 21.02 -18.75 -9.31
CA PHE C 177 21.66 -17.85 -8.33
C PHE C 177 20.88 -17.96 -7.02
N ALA C 178 19.56 -17.87 -7.10
CA ALA C 178 18.73 -17.86 -5.88
C ALA C 178 18.81 -19.19 -5.17
N MET C 179 18.84 -20.32 -5.89
CA MET C 179 18.81 -21.61 -5.15
C MET C 179 20.19 -21.87 -4.55
N LYS C 180 21.02 -20.83 -4.52
CA LYS C 180 22.32 -20.94 -3.82
C LYS C 180 22.15 -20.15 -2.54
N GLU C 181 21.49 -19.00 -2.64
CA GLU C 181 21.28 -18.13 -1.45
C GLU C 181 20.50 -18.92 -0.40
N VAL C 182 19.67 -19.86 -0.84
CA VAL C 182 18.90 -20.74 0.09
C VAL C 182 19.21 -22.13 -0.45
N LYS C 183 18.97 -23.21 0.31
CA LYS C 183 19.35 -24.59 -0.10
C LYS C 183 20.53 -24.59 -1.07
N PRO C 184 21.76 -24.22 -0.66
CA PRO C 184 22.89 -24.10 -1.60
C PRO C 184 23.38 -25.48 -2.04
N GLU C 185 22.73 -26.55 -1.55
CA GLU C 185 23.07 -27.93 -1.97
C GLU C 185 22.66 -28.10 -3.43
N LEU C 186 21.46 -27.66 -3.78
CA LEU C 186 20.93 -27.81 -5.16
C LEU C 186 21.99 -27.47 -6.20
N VAL C 187 22.76 -26.42 -5.99
CA VAL C 187 23.75 -25.98 -7.01
C VAL C 187 25.16 -26.18 -6.48
N ALA C 188 25.46 -27.38 -5.99
CA ALA C 188 26.78 -27.66 -5.37
C ALA C 188 27.91 -27.67 -6.39
N GLY C 189 28.86 -26.74 -6.26
CA GLY C 189 30.04 -26.72 -7.13
C GLY C 189 29.79 -26.05 -8.46
N LYS C 190 28.52 -25.78 -8.75
CA LYS C 190 28.18 -25.17 -10.05
C LYS C 190 28.67 -23.73 -10.01
N SER C 191 29.57 -23.36 -10.92
CA SER C 191 30.13 -22.00 -10.91
C SER C 191 29.03 -21.00 -11.23
N ASP C 192 29.23 -19.73 -10.93
CA ASP C 192 28.23 -18.71 -11.30
C ASP C 192 27.84 -18.88 -12.77
N TRP C 193 28.82 -19.03 -13.65
CA TRP C 193 28.52 -19.13 -15.10
C TRP C 193 27.69 -20.38 -15.36
N GLU C 194 27.95 -21.46 -14.62
CA GLU C 194 27.24 -22.73 -14.89
C GLU C 194 25.86 -22.66 -14.26
N LEU C 195 25.63 -21.68 -13.40
CA LEU C 195 24.27 -21.50 -12.86
C LEU C 195 23.52 -20.84 -13.99
N LEU C 196 24.12 -19.81 -14.56
CA LEU C 196 23.45 -19.03 -15.64
C LEU C 196 23.52 -19.79 -16.96
N ASN C 197 23.74 -21.10 -16.91
CA ASN C 197 23.70 -21.95 -18.13
C ASN C 197 23.21 -23.32 -17.71
N MET C 198 22.16 -23.38 -16.90
CA MET C 198 21.59 -24.67 -16.43
C MET C 198 20.34 -25.05 -17.25
N PRO C 199 20.12 -26.29 -17.77
CA PRO C 199 18.91 -26.60 -18.55
C PRO C 199 17.63 -26.33 -17.77
N THR C 200 16.60 -25.88 -18.50
CA THR C 200 15.36 -25.50 -17.85
C THR C 200 14.71 -26.70 -17.18
N LYS C 201 14.86 -27.90 -17.77
CA LYS C 201 14.37 -29.09 -17.11
C LYS C 201 15.11 -29.31 -15.80
N GLU C 202 16.41 -29.05 -15.78
CA GLU C 202 17.17 -29.19 -14.55
C GLU C 202 16.72 -28.19 -13.50
N ILE C 203 16.63 -26.91 -13.88
CA ILE C 203 16.20 -25.88 -12.94
C ILE C 203 14.86 -26.24 -12.32
N MET C 204 13.96 -26.81 -13.13
CA MET C 204 12.64 -27.19 -12.61
C MET C 204 12.70 -28.44 -11.77
N ASP C 205 13.46 -29.45 -12.19
CA ASP C 205 13.55 -30.71 -11.43
C ASP C 205 14.05 -30.39 -10.02
N LEU C 206 14.87 -29.35 -9.89
CA LEU C 206 15.47 -29.02 -8.58
C LEU C 206 14.44 -28.37 -7.65
N LEU C 207 13.70 -27.39 -8.13
CA LEU C 207 12.74 -26.67 -7.28
C LEU C 207 11.69 -27.64 -6.74
N GLU C 208 11.39 -28.69 -7.49
CA GLU C 208 10.34 -29.64 -7.06
C GLU C 208 10.83 -30.36 -5.82
N SER C 209 12.12 -30.69 -5.80
CA SER C 209 12.71 -31.37 -4.62
C SER C 209 12.62 -30.44 -3.42
N ALA C 210 12.69 -29.13 -3.64
CA ALA C 210 12.71 -28.16 -2.52
C ALA C 210 11.32 -27.64 -2.20
N GLU C 211 10.35 -28.50 -1.94
CA GLU C 211 8.95 -28.05 -1.77
C GLU C 211 8.81 -27.08 -0.61
N ASP C 212 9.36 -27.42 0.55
CA ASP C 212 9.12 -26.56 1.75
C ASP C 212 9.98 -25.30 1.70
N GLU C 213 10.73 -25.11 0.61
CA GLU C 213 11.61 -23.94 0.49
C GLU C 213 11.23 -23.12 -0.75
N ILE C 214 10.39 -23.67 -1.63
CA ILE C 214 10.03 -22.99 -2.92
C ILE C 214 9.74 -21.52 -2.69
N ASP C 215 8.92 -21.18 -1.72
CA ASP C 215 8.53 -19.76 -1.58
C ASP C 215 9.77 -18.89 -1.37
N GLU C 216 10.64 -19.28 -0.44
CA GLU C 216 11.81 -18.42 -0.13
C GLU C 216 12.73 -18.37 -1.34
N ILE C 217 12.90 -19.50 -2.00
CA ILE C 217 13.75 -19.51 -3.18
C ILE C 217 13.23 -18.53 -4.22
N LYS C 218 11.92 -18.51 -4.43
CA LYS C 218 11.38 -17.57 -5.40
C LYS C 218 11.54 -16.13 -4.92
N ALA C 219 11.67 -15.95 -3.61
CA ALA C 219 11.84 -14.63 -3.03
C ALA C 219 13.24 -14.08 -3.24
N HIS C 220 14.19 -14.94 -3.57
CA HIS C 220 15.53 -14.50 -3.94
C HIS C 220 15.71 -14.47 -5.45
N SER C 221 14.63 -14.69 -6.19
CA SER C 221 14.66 -14.70 -7.65
C SER C 221 14.67 -13.26 -8.17
N ALA C 222 14.54 -13.11 -9.48
CA ALA C 222 14.37 -11.78 -10.06
C ALA C 222 13.09 -11.10 -9.58
N ARG C 223 12.18 -11.86 -8.96
CA ARG C 223 10.99 -11.24 -8.38
C ARG C 223 11.36 -10.15 -7.40
N SER C 224 12.52 -10.29 -6.75
CA SER C 224 12.98 -9.31 -5.77
C SER C 224 13.48 -8.04 -6.43
N GLY C 225 13.87 -8.10 -7.71
CA GLY C 225 14.35 -6.95 -8.44
C GLY C 225 15.83 -6.95 -8.74
N LYS C 226 16.58 -7.97 -8.33
CA LYS C 226 18.03 -7.98 -8.42
C LYS C 226 18.49 -9.19 -9.23
N HIS C 227 19.65 -9.02 -9.87
CA HIS C 227 20.19 -9.94 -10.87
C HIS C 227 19.47 -9.78 -12.19
N LEU C 228 18.93 -8.59 -12.46
CA LEU C 228 18.19 -8.39 -13.70
C LEU C 228 19.10 -8.12 -14.89
N GLN C 229 20.35 -7.76 -14.65
CA GLN C 229 21.31 -7.59 -15.72
C GLN C 229 22.27 -8.77 -15.84
N ALA C 230 22.36 -9.61 -14.80
CA ALA C 230 23.22 -10.79 -14.87
C ALA C 230 22.54 -11.94 -15.59
N ILE C 231 21.20 -11.98 -15.58
CA ILE C 231 20.49 -13.11 -16.17
C ILE C 231 20.72 -13.22 -17.67
N GLY C 232 21.10 -12.14 -18.35
CA GLY C 232 21.46 -12.35 -19.76
C GLY C 232 20.80 -11.42 -20.76
N LYS C 233 20.94 -11.76 -22.04
CA LYS C 233 20.41 -10.91 -23.12
C LYS C 233 19.21 -11.60 -23.76
N TRP C 234 18.35 -10.82 -24.42
CA TRP C 234 17.18 -11.41 -25.10
C TRP C 234 17.45 -11.46 -26.59
N LEU C 235 17.49 -12.66 -27.15
CA LEU C 235 17.85 -12.80 -28.56
C LEU C 235 16.55 -12.94 -29.35
N VAL C 236 16.24 -11.93 -30.16
CA VAL C 236 14.99 -11.94 -30.94
C VAL C 236 15.38 -11.76 -32.40
N PRO C 237 14.55 -12.21 -33.36
CA PRO C 237 14.85 -11.97 -34.75
C PRO C 237 14.82 -10.49 -35.11
N GLN C 238 15.55 -10.09 -36.15
CA GLN C 238 15.50 -8.69 -36.64
C GLN C 238 14.05 -8.42 -37.04
N THR C 239 13.36 -9.44 -37.54
CA THR C 239 11.92 -9.36 -37.88
C THR C 239 11.11 -9.39 -36.59
N LYS C 240 11.58 -8.71 -35.52
CA LYS C 240 10.93 -8.77 -34.19
C LYS C 240 9.64 -7.97 -34.19
N HIS C 241 8.80 -8.19 -33.18
CA HIS C 241 7.60 -7.35 -33.03
C HIS C 241 7.85 -6.42 -31.84
N TYR C 242 7.15 -5.30 -31.79
CA TYR C 242 7.33 -4.31 -30.70
C TYR C 242 6.99 -4.94 -29.34
N SER C 243 6.21 -6.02 -29.33
CA SER C 243 5.82 -6.72 -28.09
C SER C 243 7.04 -7.23 -27.34
N TRP C 244 8.16 -7.36 -28.03
CA TRP C 244 9.38 -7.90 -27.39
C TRP C 244 10.25 -6.75 -26.86
N LEU C 245 10.26 -5.63 -27.54
CA LEU C 245 11.06 -4.47 -27.09
C LEU C 245 10.30 -3.82 -25.95
N LYS C 246 8.99 -3.73 -26.07
CA LYS C 246 8.16 -3.20 -24.98
C LYS C 246 8.26 -4.18 -23.83
N ALA C 247 8.59 -5.43 -24.12
CA ALA C 247 8.61 -6.47 -23.07
C ALA C 247 9.87 -6.33 -22.25
N ALA C 248 10.93 -5.83 -22.87
CA ALA C 248 12.19 -5.60 -22.14
C ALA C 248 12.01 -4.36 -21.29
N ASP C 249 11.43 -3.32 -21.87
CA ASP C 249 11.13 -2.09 -21.10
C ASP C 249 10.35 -2.47 -19.85
N ILE C 250 9.32 -3.30 -19.99
CA ILE C 250 8.45 -3.58 -18.82
C ILE C 250 9.13 -4.55 -17.86
N ILE C 251 9.52 -5.73 -18.32
CA ILE C 251 10.07 -6.79 -17.42
C ILE C 251 11.32 -6.31 -16.67
N GLY C 252 12.04 -5.30 -17.16
CA GLY C 252 13.16 -4.72 -16.38
C GLY C 252 14.53 -5.17 -16.81
N ILE C 253 14.61 -6.12 -17.74
CA ILE C 253 15.93 -6.61 -18.27
C ILE C 253 16.55 -5.48 -19.09
N GLY C 254 15.72 -4.65 -19.72
CA GLY C 254 16.26 -3.49 -20.45
C GLY C 254 16.20 -3.61 -21.94
N LEU C 255 15.89 -2.51 -22.62
CA LEU C 255 15.88 -2.49 -24.10
C LEU C 255 17.32 -2.61 -24.57
N ASP C 256 18.27 -2.30 -23.71
CA ASP C 256 19.71 -2.34 -24.06
C ASP C 256 20.23 -3.77 -23.88
N GLN C 257 19.38 -4.67 -23.38
CA GLN C 257 19.77 -6.08 -23.15
C GLN C 257 19.08 -6.98 -24.18
N VAL C 258 18.67 -6.39 -25.29
CA VAL C 258 17.95 -7.18 -26.34
C VAL C 258 18.82 -7.16 -27.59
N ILE C 259 19.33 -8.32 -27.98
CA ILE C 259 20.25 -8.34 -29.14
C ILE C 259 19.50 -8.86 -30.37
N PRO C 260 19.35 -8.02 -31.42
CA PRO C 260 18.68 -8.45 -32.63
C PRO C 260 19.54 -9.37 -33.51
N VAL C 261 19.02 -10.55 -33.85
CA VAL C 261 19.80 -11.53 -34.66
C VAL C 261 19.47 -11.27 -36.13
N PRO C 262 20.48 -11.16 -37.05
CA PRO C 262 20.20 -11.00 -38.46
C PRO C 262 19.26 -12.06 -39.03
N VAL C 263 18.59 -11.72 -40.12
CA VAL C 263 17.67 -12.69 -40.76
C VAL C 263 18.15 -12.91 -42.20
N ASP C 264 17.70 -14.01 -42.81
CA ASP C 264 18.18 -14.36 -44.16
C ASP C 264 17.35 -13.66 -45.23
N HIS C 265 17.54 -14.07 -46.47
CA HIS C 265 16.80 -13.47 -47.60
C HIS C 265 15.39 -14.05 -47.63
N ASN C 266 15.17 -15.14 -46.91
CA ASN C 266 13.80 -15.73 -46.79
C ASN C 266 13.21 -15.16 -45.50
N TYR C 267 13.90 -14.18 -44.89
CA TYR C 267 13.43 -13.45 -43.68
C TYR C 267 13.31 -14.36 -42.46
N ARG C 268 14.04 -15.45 -42.44
CA ARG C 268 14.07 -16.34 -41.25
C ARG C 268 15.41 -16.13 -40.57
N MET C 269 15.54 -16.49 -39.30
CA MET C 269 16.78 -16.20 -38.56
C MET C 269 17.97 -16.96 -39.14
N ASP C 270 19.17 -16.38 -39.05
CA ASP C 270 20.39 -17.10 -39.48
C ASP C 270 20.92 -17.86 -38.28
N ILE C 271 20.83 -19.19 -38.31
CA ILE C 271 21.25 -19.97 -37.12
C ILE C 271 22.78 -19.90 -37.03
N ASN C 272 23.42 -19.54 -38.12
CA ASN C 272 24.90 -19.42 -38.13
C ASN C 272 25.25 -18.09 -37.48
N GLU C 273 24.56 -17.02 -37.89
CA GLU C 273 24.81 -15.69 -37.29
C GLU C 273 24.34 -15.71 -35.83
N LEU C 274 23.40 -16.59 -35.50
CA LEU C 274 22.96 -16.70 -34.10
C LEU C 274 24.15 -17.23 -33.31
N GLU C 275 24.66 -18.39 -33.68
CA GLU C 275 25.84 -18.97 -33.00
C GLU C 275 26.89 -17.86 -32.83
N LYS C 276 27.26 -17.18 -33.91
CA LYS C 276 28.26 -16.09 -33.82
C LYS C 276 27.93 -15.22 -32.62
N ILE C 277 26.68 -14.78 -32.50
CA ILE C 277 26.29 -13.85 -31.39
C ILE C 277 26.43 -14.59 -30.06
N VAL C 278 25.84 -15.77 -29.94
CA VAL C 278 25.84 -16.51 -28.64
C VAL C 278 27.26 -16.88 -28.25
N ARG C 279 28.06 -17.35 -29.18
CA ARG C 279 29.44 -17.78 -28.89
C ARG C 279 30.20 -16.64 -28.22
N GLY C 280 30.19 -15.46 -28.83
CA GLY C 280 30.98 -14.35 -28.28
C GLY C 280 30.46 -13.85 -26.96
N LEU C 281 29.17 -14.04 -26.68
CA LEU C 281 28.66 -13.64 -25.35
C LEU C 281 29.30 -14.59 -24.35
N ALA C 282 29.45 -15.85 -24.72
CA ALA C 282 29.98 -16.84 -23.77
C ALA C 282 31.47 -16.57 -23.60
N GLU C 283 32.10 -16.00 -24.62
CA GLU C 283 33.53 -15.62 -24.49
C GLU C 283 33.67 -14.64 -23.33
N GLU C 284 32.77 -13.65 -23.25
CA GLU C 284 32.83 -12.62 -22.18
C GLU C 284 32.00 -13.04 -20.98
N GLN C 285 31.67 -14.34 -20.87
CA GLN C 285 30.87 -14.88 -19.74
C GLN C 285 29.55 -14.11 -19.60
N ILE C 286 28.91 -13.74 -20.73
CA ILE C 286 27.62 -13.00 -20.75
C ILE C 286 26.55 -14.02 -21.09
N PRO C 287 25.53 -14.23 -20.23
CA PRO C 287 24.55 -15.28 -20.46
C PRO C 287 23.44 -14.95 -21.47
N VAL C 288 22.65 -15.95 -21.83
CA VAL C 288 21.55 -15.74 -22.81
C VAL C 288 20.23 -16.08 -22.12
N LEU C 289 19.47 -15.05 -21.76
CA LEU C 289 18.21 -15.28 -21.09
C LEU C 289 17.32 -16.17 -21.94
N GLY C 290 17.27 -15.90 -23.24
CA GLY C 290 16.53 -16.75 -24.16
C GLY C 290 16.62 -16.23 -25.57
N VAL C 291 16.18 -17.08 -26.49
CA VAL C 291 16.02 -16.77 -27.91
C VAL C 291 14.56 -16.98 -28.29
N VAL C 292 14.08 -16.20 -29.27
CA VAL C 292 12.71 -16.31 -29.76
C VAL C 292 12.73 -16.72 -31.23
N GLY C 293 11.99 -17.78 -31.56
CA GLY C 293 11.76 -18.19 -32.93
C GLY C 293 10.34 -17.82 -33.34
N VAL C 294 10.21 -17.10 -34.45
CA VAL C 294 8.95 -16.52 -34.89
C VAL C 294 8.33 -17.46 -35.92
N VAL C 295 7.32 -18.22 -35.50
CA VAL C 295 6.60 -19.12 -36.40
C VAL C 295 5.39 -18.36 -36.92
N GLY C 296 5.57 -17.71 -38.07
CA GLY C 296 4.54 -16.86 -38.63
C GLY C 296 4.87 -15.41 -38.38
N SER C 297 5.88 -14.91 -39.09
CA SER C 297 6.38 -13.55 -38.87
C SER C 297 5.30 -12.51 -39.20
N THR C 298 5.50 -11.31 -38.67
CA THR C 298 4.45 -10.30 -38.67
C THR C 298 4.25 -9.70 -40.07
N GLU C 299 5.26 -9.01 -40.62
CA GLU C 299 5.12 -8.36 -41.93
C GLU C 299 5.60 -9.17 -43.14
N GLU C 300 6.13 -10.36 -42.95
CA GLU C 300 6.47 -11.18 -44.11
C GLU C 300 5.89 -12.58 -44.03
N GLY C 301 5.48 -13.06 -42.86
CA GLY C 301 4.88 -14.37 -42.74
C GLY C 301 5.88 -15.50 -42.81
N ALA C 302 7.02 -15.34 -42.14
CA ALA C 302 8.11 -16.29 -42.23
C ALA C 302 8.10 -17.23 -41.03
N VAL C 303 8.49 -18.48 -41.25
CA VAL C 303 8.50 -19.49 -40.21
C VAL C 303 9.97 -19.75 -39.91
N ASP C 304 10.41 -19.42 -38.69
CA ASP C 304 11.84 -19.55 -38.31
C ASP C 304 12.20 -21.03 -38.16
N SER C 305 13.48 -21.36 -38.29
CA SER C 305 13.92 -22.78 -38.21
C SER C 305 14.14 -23.18 -36.76
N ILE C 306 13.08 -23.57 -36.07
CA ILE C 306 13.14 -23.96 -34.63
C ILE C 306 13.88 -25.29 -34.54
N ASP C 307 13.71 -26.14 -35.53
CA ASP C 307 14.44 -27.42 -35.57
C ASP C 307 15.94 -27.17 -35.39
N LYS C 308 16.45 -26.07 -35.94
CA LYS C 308 17.90 -25.80 -35.91
C LYS C 308 18.24 -24.92 -34.71
N ILE C 309 17.31 -24.10 -34.25
CA ILE C 309 17.58 -23.31 -33.01
C ILE C 309 17.81 -24.31 -31.89
N ILE C 310 17.00 -25.36 -31.84
CA ILE C 310 17.11 -26.36 -30.74
C ILE C 310 18.35 -27.22 -30.97
N ALA C 311 18.64 -27.58 -32.21
CA ALA C 311 19.79 -28.49 -32.48
C ALA C 311 21.08 -27.78 -32.11
N LEU C 312 21.14 -26.47 -32.37
CA LEU C 312 22.34 -25.68 -32.05
C LEU C 312 22.42 -25.54 -30.54
N ARG C 313 21.29 -25.47 -29.86
CA ARG C 313 21.34 -25.41 -28.39
C ARG C 313 21.92 -26.72 -27.91
N ASP C 314 21.45 -27.82 -28.48
CA ASP C 314 21.92 -29.14 -28.03
C ASP C 314 23.44 -29.16 -28.20
N GLU C 315 23.91 -28.71 -29.36
CA GLU C 315 25.36 -28.71 -29.62
C GLU C 315 26.07 -27.83 -28.58
N LEU C 316 25.56 -26.63 -28.31
CA LEU C 316 26.25 -25.67 -27.41
C LEU C 316 26.23 -26.16 -25.95
N MET C 317 25.40 -27.15 -25.64
CA MET C 317 25.25 -27.63 -24.25
C MET C 317 26.44 -28.53 -23.93
N LYS C 318 27.35 -28.71 -24.89
CA LYS C 318 28.61 -29.45 -24.63
C LYS C 318 29.69 -28.42 -24.39
N ASP C 319 29.47 -27.18 -24.85
CA ASP C 319 30.42 -26.07 -24.55
C ASP C 319 29.87 -25.31 -23.35
N GLY C 320 28.95 -25.92 -22.60
CA GLY C 320 28.42 -25.31 -21.36
C GLY C 320 27.53 -24.11 -21.63
N ILE C 321 26.77 -24.12 -22.73
CA ILE C 321 25.90 -23.01 -23.11
C ILE C 321 24.48 -23.54 -23.30
N TYR C 322 23.55 -23.00 -22.53
CA TYR C 322 22.14 -23.31 -22.62
C TYR C 322 21.37 -22.01 -22.81
N TYR C 323 20.31 -22.04 -23.63
CA TYR C 323 19.46 -20.86 -23.73
C TYR C 323 17.99 -21.28 -23.79
N TYR C 324 17.11 -20.47 -23.20
CA TYR C 324 15.64 -20.74 -23.23
C TYR C 324 15.13 -20.46 -24.64
N VAL C 325 14.13 -21.23 -25.09
CA VAL C 325 13.51 -20.97 -26.43
C VAL C 325 12.04 -20.63 -26.24
N HIS C 326 11.60 -19.45 -26.69
CA HIS C 326 10.16 -19.11 -26.68
C HIS C 326 9.74 -18.91 -28.12
N VAL C 327 8.80 -19.70 -28.59
CA VAL C 327 8.30 -19.61 -30.00
C VAL C 327 7.17 -18.59 -30.02
N ASP C 328 7.36 -17.51 -30.78
CA ASP C 328 6.29 -16.49 -30.94
C ASP C 328 5.46 -16.91 -32.14
N ALA C 329 4.48 -17.77 -31.92
CA ALA C 329 3.59 -18.22 -33.00
C ALA C 329 2.25 -17.54 -32.80
N ALA C 330 2.29 -16.33 -32.27
CA ALA C 330 1.04 -15.60 -32.12
C ALA C 330 0.22 -15.71 -33.40
N TYR C 331 0.88 -15.60 -34.55
CA TYR C 331 0.20 -15.73 -35.83
C TYR C 331 0.09 -17.18 -36.29
N GLY C 332 1.20 -17.93 -36.26
CA GLY C 332 1.26 -19.26 -36.86
C GLY C 332 0.90 -20.43 -35.98
N GLY C 333 0.65 -20.19 -34.69
CA GLY C 333 0.45 -21.30 -33.76
C GLY C 333 -0.65 -22.26 -34.19
N TYR C 334 -1.78 -21.72 -34.66
CA TYR C 334 -2.88 -22.60 -35.03
C TYR C 334 -2.61 -23.38 -36.30
N GLY C 335 -1.53 -23.08 -37.01
CA GLY C 335 -1.18 -23.87 -38.16
C GLY C 335 -0.49 -25.17 -37.82
N ARG C 336 -0.06 -25.35 -36.57
CA ARG C 336 0.50 -26.62 -36.18
C ARG C 336 -0.55 -27.72 -36.17
N ALA C 337 -1.83 -27.36 -36.32
CA ALA C 337 -2.87 -28.37 -36.38
C ALA C 337 -2.94 -29.07 -37.73
N ILE C 338 -2.49 -28.41 -38.80
CA ILE C 338 -2.49 -29.04 -40.11
C ILE C 338 -1.54 -30.23 -40.18
N PHE C 339 -0.70 -30.41 -39.16
CA PHE C 339 0.27 -31.48 -39.12
C PHE C 339 -0.13 -32.61 -38.19
N LEU C 340 -1.25 -32.48 -37.48
CA LEU C 340 -1.68 -33.45 -36.48
C LEU C 340 -2.87 -34.24 -36.97
N ASP C 341 -2.83 -35.55 -36.75
CA ASP C 341 -3.93 -36.44 -37.11
C ASP C 341 -4.93 -36.52 -35.96
N GLU C 342 -5.97 -37.34 -36.11
CA GLU C 342 -7.00 -37.31 -35.08
C GLU C 342 -6.56 -37.96 -33.78
N ASP C 343 -5.35 -38.50 -33.71
CA ASP C 343 -4.81 -39.04 -32.47
C ASP C 343 -3.73 -38.12 -31.90
N ASN C 344 -3.59 -36.92 -32.46
CA ASN C 344 -2.64 -35.91 -32.05
C ASN C 344 -1.21 -36.28 -32.38
N ASN C 345 -1.00 -37.23 -33.29
CA ASN C 345 0.34 -37.59 -33.71
C ASN C 345 0.74 -36.79 -34.95
N PHE C 346 2.01 -36.41 -35.00
CA PHE C 346 2.49 -35.52 -36.04
C PHE C 346 2.63 -36.33 -37.32
N ILE C 347 1.85 -35.98 -38.34
CA ILE C 347 1.82 -36.78 -39.57
C ILE C 347 3.20 -36.76 -40.23
N PRO C 348 3.74 -37.91 -40.66
CA PRO C 348 5.00 -37.89 -41.41
C PRO C 348 4.87 -37.04 -42.67
N TYR C 349 5.94 -36.32 -43.00
CA TYR C 349 5.85 -35.38 -44.11
C TYR C 349 5.45 -36.08 -45.41
N GLU C 350 5.96 -37.29 -45.64
CA GLU C 350 5.65 -38.03 -46.86
C GLU C 350 4.20 -38.47 -46.92
N ASP C 351 3.49 -38.50 -45.79
CA ASP C 351 2.09 -38.90 -45.76
C ASP C 351 1.14 -37.72 -45.78
N LEU C 352 1.66 -36.50 -45.83
CA LEU C 352 0.82 -35.32 -45.71
C LEU C 352 -0.17 -35.20 -46.86
N GLN C 353 0.35 -35.20 -48.10
CA GLN C 353 -0.54 -35.00 -49.25
C GLN C 353 -1.66 -36.02 -49.26
N ASP C 354 -1.38 -37.24 -48.79
CA ASP C 354 -2.42 -38.27 -48.78
C ASP C 354 -3.46 -37.97 -47.72
N VAL C 355 -3.01 -37.67 -46.50
CA VAL C 355 -3.93 -37.35 -45.42
C VAL C 355 -4.64 -36.04 -45.72
N HIS C 356 -3.91 -35.03 -46.20
CA HIS C 356 -4.53 -33.76 -46.54
C HIS C 356 -5.60 -33.93 -47.62
N GLU C 357 -5.43 -34.92 -48.51
CA GLU C 357 -6.40 -35.13 -49.57
C GLU C 357 -7.59 -35.92 -49.01
N GLU C 358 -7.35 -36.72 -47.99
CA GLU C 358 -8.38 -37.52 -47.37
C GLU C 358 -9.32 -36.68 -46.49
N TYR C 359 -8.85 -35.55 -45.98
CA TYR C 359 -9.62 -34.71 -45.06
C TYR C 359 -10.12 -33.40 -45.67
N GLY C 360 -9.76 -33.08 -46.89
CA GLY C 360 -10.19 -31.82 -47.48
C GLY C 360 -9.29 -30.65 -47.15
N VAL C 361 -8.12 -30.89 -46.55
CA VAL C 361 -7.27 -29.79 -46.14
C VAL C 361 -6.82 -28.98 -47.34
N PHE C 362 -6.46 -29.65 -48.43
CA PHE C 362 -6.02 -29.01 -49.64
C PHE C 362 -6.87 -29.51 -50.81
N LYS C 363 -7.12 -28.62 -51.77
CA LYS C 363 -7.96 -28.96 -52.91
C LYS C 363 -7.16 -29.52 -54.08
N GLU C 364 -5.85 -29.27 -54.12
CA GLU C 364 -4.96 -29.79 -55.14
C GLU C 364 -3.87 -30.62 -54.48
N LYS C 365 -3.75 -31.89 -54.89
CA LYS C 365 -2.80 -32.81 -54.24
C LYS C 365 -1.38 -32.58 -54.79
N LYS C 366 -0.83 -31.43 -54.39
CA LYS C 366 0.58 -31.09 -54.55
C LYS C 366 1.21 -30.86 -53.17
N GLU C 367 2.48 -30.46 -53.21
CA GLU C 367 3.15 -29.92 -52.03
C GLU C 367 2.72 -28.49 -51.88
N HIS C 368 2.21 -28.16 -50.69
CA HIS C 368 1.90 -26.81 -50.29
C HIS C 368 2.77 -26.39 -49.12
N ILE C 369 3.24 -27.35 -48.33
CA ILE C 369 4.07 -27.12 -47.16
C ILE C 369 5.43 -27.76 -47.42
N SER C 370 6.49 -27.06 -47.03
CA SER C 370 7.81 -27.61 -47.24
C SER C 370 8.23 -28.46 -46.06
N ARG C 371 9.28 -29.24 -46.28
CA ARG C 371 9.90 -30.00 -45.20
C ARG C 371 10.51 -29.07 -44.17
N GLU C 372 11.10 -27.96 -44.63
CA GLU C 372 11.74 -27.02 -43.72
C GLU C 372 10.76 -26.42 -42.73
N VAL C 373 9.57 -26.02 -43.18
CA VAL C 373 8.62 -25.45 -42.25
C VAL C 373 7.92 -26.56 -41.48
N TYR C 374 7.73 -27.72 -42.10
CA TYR C 374 7.20 -28.88 -41.40
C TYR C 374 8.09 -29.22 -40.21
N ASP C 375 9.40 -29.28 -40.43
CA ASP C 375 10.33 -29.61 -39.34
C ASP C 375 10.38 -28.51 -38.30
N ALA C 376 10.27 -27.26 -38.73
CA ALA C 376 10.24 -26.16 -37.77
C ALA C 376 9.07 -26.31 -36.81
N TYR C 377 7.88 -26.54 -37.36
CA TYR C 377 6.69 -26.71 -36.52
C TYR C 377 6.85 -27.87 -35.54
N LYS C 378 7.52 -28.95 -35.98
CA LYS C 378 7.61 -30.15 -35.15
C LYS C 378 8.47 -29.91 -33.93
N ALA C 379 9.37 -28.92 -34.00
CA ALA C 379 10.30 -28.62 -32.92
C ALA C 379 9.72 -27.68 -31.87
N ILE C 380 8.49 -27.17 -32.08
CA ILE C 380 7.87 -26.37 -31.03
C ILE C 380 7.71 -27.22 -29.78
N GLU C 381 7.71 -28.54 -29.93
CA GLU C 381 7.62 -29.48 -28.81
C GLU C 381 8.82 -29.40 -27.89
N LEU C 382 9.92 -28.81 -28.34
CA LEU C 382 11.15 -28.74 -27.56
C LEU C 382 11.42 -27.35 -27.02
N ALA C 383 10.51 -26.41 -27.26
CA ALA C 383 10.66 -25.07 -26.66
C ALA C 383 9.92 -25.09 -25.32
N GLU C 384 10.19 -24.13 -24.45
CA GLU C 384 9.61 -24.19 -23.08
C GLU C 384 8.30 -23.41 -23.04
N SER C 385 8.19 -22.40 -23.87
CA SER C 385 6.96 -21.60 -23.91
C SER C 385 6.62 -21.22 -25.35
N VAL C 386 5.33 -21.03 -25.66
CA VAL C 386 4.89 -20.58 -27.00
C VAL C 386 3.82 -19.51 -26.82
N THR C 387 3.81 -18.52 -27.70
CA THR C 387 2.71 -17.53 -27.69
C THR C 387 1.77 -17.94 -28.83
N ILE C 388 0.48 -18.12 -28.56
CA ILE C 388 -0.51 -18.54 -29.59
C ILE C 388 -1.74 -17.65 -29.50
N ASP C 389 -2.03 -16.89 -30.56
CA ASP C 389 -3.16 -15.97 -30.48
C ASP C 389 -4.39 -16.58 -31.13
N PRO C 390 -5.43 -16.94 -30.36
CA PRO C 390 -6.69 -17.34 -30.99
C PRO C 390 -7.28 -16.28 -31.90
N HIS C 391 -7.14 -14.99 -31.57
CA HIS C 391 -7.69 -13.96 -32.45
C HIS C 391 -6.81 -13.70 -33.67
N ALA C 392 -5.90 -14.62 -33.98
CA ALA C 392 -5.16 -14.56 -35.22
C ALA C 392 -5.63 -15.69 -36.11
N MET C 393 -4.81 -16.74 -36.27
CA MET C 393 -5.18 -17.86 -37.13
C MET C 393 -6.10 -18.84 -36.44
N GLY C 394 -6.66 -18.47 -35.29
CA GLY C 394 -7.71 -19.26 -34.66
C GLY C 394 -9.10 -18.86 -35.09
N TYR C 395 -9.21 -17.71 -35.75
CA TYR C 395 -10.48 -17.20 -36.26
C TYR C 395 -11.47 -16.96 -35.13
N ILE C 396 -10.94 -16.69 -33.94
CA ILE C 396 -11.74 -16.38 -32.75
C ILE C 396 -11.73 -14.86 -32.58
N PRO C 397 -12.86 -14.24 -32.27
CA PRO C 397 -12.91 -12.77 -32.24
C PRO C 397 -12.07 -12.19 -31.12
N TYR C 398 -11.62 -10.95 -31.33
CA TYR C 398 -10.87 -10.24 -30.30
C TYR C 398 -11.71 -10.13 -29.05
N SER C 399 -11.03 -10.05 -27.90
CA SER C 399 -9.58 -10.15 -27.81
C SER C 399 -9.20 -11.47 -27.11
N ALA C 400 -8.38 -12.30 -27.76
CA ALA C 400 -8.05 -13.60 -27.18
C ALA C 400 -6.67 -14.03 -27.65
N GLY C 401 -5.70 -14.02 -26.72
CA GLY C 401 -4.38 -14.55 -26.96
C GLY C 401 -4.15 -15.83 -26.18
N GLY C 402 -2.90 -16.30 -26.21
CA GLY C 402 -2.57 -17.54 -25.55
C GLY C 402 -1.10 -17.69 -25.27
N ILE C 403 -0.79 -18.45 -24.22
CA ILE C 403 0.57 -18.90 -23.92
C ILE C 403 0.48 -20.38 -23.54
N VAL C 404 1.45 -21.16 -24.02
CA VAL C 404 1.56 -22.57 -23.71
C VAL C 404 2.94 -22.80 -23.10
N ILE C 405 2.98 -23.60 -22.03
CA ILE C 405 4.25 -23.92 -21.38
C ILE C 405 4.50 -25.42 -21.48
N GLN C 406 5.77 -25.77 -21.68
CA GLN C 406 6.17 -27.16 -21.88
C GLN C 406 5.94 -28.00 -20.63
N ASP C 407 6.17 -27.43 -19.46
CA ASP C 407 6.03 -28.13 -18.19
C ASP C 407 5.00 -27.41 -17.34
N ILE C 408 4.00 -28.15 -16.87
CA ILE C 408 2.95 -27.53 -16.08
C ILE C 408 3.53 -26.92 -14.82
N ARG C 409 4.63 -27.49 -14.31
CA ARG C 409 5.28 -26.99 -13.11
C ARG C 409 5.93 -25.64 -13.33
N MET C 410 6.16 -25.25 -14.59
CA MET C 410 6.82 -23.98 -14.85
C MET C 410 6.02 -22.80 -14.35
N ARG C 411 4.72 -22.99 -14.09
CA ARG C 411 3.87 -21.91 -13.58
C ARG C 411 4.11 -21.58 -12.11
N ASP C 412 4.81 -22.43 -11.36
CA ASP C 412 5.09 -22.12 -9.97
C ASP C 412 6.14 -21.03 -9.82
N VAL C 413 6.91 -20.73 -10.87
CA VAL C 413 7.95 -19.73 -10.75
C VAL C 413 7.40 -18.31 -10.89
N ILE C 414 6.15 -18.18 -11.33
CA ILE C 414 5.46 -16.89 -11.40
C ILE C 414 4.22 -16.87 -10.51
N SER C 415 3.91 -17.95 -9.82
CA SER C 415 2.68 -18.05 -9.04
C SER C 415 2.62 -17.01 -7.92
N TYR C 416 1.39 -16.53 -7.63
CA TYR C 416 1.10 -15.63 -6.50
C TYR C 416 -0.12 -16.15 -5.74
N PHE C 417 0.06 -17.13 -4.87
CA PHE C 417 -1.07 -17.55 -4.06
C PHE C 417 -1.55 -16.39 -3.18
N ILE C 428 -7.21 -27.97 -11.82
CA ILE C 428 -7.90 -26.69 -11.95
C ILE C 428 -7.52 -25.75 -10.81
N PRO C 429 -7.17 -24.51 -11.14
CA PRO C 429 -6.88 -23.51 -10.10
C PRO C 429 -8.14 -23.12 -9.33
N ALA C 430 -8.04 -22.12 -8.47
CA ALA C 430 -9.20 -21.58 -7.76
C ALA C 430 -9.15 -20.06 -7.65
N LEU C 432 -7.17 -19.51 -11.51
CA LEU C 432 -6.20 -19.30 -12.58
C LEU C 432 -5.39 -18.03 -12.34
N GLY C 433 -6.00 -17.05 -11.68
CA GLY C 433 -5.35 -15.77 -11.48
C GLY C 433 -4.07 -15.85 -10.68
N ALA C 434 -3.76 -17.01 -10.09
CA ALA C 434 -2.49 -17.20 -9.42
C ALA C 434 -1.37 -17.55 -10.38
N TYR C 435 -1.68 -18.22 -11.48
CA TYR C 435 -0.69 -18.68 -12.46
C TYR C 435 -0.63 -17.81 -13.71
N ILE C 436 -1.11 -16.57 -13.64
CA ILE C 436 -1.18 -15.72 -14.82
C ILE C 436 -0.64 -14.33 -14.50
N LEU C 437 -0.21 -13.64 -15.55
CA LEU C 437 0.36 -12.31 -15.39
C LEU C 437 -0.71 -11.26 -15.13
N GLU C 438 -1.83 -11.36 -15.84
CA GLU C 438 -2.90 -10.37 -15.75
C GLU C 438 -3.84 -10.76 -14.59
N GLY C 439 -5.03 -10.18 -14.58
CA GLY C 439 -5.95 -10.45 -13.50
C GLY C 439 -7.33 -10.81 -13.99
N SER C 440 -8.26 -9.87 -13.90
CA SER C 440 -9.63 -10.16 -14.30
C SER C 440 -9.70 -10.43 -15.80
N LYS C 441 -10.33 -11.54 -16.17
CA LYS C 441 -10.47 -11.89 -17.56
C LYS C 441 -11.87 -12.45 -17.77
N ALA C 442 -12.41 -12.28 -18.97
CA ALA C 442 -13.77 -12.76 -19.27
C ALA C 442 -13.78 -14.27 -19.38
N GLY C 443 -14.89 -14.88 -19.00
CA GLY C 443 -15.01 -16.33 -19.22
C GLY C 443 -15.63 -16.55 -20.56
N ALA C 444 -16.21 -15.51 -21.12
CA ALA C 444 -16.81 -15.58 -22.46
C ALA C 444 -15.70 -15.71 -23.49
N THR C 445 -14.51 -15.24 -23.15
CA THR C 445 -13.37 -15.42 -24.06
C THR C 445 -13.05 -16.91 -24.09
N ALA C 446 -13.27 -17.59 -22.98
CA ALA C 446 -12.91 -19.03 -22.90
C ALA C 446 -14.00 -19.85 -23.55
N ALA C 447 -15.24 -19.39 -23.44
CA ALA C 447 -16.36 -20.09 -24.10
C ALA C 447 -16.15 -20.03 -25.61
N SER C 448 -15.68 -18.89 -26.11
CA SER C 448 -15.47 -18.71 -27.56
C SER C 448 -14.37 -19.63 -28.04
N VAL C 449 -13.28 -19.75 -27.29
CA VAL C 449 -12.13 -20.57 -27.76
C VAL C 449 -12.53 -22.03 -27.71
N TRP C 450 -13.19 -22.46 -26.65
CA TRP C 450 -13.60 -23.87 -26.47
C TRP C 450 -14.57 -24.27 -27.58
N ALA C 451 -15.46 -23.37 -27.98
CA ALA C 451 -16.47 -23.65 -29.01
C ALA C 451 -15.75 -23.90 -30.30
N ALA C 452 -14.78 -23.05 -30.60
CA ALA C 452 -13.98 -23.24 -31.82
C ALA C 452 -13.22 -24.55 -31.75
N HIS C 453 -12.61 -24.85 -30.61
CA HIS C 453 -11.76 -26.06 -30.49
C HIS C 453 -12.64 -27.30 -30.56
N HIS C 454 -13.91 -27.18 -30.21
CA HIS C 454 -14.76 -28.37 -30.11
C HIS C 454 -15.63 -28.56 -31.36
N VAL C 455 -15.84 -27.50 -32.14
CA VAL C 455 -16.53 -27.63 -33.44
C VAL C 455 -15.43 -27.94 -34.44
N LEU C 456 -14.31 -27.24 -34.30
CA LEU C 456 -13.15 -27.47 -35.18
C LEU C 456 -12.05 -28.13 -34.34
N PRO C 457 -11.89 -29.48 -34.30
CA PRO C 457 -10.79 -30.10 -33.56
C PRO C 457 -9.46 -29.50 -33.98
N LEU C 458 -8.53 -29.45 -33.04
CA LEU C 458 -7.23 -28.84 -33.30
C LEU C 458 -6.30 -29.78 -34.05
N ASN C 459 -6.82 -30.47 -35.06
CA ASN C 459 -6.03 -31.36 -35.89
C ASN C 459 -6.53 -31.22 -37.32
N VAL C 460 -6.22 -32.22 -38.15
CA VAL C 460 -6.56 -32.16 -39.56
C VAL C 460 -8.06 -32.36 -39.81
N ALA C 461 -8.81 -32.73 -38.78
CA ALA C 461 -10.26 -32.92 -38.88
C ALA C 461 -11.04 -31.63 -38.62
N GLY C 462 -10.37 -30.55 -38.24
CA GLY C 462 -11.04 -29.28 -38.03
C GLY C 462 -10.19 -28.13 -38.51
N TYR C 463 -9.41 -27.54 -37.61
CA TYR C 463 -8.60 -26.37 -38.00
C TYR C 463 -7.68 -26.69 -39.17
N GLY C 464 -7.38 -27.97 -39.40
CA GLY C 464 -6.60 -28.33 -40.56
C GLY C 464 -7.19 -27.82 -41.87
N LYS C 465 -8.51 -28.03 -42.07
CA LYS C 465 -9.09 -27.58 -43.33
C LYS C 465 -9.03 -26.07 -43.44
N LEU C 466 -9.20 -25.40 -42.31
CA LEU C 466 -9.24 -23.93 -42.32
C LEU C 466 -7.86 -23.36 -42.60
N ILE C 467 -6.85 -23.82 -41.86
CA ILE C 467 -5.49 -23.38 -42.16
C ILE C 467 -5.15 -23.72 -43.60
N GLY C 468 -5.59 -24.89 -44.06
CA GLY C 468 -5.35 -25.28 -45.44
C GLY C 468 -6.04 -24.38 -46.45
N ALA C 469 -7.24 -23.89 -46.13
CA ALA C 469 -7.96 -23.06 -47.09
C ALA C 469 -7.33 -21.70 -47.25
N SER C 470 -6.76 -21.15 -46.18
CA SER C 470 -6.07 -19.87 -46.33
C SER C 470 -4.72 -20.05 -47.01
N ILE C 471 -4.03 -21.16 -46.72
CA ILE C 471 -2.73 -21.36 -47.34
C ILE C 471 -2.88 -21.51 -48.85
N GLU C 472 -3.77 -22.41 -49.27
CA GLU C 472 -3.99 -22.60 -50.70
C GLU C 472 -4.46 -21.32 -51.36
N GLY C 473 -5.22 -20.49 -50.63
CA GLY C 473 -5.64 -19.21 -51.17
C GLY C 473 -4.51 -18.23 -51.30
N SER C 474 -3.52 -18.32 -50.41
CA SER C 474 -2.32 -17.51 -50.56
C SER C 474 -1.52 -17.97 -51.78
N HIS C 475 -1.51 -19.27 -52.05
CA HIS C 475 -0.76 -19.78 -53.19
C HIS C 475 -1.43 -19.40 -54.50
N HIS C 476 -2.76 -19.35 -54.53
CA HIS C 476 -3.43 -18.82 -55.71
C HIS C 476 -3.17 -17.33 -55.87
N PHE C 477 -3.10 -16.59 -54.76
CA PHE C 477 -2.74 -15.19 -54.82
C PHE C 477 -1.29 -15.02 -55.27
N TYR C 478 -0.39 -15.85 -54.76
CA TYR C 478 1.05 -15.78 -55.16
C TYR C 478 1.17 -15.90 -56.67
N ASN C 479 0.55 -16.92 -57.24
CA ASN C 479 0.64 -17.17 -58.70
C ASN C 479 -0.01 -16.03 -59.49
N PHE C 480 -1.01 -15.37 -58.93
CA PHE C 480 -1.73 -14.29 -59.63
C PHE C 480 -0.83 -13.08 -59.72
N LEU C 481 -0.11 -12.77 -58.66
CA LEU C 481 0.73 -11.55 -58.65
C LEU C 481 1.94 -11.77 -59.53
N ASN C 482 2.53 -12.96 -59.47
CA ASN C 482 3.75 -13.25 -60.25
C ASN C 482 3.43 -13.15 -61.73
N ASP C 483 4.12 -12.27 -62.44
CA ASP C 483 3.91 -12.07 -63.89
C ASP C 483 2.56 -11.42 -64.18
N LEU C 484 2.13 -10.50 -63.32
CA LEU C 484 0.89 -9.73 -63.60
C LEU C 484 1.33 -8.32 -63.98
N THR C 485 0.98 -7.88 -65.18
CA THR C 485 1.45 -6.57 -65.67
C THR C 485 0.28 -5.62 -65.80
N PHE C 486 0.55 -4.31 -65.75
CA PHE C 486 -0.52 -3.29 -65.85
C PHE C 486 -0.18 -2.26 -66.93
N LYS C 487 -1.01 -2.14 -67.97
CA LYS C 487 -0.80 -1.15 -69.05
C LYS C 487 -1.40 0.18 -68.63
N VAL C 488 -0.62 1.02 -67.94
CA VAL C 488 -1.15 2.30 -67.42
C VAL C 488 -0.54 3.45 -68.23
N GLY C 489 -1.24 3.89 -69.30
CA GLY C 489 -0.81 5.04 -70.11
C GLY C 489 0.63 4.97 -70.61
N ASP C 490 1.01 3.91 -71.32
CA ASP C 490 2.36 3.79 -71.94
C ASP C 490 3.44 3.61 -70.87
N LYS C 491 3.04 3.45 -69.61
CA LYS C 491 4.02 3.15 -68.54
C LYS C 491 3.69 1.71 -68.12
N GLU C 492 4.58 0.76 -68.41
CA GLU C 492 4.29 -0.66 -68.10
C GLU C 492 4.75 -0.97 -66.67
N ILE C 493 3.81 -1.12 -65.74
CA ILE C 493 4.15 -1.36 -64.31
C ILE C 493 3.80 -2.82 -63.97
N GLU C 494 4.70 -3.54 -63.32
CA GLU C 494 4.45 -4.98 -63.08
C GLU C 494 4.46 -5.28 -61.58
N VAL C 495 3.94 -6.45 -61.20
CA VAL C 495 3.92 -6.86 -59.76
C VAL C 495 5.04 -7.88 -59.53
N HIS C 496 5.76 -7.73 -58.42
CA HIS C 496 6.83 -8.69 -58.07
C HIS C 496 6.65 -9.19 -56.64
N THR C 497 6.79 -10.50 -56.44
CA THR C 497 6.59 -11.10 -55.11
C THR C 497 7.91 -11.09 -54.36
N LEU C 498 7.88 -10.71 -53.08
CA LEU C 498 9.09 -10.61 -52.27
C LEU C 498 9.74 -11.98 -52.08
N THR C 499 9.03 -12.92 -51.47
CA THR C 499 9.59 -14.26 -51.20
C THR C 499 8.52 -15.31 -51.37
N HIS C 500 8.89 -16.59 -51.34
CA HIS C 500 7.91 -17.68 -51.42
C HIS C 500 7.16 -17.72 -50.10
N PRO C 501 5.82 -17.85 -50.10
CA PRO C 501 5.08 -17.81 -48.86
C PRO C 501 5.43 -19.04 -48.02
N ASP C 502 5.77 -18.83 -46.75
CA ASP C 502 6.10 -19.94 -45.83
C ASP C 502 4.84 -20.31 -45.05
N PHE C 503 3.85 -19.41 -45.01
CA PHE C 503 2.55 -19.73 -44.38
C PHE C 503 1.48 -19.24 -45.34
N ASN C 504 0.79 -18.16 -45.00
CA ASN C 504 -0.31 -17.66 -45.80
C ASN C 504 -0.19 -16.16 -46.07
N MET C 505 0.99 -15.58 -45.88
CA MET C 505 1.20 -14.15 -46.06
C MET C 505 2.03 -13.92 -47.32
N VAL C 506 1.49 -13.13 -48.23
CA VAL C 506 2.11 -12.85 -49.53
C VAL C 506 2.41 -11.37 -49.60
N ASP C 507 3.70 -11.02 -49.66
CA ASP C 507 4.13 -9.64 -49.81
C ASP C 507 4.45 -9.37 -51.28
N TYR C 508 4.20 -8.13 -51.71
CA TYR C 508 4.38 -7.81 -53.12
C TYR C 508 4.63 -6.32 -53.30
N VAL C 509 5.19 -5.97 -54.47
CA VAL C 509 5.55 -4.62 -54.83
C VAL C 509 5.16 -4.37 -56.29
N PHE C 510 5.08 -3.09 -56.67
CA PHE C 510 4.78 -2.73 -58.07
C PHE C 510 5.96 -1.89 -58.52
N ASP C 516 14.49 1.07 -62.26
CA ASP C 516 14.61 2.54 -62.08
C ASP C 516 15.19 2.86 -60.70
N ASP C 517 14.62 3.85 -60.02
CA ASP C 517 15.13 4.28 -58.70
C ASP C 517 14.08 4.00 -57.63
N LEU C 518 14.46 4.13 -56.36
CA LEU C 518 13.53 3.85 -55.25
C LEU C 518 12.51 4.98 -55.06
N VAL C 519 11.64 5.20 -56.04
CA VAL C 519 10.51 6.15 -55.87
C VAL C 519 9.38 5.24 -55.40
N ALA C 520 9.70 3.97 -55.20
CA ALA C 520 8.72 2.99 -54.74
C ALA C 520 8.85 2.86 -53.21
N HIS C 526 3.50 1.37 -53.12
CA HIS C 526 3.65 2.84 -53.32
C HIS C 526 2.60 3.57 -52.48
N ASP C 527 1.87 4.49 -53.11
CA ASP C 527 0.73 5.17 -52.45
C ASP C 527 -0.47 4.34 -52.86
N VAL C 528 -0.22 3.13 -53.37
CA VAL C 528 -1.31 2.17 -53.73
C VAL C 528 -1.94 1.81 -52.40
N TYR C 529 -1.15 1.72 -51.34
CA TYR C 529 -1.76 1.48 -50.01
C TYR C 529 -2.81 2.55 -49.77
N ASP C 530 -2.45 3.81 -49.96
CA ASP C 530 -3.39 4.92 -49.68
C ASP C 530 -4.71 4.62 -50.36
N TYR C 531 -4.66 4.34 -51.66
CA TYR C 531 -5.91 4.14 -52.41
C TYR C 531 -6.55 2.80 -52.03
N ALA C 532 -5.75 1.89 -51.46
CA ALA C 532 -6.28 0.57 -51.07
C ALA C 532 -6.39 0.53 -49.54
N SER C 533 -6.94 1.59 -48.96
CA SER C 533 -7.08 1.69 -47.49
C SER C 533 -8.13 2.73 -47.16
N TYR C 534 -8.07 3.28 -45.95
CA TYR C 534 -9.04 4.30 -45.50
C TYR C 534 -8.52 5.66 -45.92
N VAL C 535 -7.22 5.78 -46.10
CA VAL C 535 -6.62 7.10 -46.41
C VAL C 535 -7.38 7.76 -47.56
N LYS C 536 -7.46 7.10 -48.71
CA LYS C 536 -8.08 7.76 -49.87
C LYS C 536 -9.50 7.26 -50.13
N GLY C 537 -10.52 8.09 -49.90
CA GLY C 537 -11.91 7.74 -50.23
C GLY C 537 -12.67 7.03 -49.13
N ASN C 538 -13.90 6.64 -49.43
CA ASN C 538 -14.71 5.84 -48.46
C ASN C 538 -14.29 4.37 -48.58
N ILE C 539 -14.20 3.65 -47.45
CA ILE C 539 -13.71 2.25 -47.45
C ILE C 539 -14.89 1.34 -47.80
N TYR C 540 -16.10 1.87 -47.74
CA TYR C 540 -17.30 1.09 -48.13
C TYR C 540 -17.40 1.07 -49.66
N ASN C 541 -16.56 1.83 -50.35
CA ASN C 541 -16.52 1.78 -51.82
C ASN C 541 -15.15 1.32 -52.32
N ASN C 542 -14.29 0.82 -51.43
CA ASN C 542 -12.92 0.46 -51.88
C ASN C 542 -12.93 -0.98 -52.41
N GLU C 543 -12.56 -1.18 -53.67
CA GLU C 543 -12.65 -2.50 -54.31
C GLU C 543 -11.44 -3.37 -54.02
N PHE C 544 -10.42 -2.80 -53.38
CA PHE C 544 -9.23 -3.58 -52.99
C PHE C 544 -8.66 -2.96 -51.73
N ILE C 545 -8.51 -3.73 -50.67
CA ILE C 545 -7.84 -3.20 -49.47
C ILE C 545 -6.62 -4.11 -49.26
N THR C 546 -5.46 -3.52 -48.99
CA THR C 546 -4.23 -4.30 -48.73
C THR C 546 -3.54 -3.72 -47.51
N SER C 547 -2.30 -4.15 -47.24
CA SER C 547 -1.52 -3.60 -46.12
C SER C 547 -0.14 -3.21 -46.65
N HIS C 548 0.59 -2.36 -45.92
CA HIS C 548 1.95 -1.99 -46.29
C HIS C 548 2.84 -2.05 -45.06
N THR C 549 4.14 -2.21 -45.33
CA THR C 549 5.19 -2.17 -44.32
C THR C 549 6.45 -1.66 -45.00
N ASP C 550 7.37 -1.14 -44.21
CA ASP C 550 8.62 -0.60 -44.72
C ASP C 550 9.77 -1.46 -44.23
N PHE C 551 10.45 -2.15 -45.16
CA PHE C 551 11.64 -2.92 -44.84
C PHE C 551 12.85 -1.97 -44.85
N ALA C 552 13.38 -1.64 -43.67
CA ALA C 552 14.42 -0.62 -43.53
C ALA C 552 15.70 -1.22 -42.95
N ILE C 553 16.85 -0.75 -43.43
CA ILE C 553 18.13 -1.29 -43.00
C ILE C 553 18.28 -1.31 -41.49
N PRO C 554 17.87 -0.27 -40.74
CA PRO C 554 18.02 -0.32 -39.29
C PRO C 554 17.39 -1.56 -38.66
N ASP C 555 16.43 -2.17 -39.36
CA ASP C 555 15.67 -3.29 -38.81
C ASP C 555 15.88 -4.61 -39.54
N TYR C 556 16.31 -4.59 -40.80
CA TYR C 556 16.52 -5.81 -41.56
C TYR C 556 17.93 -5.97 -42.09
N GLY C 557 18.74 -4.91 -42.07
CA GLY C 557 20.06 -5.03 -42.65
C GLY C 557 19.92 -5.11 -44.15
N ASN C 558 20.80 -5.90 -44.77
CA ASN C 558 20.72 -6.15 -46.20
C ASN C 558 20.00 -7.45 -46.51
N SER C 559 19.12 -7.89 -45.61
CA SER C 559 18.31 -9.06 -45.90
C SER C 559 17.40 -8.85 -47.10
N PRO C 560 16.77 -7.67 -47.35
CA PRO C 560 15.98 -7.48 -48.56
C PRO C 560 16.80 -7.01 -49.76
N LEU C 561 18.09 -7.34 -49.81
CA LEU C 561 18.93 -6.81 -50.91
C LEU C 561 18.97 -7.77 -52.10
N LYS C 562 18.99 -9.08 -51.86
CA LYS C 562 18.92 -10.02 -53.00
C LYS C 562 17.65 -9.69 -53.80
N PHE C 563 16.55 -9.43 -53.10
CA PHE C 563 15.28 -9.09 -53.78
C PHE C 563 15.48 -7.80 -54.54
N VAL C 564 16.09 -6.81 -53.88
CA VAL C 564 16.32 -5.49 -54.53
C VAL C 564 17.25 -5.68 -55.72
N ASN C 565 18.24 -6.56 -55.63
CA ASN C 565 19.21 -6.72 -56.73
C ASN C 565 18.50 -7.40 -57.89
N SER C 566 17.50 -8.23 -57.58
CA SER C 566 16.78 -9.00 -58.63
C SER C 566 15.82 -8.06 -59.34
N LEU C 567 15.63 -6.88 -58.77
CA LEU C 567 14.78 -5.87 -59.41
C LEU C 567 15.73 -4.88 -60.09
N GLY C 568 17.02 -5.23 -60.16
CA GLY C 568 18.02 -4.36 -60.81
C GLY C 568 18.36 -3.17 -59.95
N PHE C 569 18.13 -3.27 -58.66
CA PHE C 569 18.37 -2.08 -57.79
C PHE C 569 19.81 -2.15 -57.34
N SER C 570 20.51 -1.04 -57.47
CA SER C 570 21.95 -1.04 -57.14
C SER C 570 22.13 -1.24 -55.66
N ASP C 571 23.28 -1.78 -55.25
CA ASP C 571 23.53 -1.87 -53.79
C ASP C 571 23.57 -0.42 -53.30
N GLU C 572 23.99 0.49 -54.19
CA GLU C 572 24.04 1.94 -53.86
C GLU C 572 22.62 2.41 -53.60
N GLU C 573 21.69 2.04 -54.47
CA GLU C 573 20.31 2.53 -54.30
C GLU C 573 19.76 1.97 -52.99
N TRP C 574 20.09 0.73 -52.67
CA TRP C 574 19.64 0.11 -51.40
C TRP C 574 20.07 1.00 -50.24
N ASN C 575 21.18 1.71 -50.39
CA ASN C 575 21.72 2.48 -49.25
C ASN C 575 21.27 3.95 -49.29
N ARG C 576 20.97 4.49 -50.47
CA ARG C 576 20.44 5.88 -50.50
C ARG C 576 19.05 5.89 -49.90
N ALA C 577 18.19 4.97 -50.35
CA ALA C 577 16.80 4.90 -49.85
C ALA C 577 16.79 4.46 -48.40
N GLY C 578 17.56 3.42 -48.09
CA GLY C 578 17.57 2.89 -46.72
C GLY C 578 16.43 1.93 -46.48
N LYS C 579 15.58 1.74 -47.48
CA LYS C 579 14.37 0.92 -47.27
C LYS C 579 13.74 0.43 -48.56
N VAL C 580 12.97 -0.67 -48.49
CA VAL C 580 12.14 -1.11 -49.64
C VAL C 580 10.72 -1.19 -49.06
N THR C 581 9.74 -0.54 -49.67
CA THR C 581 8.37 -0.54 -49.08
C THR C 581 7.55 -1.56 -49.84
N VAL C 582 7.03 -2.58 -49.14
CA VAL C 582 6.31 -3.66 -49.81
C VAL C 582 4.85 -3.68 -49.39
N LEU C 583 4.03 -4.33 -50.22
CA LEU C 583 2.62 -4.57 -49.93
C LEU C 583 2.41 -5.93 -49.30
N ARG C 584 1.55 -5.96 -48.27
CA ARG C 584 1.32 -7.13 -47.43
C ARG C 584 -0.10 -7.66 -47.62
N ALA C 585 -0.23 -8.98 -47.67
CA ALA C 585 -1.54 -9.63 -47.85
C ALA C 585 -1.54 -10.91 -47.02
N ALA C 586 -2.07 -10.82 -45.79
CA ALA C 586 -2.28 -11.99 -44.95
C ALA C 586 -3.55 -12.69 -45.42
N VAL C 587 -3.39 -13.76 -46.21
CA VAL C 587 -4.55 -14.41 -46.82
C VAL C 587 -5.19 -15.30 -45.76
N MET C 588 -6.14 -14.75 -45.01
CA MET C 588 -6.89 -15.51 -44.04
C MET C 588 -8.32 -15.78 -44.48
N THR C 589 -8.69 -15.34 -45.68
CA THR C 589 -10.00 -15.68 -46.22
C THR C 589 -10.11 -17.19 -46.38
N PRO C 590 -11.23 -17.79 -45.99
CA PRO C 590 -11.43 -19.23 -46.21
C PRO C 590 -12.06 -19.58 -47.54
N TYR C 591 -12.31 -18.60 -48.41
CA TYR C 591 -13.10 -18.82 -49.62
C TYR C 591 -12.29 -18.90 -50.90
N MET C 592 -10.96 -18.81 -50.83
CA MET C 592 -10.16 -18.71 -52.05
C MET C 592 -9.30 -19.96 -52.26
N ASN C 593 -9.62 -21.06 -51.58
CA ASN C 593 -8.86 -22.28 -51.76
C ASN C 593 -9.22 -22.98 -53.06
N ASP C 594 -10.44 -22.79 -53.55
CA ASP C 594 -10.86 -23.34 -54.84
C ASP C 594 -10.45 -22.39 -55.95
N LYS C 595 -9.70 -22.90 -56.94
CA LYS C 595 -9.21 -22.03 -58.00
C LYS C 595 -10.36 -21.44 -58.82
N GLU C 596 -11.48 -22.14 -58.90
CA GLU C 596 -12.59 -21.65 -59.71
C GLU C 596 -13.17 -20.36 -59.14
N GLU C 597 -13.25 -20.26 -57.81
CA GLU C 597 -13.78 -19.06 -57.18
C GLU C 597 -12.74 -17.94 -57.12
N PHE C 598 -11.46 -18.29 -56.97
CA PHE C 598 -10.43 -17.26 -57.07
C PHE C 598 -10.42 -16.65 -58.47
N ASP C 599 -10.60 -17.49 -59.49
CA ASP C 599 -10.68 -16.97 -60.85
C ASP C 599 -11.88 -16.06 -61.04
N VAL C 600 -12.77 -15.99 -60.07
CA VAL C 600 -13.90 -15.09 -60.11
C VAL C 600 -13.52 -13.71 -59.55
N TYR C 601 -12.66 -13.66 -58.55
CA TYR C 601 -12.21 -12.41 -57.98
C TYR C 601 -10.92 -11.90 -58.61
N ALA C 602 -10.21 -12.74 -59.36
CA ALA C 602 -9.01 -12.27 -60.05
C ALA C 602 -9.31 -11.08 -60.95
N PRO C 603 -10.27 -11.14 -61.86
CA PRO C 603 -10.59 -9.93 -62.65
C PRO C 603 -11.08 -8.79 -61.80
N LYS C 604 -11.70 -9.06 -60.65
CA LYS C 604 -12.19 -8.00 -59.79
C LYS C 604 -11.04 -7.31 -59.07
N ILE C 605 -9.98 -8.06 -58.77
CA ILE C 605 -8.80 -7.45 -58.18
C ILE C 605 -8.02 -6.66 -59.23
N GLN C 606 -7.87 -7.22 -60.42
CA GLN C 606 -7.11 -6.54 -61.46
C GLN C 606 -7.81 -5.26 -61.89
N ALA C 607 -9.13 -5.30 -62.05
CA ALA C 607 -9.87 -4.12 -62.50
C ALA C 607 -9.80 -3.01 -61.46
N ALA C 608 -9.67 -3.38 -60.17
CA ALA C 608 -9.55 -2.37 -59.12
C ALA C 608 -8.14 -1.81 -59.06
N LEU C 609 -7.12 -2.67 -59.21
CA LEU C 609 -5.73 -2.19 -59.25
C LEU C 609 -5.46 -1.37 -60.51
N GLN C 610 -6.11 -1.72 -61.63
CA GLN C 610 -6.00 -0.91 -62.83
C GLN C 610 -6.50 0.50 -62.56
N GLU C 611 -7.76 0.61 -62.13
CA GLU C 611 -8.34 1.90 -61.78
C GLU C 611 -7.51 2.64 -60.72
N LYS C 612 -6.90 1.91 -59.78
CA LYS C 612 -6.08 2.58 -58.78
C LYS C 612 -4.71 3.00 -59.32
N LEU C 613 -4.10 2.19 -60.20
CA LEU C 613 -2.85 2.60 -60.81
C LEU C 613 -3.03 3.74 -61.79
N GLU C 614 -3.93 3.59 -62.74
CA GLU C 614 -4.25 4.73 -63.61
C GLU C 614 -5.13 5.65 -62.79
N GLN C 615 -4.50 6.57 -62.08
CA GLN C 615 -5.23 7.56 -61.33
C GLN C 615 -5.24 8.88 -62.06
N ILE C 616 -4.54 8.94 -63.19
CA ILE C 616 -4.56 10.03 -64.14
C ILE C 616 -4.74 9.51 -65.57
#